data_3WCM
#
_entry.id   3WCM
#
_cell.length_a   85.62
_cell.length_b   153.45
_cell.length_c   92.12
_cell.angle_alpha   90.00
_cell.angle_beta   90.86
_cell.angle_gamma   90.00
#
_symmetry.space_group_name_H-M   'P 1 21 1'
#
loop_
_entity.id
_entity.type
_entity.pdbx_description
1 polymer 'Squalene synthase'
2 non-polymer (3R)-3-{[2-benzyl-6-(3-methoxypropoxy)pyridin-3-yl]ethynyl}-1-azabicyclo[2.2.2]octan-3-ol
3 water water
#
_entity_poly.entity_id   1
_entity_poly.type   'polypeptide(L)'
_entity_poly.pdbx_seq_one_letter_code
;MGSSHHHHHHSSGLVPRGSHMDQDSLSSSLKTCYKYLNQTSRSFAAVIQALDGEMRNAVCIFYLVLRALDTLEDDMTISV
EKKVPLLHNFHSFLYQPDWRFMESKEKDRQVLEDFPTISLEFRNLAEKYQTVIADICRRMGIGMAEFLDKHVTSEQEWDK
YCHYVAGLVGIGLSRLFSASEFEDPLVGEDTERANSMGLFLQKTNIIRDYLEDQQGGREFWPQEVWSRYVKKLGDFALPE
NIDLAVQCLNELITNALHHIPDVITYLSRLRNQSVFNFCAIPQVMAIATLAACYNNQQVFKGAVLIRLGQAVTLMMDATN
MPAVKAIIYQYMEEIYHRIPDSNPSSSKTRQIISTIRTQN
;
_entity_poly.pdbx_strand_id   A,B,C,D,E,F
#
loop_
_chem_comp.id
_chem_comp.type
_chem_comp.name
_chem_comp.formula
ER4 non-polymer (3R)-3-{[2-benzyl-6-(3-methoxypropoxy)pyridin-3-yl]ethynyl}-1-azabicyclo[2.2.2]octan-3-ol 'C25 H30 N2 O3'
#
# COMPACT_ATOMS: atom_id res chain seq x y z
N LEU A 26 5.51 -8.51 33.87
CA LEU A 26 6.83 -9.01 33.36
C LEU A 26 7.94 -8.63 34.33
N SER A 27 8.89 -7.85 33.84
CA SER A 27 10.02 -7.39 34.63
C SER A 27 9.54 -6.44 35.72
N SER A 28 10.09 -6.59 36.92
CA SER A 28 9.73 -5.74 38.05
C SER A 28 10.09 -4.28 37.74
N SER A 29 11.30 -4.07 37.24
CA SER A 29 11.77 -2.74 36.92
C SER A 29 10.99 -2.11 35.78
N LEU A 30 10.60 -2.92 34.79
CA LEU A 30 9.84 -2.40 33.66
C LEU A 30 8.45 -1.98 34.14
N LYS A 31 7.84 -2.78 35.01
CA LYS A 31 6.53 -2.41 35.53
C LYS A 31 6.64 -1.04 36.19
N THR A 32 7.72 -0.84 36.94
CA THR A 32 7.95 0.41 37.64
C THR A 32 8.09 1.58 36.67
N CYS A 33 8.78 1.36 35.56
CA CYS A 33 8.96 2.40 34.55
C CYS A 33 7.60 2.85 34.01
N TYR A 34 6.72 1.89 33.71
CA TYR A 34 5.41 2.25 33.21
C TYR A 34 4.59 2.91 34.30
N LYS A 35 4.89 2.59 35.55
CA LYS A 35 4.19 3.23 36.66
C LYS A 35 4.60 4.70 36.61
N TYR A 36 5.91 4.95 36.49
CA TYR A 36 6.43 6.31 36.41
C TYR A 36 5.94 7.06 35.17
N LEU A 37 5.79 6.36 34.06
CA LEU A 37 5.32 7.01 32.83
C LEU A 37 3.95 7.63 33.07
N ASN A 38 3.06 6.85 33.67
CA ASN A 38 1.71 7.33 33.96
C ASN A 38 1.66 8.36 35.07
N GLN A 39 2.65 8.36 35.96
CA GLN A 39 2.68 9.36 37.04
C GLN A 39 3.10 10.72 36.48
N THR A 40 3.95 10.70 35.45
CA THR A 40 4.48 11.93 34.87
C THR A 40 3.95 12.32 33.50
N SER A 41 2.93 11.63 33.02
CA SER A 41 2.39 11.95 31.71
C SER A 41 0.88 11.79 31.67
N ARG A 42 0.18 12.88 31.37
CA ARG A 42 -1.27 12.85 31.28
C ARG A 42 -1.67 12.68 29.83
N SER A 43 -0.88 13.27 28.93
CA SER A 43 -1.20 13.23 27.51
C SER A 43 -0.37 12.37 26.55
N PHE A 44 0.62 11.64 27.04
CA PHE A 44 1.43 10.82 26.13
C PHE A 44 1.46 9.33 26.47
N ALA A 45 1.29 8.99 27.74
CA ALA A 45 1.34 7.60 28.19
C ALA A 45 0.51 6.62 27.37
N ALA A 46 -0.74 6.96 27.11
CA ALA A 46 -1.63 6.09 26.35
C ALA A 46 -1.16 5.83 24.92
N VAL A 47 -0.77 6.88 24.20
CA VAL A 47 -0.30 6.67 22.83
C VAL A 47 1.07 6.00 22.80
N ILE A 48 1.85 6.15 23.87
CA ILE A 48 3.16 5.49 23.92
C ILE A 48 2.94 4.00 24.14
N GLN A 49 2.08 3.67 25.09
CA GLN A 49 1.77 2.28 25.39
C GLN A 49 1.12 1.57 24.20
N ALA A 50 0.55 2.35 23.28
CA ALA A 50 -0.10 1.80 22.08
C ALA A 50 0.87 1.58 20.91
N LEU A 51 2.13 1.96 21.07
CA LEU A 51 3.13 1.77 20.01
C LEU A 51 3.46 0.30 19.80
N ASP A 52 3.68 -0.09 18.53
CA ASP A 52 4.02 -1.48 18.19
C ASP A 52 5.40 -1.94 18.64
N GLY A 53 5.51 -3.24 18.86
CA GLY A 53 6.75 -3.87 19.25
C GLY A 53 7.72 -3.13 20.15
N GLU A 54 8.98 -3.09 19.73
CA GLU A 54 10.04 -2.46 20.50
C GLU A 54 9.96 -0.96 20.69
N MET A 55 9.15 -0.28 19.87
CA MET A 55 9.04 1.18 20.02
C MET A 55 8.41 1.50 21.37
N ARG A 56 7.53 0.63 21.84
CA ARG A 56 6.84 0.83 23.12
C ARG A 56 7.83 1.11 24.25
N ASN A 57 8.66 0.14 24.60
CA ASN A 57 9.64 0.31 25.67
C ASN A 57 10.67 1.41 25.42
N ALA A 58 11.19 1.49 24.19
CA ALA A 58 12.18 2.50 23.85
C ALA A 58 11.65 3.92 24.03
N VAL A 59 10.40 4.14 23.62
CA VAL A 59 9.80 5.47 23.75
C VAL A 59 9.43 5.75 25.21
N CYS A 60 8.99 4.73 25.92
CA CYS A 60 8.67 4.89 27.34
C CYS A 60 9.92 5.35 28.07
N ILE A 61 11.03 4.64 27.84
CA ILE A 61 12.30 4.97 28.50
C ILE A 61 12.80 6.35 28.10
N PHE A 62 12.68 6.68 26.82
CA PHE A 62 13.10 7.98 26.32
C PHE A 62 12.33 9.06 27.07
N TYR A 63 11.03 8.84 27.26
CA TYR A 63 10.22 9.83 27.95
C TYR A 63 10.72 10.03 29.38
N LEU A 64 10.93 8.93 30.09
CA LEU A 64 11.38 8.99 31.48
C LEU A 64 12.73 9.66 31.68
N VAL A 65 13.72 9.38 30.84
CA VAL A 65 15.01 10.01 31.03
C VAL A 65 14.92 11.49 30.71
N LEU A 66 14.05 11.85 29.77
CA LEU A 66 13.87 13.27 29.44
C LEU A 66 13.17 13.97 30.58
N ARG A 67 12.23 13.28 31.23
CA ARG A 67 11.51 13.84 32.37
C ARG A 67 12.53 14.16 33.48
N ALA A 68 13.46 13.24 33.68
CA ALA A 68 14.50 13.43 34.70
C ALA A 68 15.40 14.62 34.34
N LEU A 69 15.81 14.71 33.09
CA LEU A 69 16.67 15.80 32.65
C LEU A 69 15.95 17.14 32.82
N ASP A 70 14.66 17.15 32.47
CA ASP A 70 13.83 18.35 32.57
C ASP A 70 13.66 18.78 34.04
N THR A 71 13.52 17.81 34.93
CA THR A 71 13.36 18.10 36.35
C THR A 71 14.64 18.74 36.89
N LEU A 72 15.81 18.25 36.45
CA LEU A 72 17.08 18.83 36.89
C LEU A 72 17.17 20.28 36.41
N GLU A 73 16.81 20.52 35.15
CA GLU A 73 16.83 21.88 34.61
C GLU A 73 15.88 22.80 35.41
N ASP A 74 14.71 22.29 35.78
CA ASP A 74 13.70 23.08 36.51
C ASP A 74 14.06 23.47 37.94
N ASP A 75 14.66 22.53 38.66
CA ASP A 75 15.00 22.73 40.06
C ASP A 75 15.82 23.98 40.38
N MET A 76 15.15 25.00 40.89
CA MET A 76 15.83 26.24 41.23
C MET A 76 16.64 26.17 42.51
N THR A 77 16.58 25.04 43.22
CA THR A 77 17.34 24.87 44.44
C THR A 77 18.73 24.31 44.14
N ILE A 78 18.98 24.03 42.86
CA ILE A 78 20.28 23.52 42.44
C ILE A 78 21.03 24.72 41.85
N SER A 79 22.15 25.10 42.46
CA SER A 79 22.92 26.24 41.97
C SER A 79 23.29 26.01 40.51
N VAL A 80 23.48 27.09 39.77
CA VAL A 80 23.85 26.98 38.37
C VAL A 80 25.17 26.23 38.18
N GLU A 81 26.15 26.48 39.06
CA GLU A 81 27.44 25.81 38.92
C GLU A 81 27.37 24.31 39.20
N LYS A 82 26.34 23.89 39.94
CA LYS A 82 26.16 22.47 40.21
C LYS A 82 25.32 21.88 39.08
N LYS A 83 24.40 22.68 38.57
CA LYS A 83 23.50 22.26 37.51
C LYS A 83 24.17 22.08 36.15
N VAL A 84 25.09 22.98 35.79
CA VAL A 84 25.76 22.85 34.50
C VAL A 84 26.37 21.46 34.28
N PRO A 85 27.15 20.94 35.25
CA PRO A 85 27.74 19.61 35.06
C PRO A 85 26.68 18.50 34.97
N LEU A 86 25.62 18.62 35.76
CA LEU A 86 24.54 17.63 35.75
C LEU A 86 23.90 17.56 34.37
N LEU A 87 23.67 18.73 33.77
CA LEU A 87 23.07 18.77 32.44
C LEU A 87 24.04 18.24 31.40
N HIS A 88 25.28 18.71 31.45
CA HIS A 88 26.30 18.25 30.49
C HIS A 88 26.56 16.77 30.57
N ASN A 89 26.62 16.25 31.79
CA ASN A 89 26.93 14.84 31.98
C ASN A 89 25.77 13.87 32.12
N PHE A 90 24.54 14.38 32.12
CA PHE A 90 23.37 13.52 32.26
C PHE A 90 23.44 12.28 31.36
N HIS A 91 23.76 12.48 30.10
CA HIS A 91 23.83 11.34 29.17
C HIS A 91 24.75 10.22 29.65
N SER A 92 25.83 10.58 30.36
CA SER A 92 26.75 9.56 30.86
C SER A 92 26.16 8.81 32.04
N PHE A 93 25.25 9.44 32.78
CA PHE A 93 24.64 8.79 33.93
C PHE A 93 23.81 7.58 33.53
N LEU A 94 23.37 7.56 32.27
CA LEU A 94 22.58 6.44 31.76
C LEU A 94 23.39 5.15 31.85
N TYR A 95 24.72 5.31 31.88
CA TYR A 95 25.62 4.15 31.94
C TYR A 95 26.25 3.96 33.31
N GLN A 96 25.70 4.63 34.32
CA GLN A 96 26.19 4.51 35.70
C GLN A 96 25.03 3.90 36.49
N PRO A 97 25.05 2.56 36.66
CA PRO A 97 24.03 1.78 37.38
C PRO A 97 23.56 2.33 38.71
N ASP A 98 24.46 2.94 39.48
CA ASP A 98 24.07 3.45 40.79
C ASP A 98 23.78 4.95 40.84
N TRP A 99 23.90 5.64 39.70
CA TRP A 99 23.65 7.07 39.73
C TRP A 99 22.20 7.42 40.03
N ARG A 100 22.01 8.38 40.92
CA ARG A 100 20.68 8.85 41.30
C ARG A 100 20.84 10.27 41.84
N PHE A 101 19.75 11.01 41.96
CA PHE A 101 19.83 12.37 42.49
C PHE A 101 18.78 12.49 43.58
N MET A 102 19.24 12.65 44.82
CA MET A 102 18.37 12.74 45.98
C MET A 102 18.08 14.14 46.51
N GLU A 103 18.64 15.18 45.90
CA GLU A 103 18.43 16.53 46.40
C GLU A 103 17.39 17.38 45.69
N SER A 104 16.45 16.75 44.99
CA SER A 104 15.45 17.53 44.28
C SER A 104 14.17 17.70 45.09
N LYS A 105 13.51 18.84 44.91
CA LYS A 105 12.25 19.12 45.61
C LYS A 105 11.13 19.25 44.58
N GLU A 106 11.42 18.92 43.33
CA GLU A 106 10.43 19.01 42.27
C GLU A 106 9.37 17.91 42.35
N LYS A 107 8.21 18.16 41.74
CA LYS A 107 7.09 17.23 41.78
C LYS A 107 7.33 15.86 41.16
N ASP A 108 8.24 15.76 40.18
CA ASP A 108 8.51 14.47 39.55
C ASP A 108 9.85 13.88 39.99
N ARG A 109 10.33 14.30 41.16
CA ARG A 109 11.62 13.83 41.67
C ARG A 109 11.81 12.33 41.81
N GLN A 110 10.72 11.57 41.86
CA GLN A 110 10.84 10.12 41.98
C GLN A 110 11.66 9.49 40.85
N VAL A 111 11.59 10.04 39.64
CA VAL A 111 12.36 9.45 38.54
C VAL A 111 13.86 9.69 38.73
N LEU A 112 14.22 10.72 39.49
CA LEU A 112 15.62 11.01 39.78
C LEU A 112 16.13 10.18 40.97
N GLU A 113 15.28 10.00 41.97
CA GLU A 113 15.67 9.25 43.15
C GLU A 113 15.73 7.74 42.84
N ASP A 114 14.94 7.30 41.88
CA ASP A 114 14.95 5.88 41.49
C ASP A 114 15.45 5.77 40.06
N PHE A 115 16.39 6.63 39.69
CA PHE A 115 16.95 6.61 38.34
C PHE A 115 17.62 5.27 37.99
N PRO A 116 18.21 4.58 38.99
CA PRO A 116 18.86 3.29 38.66
C PRO A 116 17.89 2.29 38.02
N THR A 117 16.62 2.36 38.42
CA THR A 117 15.62 1.45 37.88
C THR A 117 15.40 1.80 36.40
N ILE A 118 15.36 3.10 36.11
CA ILE A 118 15.16 3.56 34.74
C ILE A 118 16.40 3.33 33.85
N SER A 119 17.59 3.59 34.38
CA SER A 119 18.79 3.41 33.58
C SER A 119 19.00 1.93 33.28
N LEU A 120 18.59 1.08 34.22
CA LEU A 120 18.69 -0.37 34.04
C LEU A 120 17.90 -0.78 32.80
N GLU A 121 16.64 -0.34 32.71
CA GLU A 121 15.80 -0.67 31.57
C GLU A 121 16.33 -0.01 30.30
N PHE A 122 16.98 1.14 30.46
CA PHE A 122 17.58 1.84 29.33
C PHE A 122 18.67 0.94 28.75
N ARG A 123 19.47 0.36 29.65
CA ARG A 123 20.56 -0.50 29.22
C ARG A 123 20.06 -1.85 28.69
N ASN A 124 18.77 -2.13 28.90
CA ASN A 124 18.17 -3.35 28.38
C ASN A 124 17.65 -3.15 26.95
N LEU A 125 17.57 -1.89 26.53
CA LEU A 125 17.11 -1.58 25.18
C LEU A 125 18.17 -2.01 24.17
N ALA A 126 17.75 -2.27 22.94
CA ALA A 126 18.70 -2.64 21.90
C ALA A 126 19.65 -1.45 21.77
N GLU A 127 20.89 -1.71 21.39
CA GLU A 127 21.90 -0.68 21.24
C GLU A 127 21.49 0.43 20.28
N LYS A 128 20.78 0.09 19.21
CA LYS A 128 20.35 1.09 18.25
C LYS A 128 19.46 2.15 18.89
N TYR A 129 18.66 1.77 19.88
CA TYR A 129 17.81 2.76 20.54
C TYR A 129 18.64 3.54 21.56
N GLN A 130 19.52 2.84 22.26
CA GLN A 130 20.39 3.47 23.27
C GLN A 130 21.19 4.61 22.66
N THR A 131 21.78 4.36 21.51
CA THR A 131 22.60 5.35 20.83
C THR A 131 21.82 6.62 20.51
N VAL A 132 20.59 6.47 20.02
CA VAL A 132 19.78 7.64 19.70
C VAL A 132 19.43 8.43 20.96
N ILE A 133 18.94 7.73 21.98
CA ILE A 133 18.57 8.38 23.24
C ILE A 133 19.73 9.09 23.93
N ALA A 134 20.88 8.41 24.05
CA ALA A 134 22.03 9.02 24.70
C ALA A 134 22.49 10.26 23.96
N ASP A 135 22.47 10.20 22.62
CA ASP A 135 22.88 11.32 21.78
C ASP A 135 21.97 12.54 21.99
N ILE A 136 20.67 12.30 22.04
CA ILE A 136 19.72 13.40 22.23
C ILE A 136 19.90 13.98 23.64
N CYS A 137 20.09 13.13 24.64
CA CYS A 137 20.30 13.61 26.01
C CYS A 137 21.56 14.47 26.09
N ARG A 138 22.62 14.03 25.42
CA ARG A 138 23.88 14.75 25.43
C ARG A 138 23.69 16.15 24.84
N ARG A 139 23.07 16.21 23.67
CA ARG A 139 22.86 17.49 22.99
C ARG A 139 21.87 18.39 23.72
N MET A 140 20.82 17.81 24.30
CA MET A 140 19.84 18.59 25.03
C MET A 140 20.48 19.18 26.28
N GLY A 141 21.30 18.39 26.94
CA GLY A 141 21.96 18.85 28.14
C GLY A 141 22.79 20.07 27.87
N ILE A 142 23.48 20.08 26.74
CA ILE A 142 24.30 21.23 26.38
C ILE A 142 23.43 22.47 26.17
N GLY A 143 22.33 22.28 25.45
CA GLY A 143 21.44 23.39 25.19
C GLY A 143 20.79 23.98 26.42
N MET A 144 20.32 23.12 27.33
CA MET A 144 19.67 23.59 28.54
C MET A 144 20.67 24.36 29.38
N ALA A 145 21.90 23.85 29.46
CA ALA A 145 22.95 24.49 30.22
C ALA A 145 23.24 25.87 29.66
N GLU A 146 23.24 25.98 28.33
CA GLU A 146 23.49 27.25 27.66
C GLU A 146 22.50 28.35 28.04
N PHE A 147 21.24 27.97 28.24
CA PHE A 147 20.19 28.96 28.56
C PHE A 147 19.91 29.19 30.04
N LEU A 148 20.66 28.52 30.91
CA LEU A 148 20.42 28.71 32.35
C LEU A 148 20.59 30.15 32.83
N ASP A 149 21.56 30.86 32.28
CA ASP A 149 21.82 32.23 32.73
C ASP A 149 21.20 33.32 31.85
N LYS A 150 20.31 32.95 30.94
CA LYS A 150 19.70 33.96 30.07
C LYS A 150 18.30 33.60 29.62
N HIS A 151 17.58 34.61 29.16
CA HIS A 151 16.22 34.43 28.68
C HIS A 151 16.22 34.52 27.17
N VAL A 152 15.19 33.98 26.55
CA VAL A 152 15.09 34.01 25.10
C VAL A 152 14.87 35.45 24.64
N THR A 153 15.74 35.92 23.75
CA THR A 153 15.63 37.27 23.24
C THR A 153 14.88 37.33 21.92
N SER A 154 15.58 37.02 20.83
CA SER A 154 15.01 37.06 19.50
C SER A 154 14.19 35.81 19.16
N GLU A 155 13.45 35.89 18.07
CA GLU A 155 12.65 34.76 17.62
C GLU A 155 13.58 33.64 17.18
N GLN A 156 14.78 33.99 16.70
CA GLN A 156 15.74 32.96 16.29
C GLN A 156 16.19 32.23 17.55
N GLU A 157 16.39 32.99 18.62
CA GLU A 157 16.78 32.43 19.91
C GLU A 157 15.65 31.53 20.42
N TRP A 158 14.42 31.93 20.11
CA TRP A 158 13.27 31.15 20.55
C TRP A 158 13.31 29.79 19.88
N ASP A 159 13.58 29.80 18.58
CA ASP A 159 13.67 28.56 17.81
C ASP A 159 14.79 27.67 18.33
N LYS A 160 15.89 28.29 18.78
CA LYS A 160 17.03 27.57 19.29
C LYS A 160 16.70 26.90 20.61
N TYR A 161 16.08 27.64 21.54
CA TYR A 161 15.73 27.06 22.82
C TYR A 161 14.72 25.93 22.61
N CYS A 162 13.72 26.16 21.75
CA CYS A 162 12.71 25.13 21.48
C CYS A 162 13.35 23.91 20.83
N HIS A 163 14.40 24.14 20.04
CA HIS A 163 15.11 23.04 19.39
C HIS A 163 15.72 22.16 20.48
N TYR A 164 16.36 22.80 21.46
CA TYR A 164 16.99 22.09 22.55
C TYR A 164 16.06 21.24 23.41
N VAL A 165 14.92 21.80 23.79
CA VAL A 165 13.99 21.08 24.66
C VAL A 165 12.89 20.27 23.99
N ALA A 166 12.66 20.52 22.70
CA ALA A 166 11.60 19.80 22.02
C ALA A 166 11.92 19.38 20.58
N GLY A 167 12.61 20.23 19.83
CA GLY A 167 12.97 19.87 18.47
C GLY A 167 13.81 18.60 18.48
N LEU A 168 14.80 18.55 19.35
CA LEU A 168 15.66 17.38 19.44
C LEU A 168 14.88 16.13 19.82
N VAL A 169 13.78 16.30 20.54
CA VAL A 169 12.97 15.16 20.93
C VAL A 169 12.25 14.61 19.70
N GLY A 170 11.78 15.52 18.84
CA GLY A 170 11.10 15.07 17.63
C GLY A 170 12.11 14.33 16.77
N ILE A 171 13.32 14.86 16.69
CA ILE A 171 14.38 14.23 15.92
C ILE A 171 14.71 12.86 16.51
N GLY A 172 14.86 12.78 17.83
CA GLY A 172 15.16 11.51 18.46
C GLY A 172 14.06 10.48 18.24
N LEU A 173 12.81 10.90 18.39
CA LEU A 173 11.69 10.00 18.19
C LEU A 173 11.66 9.47 16.76
N SER A 174 11.91 10.35 15.80
CA SER A 174 11.91 9.95 14.39
C SER A 174 12.99 8.90 14.14
N ARG A 175 14.15 9.07 14.75
CA ARG A 175 15.23 8.11 14.59
C ARG A 175 14.85 6.78 15.24
N LEU A 176 14.11 6.83 16.35
CA LEU A 176 13.68 5.60 17.00
C LEU A 176 12.69 4.86 16.09
N PHE A 177 11.80 5.60 15.43
CA PHE A 177 10.82 4.98 14.52
C PHE A 177 11.55 4.22 13.42
N SER A 178 12.49 4.88 12.76
CA SER A 178 13.24 4.23 11.67
C SER A 178 14.12 3.10 12.18
N ALA A 179 14.77 3.31 13.32
CA ALA A 179 15.64 2.27 13.89
C ALA A 179 14.87 0.97 14.09
N SER A 180 13.62 1.10 14.54
CA SER A 180 12.75 -0.05 14.79
C SER A 180 12.27 -0.73 13.50
N GLU A 181 12.44 -0.05 12.37
CA GLU A 181 12.02 -0.57 11.06
C GLU A 181 10.51 -0.45 10.85
N PHE A 182 9.77 0.05 11.86
CA PHE A 182 8.32 0.21 11.68
C PHE A 182 8.05 1.36 10.71
N GLU A 183 8.99 2.31 10.63
CA GLU A 183 8.86 3.42 9.70
C GLU A 183 10.05 3.38 8.74
N ASP A 184 9.82 3.90 7.54
CA ASP A 184 10.83 3.97 6.50
C ASP A 184 12.05 4.79 6.99
N PRO A 185 13.25 4.53 6.45
CA PRO A 185 14.45 5.27 6.86
C PRO A 185 14.32 6.78 6.60
N LEU A 186 13.50 7.13 5.62
CA LEU A 186 13.28 8.53 5.27
C LEU A 186 12.69 9.34 6.44
N VAL A 187 11.96 8.68 7.33
CA VAL A 187 11.36 9.38 8.47
C VAL A 187 12.46 9.92 9.40
N GLY A 188 13.35 9.05 9.86
CA GLY A 188 14.43 9.49 10.73
C GLY A 188 15.41 10.45 10.05
N GLU A 189 15.58 10.30 8.74
CA GLU A 189 16.49 11.16 8.00
C GLU A 189 16.03 12.62 7.90
N ASP A 190 14.72 12.85 7.96
CA ASP A 190 14.19 14.20 7.86
C ASP A 190 14.24 14.95 9.18
N THR A 191 15.44 15.39 9.56
CA THR A 191 15.63 16.09 10.82
C THR A 191 14.97 17.47 10.84
N GLU A 192 14.90 18.14 9.69
CA GLU A 192 14.29 19.47 9.63
C GLU A 192 12.82 19.46 10.06
N ARG A 193 12.02 18.59 9.44
CA ARG A 193 10.60 18.54 9.78
C ARG A 193 10.33 17.87 11.11
N ALA A 194 11.21 16.95 11.50
CA ALA A 194 11.05 16.29 12.79
C ALA A 194 11.23 17.41 13.82
N ASN A 195 12.21 18.29 13.57
CA ASN A 195 12.48 19.40 14.46
C ASN A 195 11.24 20.30 14.55
N SER A 196 10.60 20.54 13.41
CA SER A 196 9.40 21.40 13.39
C SER A 196 8.26 20.80 14.20
N MET A 197 8.16 19.47 14.21
CA MET A 197 7.12 18.78 14.98
C MET A 197 7.27 19.16 16.46
N GLY A 198 8.51 19.11 16.96
CA GLY A 198 8.76 19.45 18.34
C GLY A 198 8.58 20.93 18.65
N LEU A 199 9.08 21.78 17.76
CA LEU A 199 8.96 23.23 17.94
C LEU A 199 7.50 23.66 18.02
N PHE A 200 6.64 23.03 17.22
CA PHE A 200 5.24 23.40 17.22
C PHE A 200 4.58 23.09 18.57
N LEU A 201 4.83 21.90 19.10
CA LEU A 201 4.25 21.51 20.39
C LEU A 201 4.77 22.40 21.50
N GLN A 202 6.08 22.67 21.48
CA GLN A 202 6.71 23.49 22.50
C GLN A 202 6.25 24.95 22.51
N LYS A 203 6.18 25.56 21.33
CA LYS A 203 5.73 26.95 21.25
C LYS A 203 4.29 27.07 21.72
N THR A 204 3.47 26.09 21.34
CA THR A 204 2.06 26.09 21.72
C THR A 204 1.92 26.03 23.24
N ASN A 205 2.69 25.16 23.88
CA ASN A 205 2.62 25.06 25.32
C ASN A 205 3.13 26.33 25.97
N ILE A 206 4.20 26.89 25.42
CA ILE A 206 4.76 28.13 25.96
C ILE A 206 3.75 29.28 25.90
N ILE A 207 3.02 29.34 24.79
CA ILE A 207 2.02 30.37 24.58
C ILE A 207 0.89 30.20 25.59
N ARG A 208 0.32 28.99 25.63
CA ARG A 208 -0.78 28.67 26.52
C ARG A 208 -0.45 28.81 28.01
N ASP A 209 0.75 28.40 28.40
CA ASP A 209 1.16 28.45 29.80
C ASP A 209 1.75 29.77 30.29
N TYR A 210 1.47 30.87 29.60
CA TYR A 210 2.01 32.17 30.00
C TYR A 210 1.88 32.47 31.49
N LEU A 211 0.64 32.49 31.98
CA LEU A 211 0.38 32.80 33.38
C LEU A 211 1.04 31.82 34.33
N GLU A 212 0.89 30.54 34.06
CA GLU A 212 1.47 29.51 34.89
C GLU A 212 2.98 29.70 35.04
N ASP A 213 3.67 30.01 33.95
CA ASP A 213 5.11 30.20 34.00
C ASP A 213 5.50 31.52 34.68
N GLN A 214 4.72 32.56 34.44
CA GLN A 214 5.00 33.87 35.02
C GLN A 214 4.98 33.81 36.54
N GLN A 215 4.05 33.04 37.09
CA GLN A 215 3.92 32.89 38.54
C GLN A 215 4.94 31.91 39.08
N GLY A 216 5.63 31.23 38.17
CA GLY A 216 6.63 30.27 38.57
C GLY A 216 8.04 30.82 38.48
N GLY A 217 8.16 32.08 38.07
CA GLY A 217 9.46 32.69 37.95
C GLY A 217 10.17 32.37 36.64
N ARG A 218 9.49 31.67 35.74
CA ARG A 218 10.10 31.33 34.45
C ARG A 218 9.53 32.21 33.32
N GLU A 219 10.39 32.60 32.40
CA GLU A 219 10.00 33.43 31.25
C GLU A 219 10.42 32.72 29.98
N PHE A 220 9.46 32.46 29.09
CA PHE A 220 9.75 31.77 27.84
C PHE A 220 9.40 32.57 26.60
N TRP A 221 8.50 33.55 26.73
CA TRP A 221 8.13 34.39 25.62
C TRP A 221 9.34 35.20 25.20
N PRO A 222 9.65 35.22 23.89
CA PRO A 222 10.81 35.97 23.36
C PRO A 222 10.78 37.47 23.66
N GLN A 223 11.84 37.94 24.31
CA GLN A 223 11.97 39.33 24.70
C GLN A 223 11.88 40.35 23.55
N GLU A 224 12.52 40.04 22.42
CA GLU A 224 12.48 40.98 21.29
C GLU A 224 11.05 41.15 20.79
N VAL A 225 10.18 40.21 21.15
CA VAL A 225 8.78 40.30 20.74
C VAL A 225 7.93 41.02 21.78
N TRP A 226 7.93 40.53 23.03
CA TRP A 226 7.11 41.17 24.04
C TRP A 226 7.54 42.58 24.44
N SER A 227 8.83 42.89 24.31
CA SER A 227 9.32 44.23 24.68
C SER A 227 8.77 45.30 23.74
N ARG A 228 8.22 44.89 22.61
CA ARG A 228 7.66 45.86 21.68
C ARG A 228 6.26 46.23 22.14
N TYR A 229 5.80 45.55 23.19
CA TYR A 229 4.47 45.78 23.74
C TYR A 229 4.51 46.36 25.15
N VAL A 230 5.30 45.74 26.04
CA VAL A 230 5.39 46.20 27.42
C VAL A 230 6.83 46.27 27.92
N LYS A 231 7.01 46.84 29.11
CA LYS A 231 8.34 46.99 29.72
C LYS A 231 8.80 45.70 30.39
N LYS A 232 7.85 44.93 30.91
CA LYS A 232 8.16 43.67 31.57
C LYS A 232 7.17 42.60 31.12
N LEU A 233 7.68 41.41 30.82
CA LEU A 233 6.82 40.31 30.38
C LEU A 233 5.69 40.08 31.38
N GLY A 234 5.99 40.32 32.65
CA GLY A 234 4.99 40.15 33.69
C GLY A 234 3.85 41.14 33.56
N ASP A 235 4.07 42.23 32.83
CA ASP A 235 3.04 43.24 32.66
C ASP A 235 1.77 42.73 31.97
N PHE A 236 1.91 41.67 31.18
CA PHE A 236 0.76 41.10 30.48
C PHE A 236 -0.22 40.53 31.49
N ALA A 237 0.25 40.36 32.71
CA ALA A 237 -0.58 39.84 33.80
C ALA A 237 -1.48 40.94 34.36
N LEU A 238 -1.09 42.19 34.15
CA LEU A 238 -1.87 43.32 34.61
C LEU A 238 -3.05 43.59 33.69
N PRO A 239 -4.27 43.60 34.25
CA PRO A 239 -5.53 43.82 33.53
C PRO A 239 -5.56 45.02 32.57
N GLU A 240 -4.83 46.08 32.89
CA GLU A 240 -4.85 47.25 32.03
C GLU A 240 -3.98 47.13 30.79
N ASN A 241 -3.35 45.97 30.59
CA ASN A 241 -2.52 45.75 29.42
C ASN A 241 -3.08 44.59 28.60
N ILE A 242 -4.29 44.16 28.93
CA ILE A 242 -4.92 43.03 28.25
C ILE A 242 -4.92 43.22 26.73
N ASP A 243 -5.17 44.43 26.26
CA ASP A 243 -5.18 44.70 24.82
C ASP A 243 -3.80 44.41 24.21
N LEU A 244 -2.76 44.98 24.81
CA LEU A 244 -1.41 44.77 24.32
C LEU A 244 -1.04 43.31 24.46
N ALA A 245 -1.51 42.69 25.53
CA ALA A 245 -1.23 41.29 25.80
C ALA A 245 -1.78 40.39 24.70
N VAL A 246 -3.02 40.65 24.30
CA VAL A 246 -3.67 39.86 23.25
C VAL A 246 -2.97 40.04 21.89
N GLN A 247 -2.38 41.21 21.67
CA GLN A 247 -1.70 41.48 20.42
C GLN A 247 -0.41 40.67 20.33
N CYS A 248 0.32 40.59 21.44
CA CYS A 248 1.55 39.84 21.49
C CYS A 248 1.19 38.35 21.37
N LEU A 249 0.13 37.95 22.05
CA LEU A 249 -0.35 36.57 22.00
C LEU A 249 -0.59 36.17 20.54
N ASN A 250 -1.31 37.01 19.81
CA ASN A 250 -1.60 36.73 18.41
C ASN A 250 -0.36 36.69 17.54
N GLU A 251 0.62 37.53 17.86
CA GLU A 251 1.86 37.55 17.09
C GLU A 251 2.61 36.23 17.31
N LEU A 252 2.66 35.77 18.55
CA LEU A 252 3.37 34.52 18.85
C LEU A 252 2.65 33.34 18.20
N ILE A 253 1.32 33.33 18.25
CA ILE A 253 0.54 32.26 17.65
C ILE A 253 0.82 32.23 16.14
N THR A 254 0.88 33.41 15.53
CA THR A 254 1.13 33.51 14.10
C THR A 254 2.49 32.89 13.79
N ASN A 255 3.46 33.14 14.67
CA ASN A 255 4.81 32.58 14.51
C ASN A 255 4.71 31.05 14.55
N ALA A 256 4.01 30.53 15.56
CA ALA A 256 3.85 29.09 15.71
C ALA A 256 3.19 28.43 14.50
N LEU A 257 2.18 29.10 13.92
CA LEU A 257 1.48 28.52 12.77
C LEU A 257 2.39 28.20 11.59
N HIS A 258 3.53 28.86 11.49
CA HIS A 258 4.45 28.62 10.38
C HIS A 258 5.03 27.20 10.29
N HIS A 259 4.93 26.44 11.38
CA HIS A 259 5.44 25.07 11.40
C HIS A 259 4.42 24.06 10.88
N ILE A 260 3.16 24.47 10.72
CA ILE A 260 2.13 23.52 10.27
C ILE A 260 2.43 22.88 8.92
N PRO A 261 2.98 23.63 7.96
CA PRO A 261 3.25 22.96 6.68
C PRO A 261 4.19 21.76 6.88
N ASP A 262 5.25 21.96 7.65
CA ASP A 262 6.21 20.87 7.95
C ASP A 262 5.51 19.72 8.69
N VAL A 263 4.62 20.06 9.61
CA VAL A 263 3.91 19.03 10.36
C VAL A 263 3.09 18.16 9.42
N ILE A 264 2.35 18.79 8.53
CA ILE A 264 1.54 18.03 7.56
C ILE A 264 2.45 17.15 6.70
N THR A 265 3.58 17.71 6.25
CA THR A 265 4.50 16.92 5.42
C THR A 265 5.08 15.74 6.23
N TYR A 266 5.50 16.00 7.46
CA TYR A 266 6.05 14.93 8.30
C TYR A 266 5.02 13.83 8.53
N LEU A 267 3.80 14.21 8.91
CA LEU A 267 2.75 13.23 9.17
C LEU A 267 2.37 12.43 7.91
N SER A 268 2.37 13.10 6.77
CA SER A 268 2.00 12.45 5.51
C SER A 268 2.95 11.31 5.12
N ARG A 269 4.15 11.35 5.68
CA ARG A 269 5.15 10.33 5.37
C ARG A 269 5.00 9.03 6.16
N LEU A 270 4.42 9.12 7.35
CA LEU A 270 4.24 7.96 8.23
C LEU A 270 3.36 6.84 7.65
N ARG A 271 3.79 5.60 7.88
CA ARG A 271 3.06 4.44 7.38
C ARG A 271 2.58 3.48 8.46
N ASN A 272 3.11 3.59 9.66
CA ASN A 272 2.69 2.71 10.75
C ASN A 272 1.56 3.38 11.55
N GLN A 273 0.43 2.71 11.67
CA GLN A 273 -0.74 3.26 12.37
C GLN A 273 -0.45 3.69 13.82
N SER A 274 0.24 2.85 14.59
CA SER A 274 0.52 3.22 15.97
C SER A 274 1.41 4.45 16.03
N VAL A 275 2.34 4.56 15.09
CA VAL A 275 3.23 5.72 15.06
C VAL A 275 2.45 6.97 14.61
N PHE A 276 1.55 6.79 13.65
CA PHE A 276 0.75 7.89 13.15
C PHE A 276 -0.09 8.50 14.28
N ASN A 277 -0.80 7.65 15.02
CA ASN A 277 -1.63 8.13 16.14
C ASN A 277 -0.79 8.88 17.15
N PHE A 278 0.36 8.31 17.48
CA PHE A 278 1.27 8.90 18.45
C PHE A 278 1.71 10.31 18.05
N CYS A 279 2.02 10.50 16.77
CA CYS A 279 2.46 11.79 16.26
C CYS A 279 1.33 12.76 15.92
N ALA A 280 0.30 12.25 15.25
CA ALA A 280 -0.81 13.08 14.83
C ALA A 280 -1.69 13.65 15.94
N ILE A 281 -2.09 12.83 16.90
CA ILE A 281 -2.97 13.32 17.95
C ILE A 281 -2.44 14.51 18.73
N PRO A 282 -1.19 14.46 19.21
CA PRO A 282 -0.67 15.62 19.94
C PRO A 282 -0.60 16.89 19.08
N GLN A 283 -0.28 16.74 17.79
CA GLN A 283 -0.21 17.90 16.90
C GLN A 283 -1.59 18.52 16.73
N VAL A 284 -2.60 17.68 16.52
CA VAL A 284 -3.97 18.18 16.37
C VAL A 284 -4.43 18.85 17.66
N MET A 285 -4.07 18.26 18.80
CA MET A 285 -4.41 18.84 20.10
C MET A 285 -3.74 20.20 20.28
N ALA A 286 -2.51 20.34 19.77
CA ALA A 286 -1.82 21.61 19.88
C ALA A 286 -2.49 22.63 18.96
N ILE A 287 -2.93 22.19 17.79
CA ILE A 287 -3.60 23.08 16.84
C ILE A 287 -4.92 23.54 17.45
N ALA A 288 -5.64 22.61 18.08
CA ALA A 288 -6.91 22.95 18.72
C ALA A 288 -6.64 23.97 19.82
N THR A 289 -5.49 23.86 20.48
CA THR A 289 -5.13 24.78 21.56
C THR A 289 -4.85 26.20 21.08
N LEU A 290 -4.13 26.34 19.97
CA LEU A 290 -3.83 27.66 19.43
C LEU A 290 -5.13 28.34 18.99
N ALA A 291 -6.02 27.57 18.37
CA ALA A 291 -7.29 28.09 17.91
C ALA A 291 -8.10 28.65 19.09
N ALA A 292 -8.06 27.95 20.21
CA ALA A 292 -8.79 28.37 21.40
C ALA A 292 -8.13 29.57 22.06
N CYS A 293 -6.81 29.67 21.95
CA CYS A 293 -6.08 30.78 22.54
C CYS A 293 -6.03 32.03 21.69
N TYR A 294 -6.19 31.87 20.38
CA TYR A 294 -6.11 33.01 19.48
C TYR A 294 -7.06 34.14 19.87
N ASN A 295 -6.50 35.36 19.98
CA ASN A 295 -7.28 36.54 20.32
C ASN A 295 -8.14 36.29 21.56
N ASN A 296 -7.67 35.42 22.45
CA ASN A 296 -8.40 35.07 23.67
C ASN A 296 -7.81 35.71 24.93
N GLN A 297 -8.54 36.67 25.51
CA GLN A 297 -8.09 37.35 26.71
C GLN A 297 -7.88 36.40 27.88
N GLN A 298 -8.60 35.28 27.87
CA GLN A 298 -8.51 34.30 28.95
C GLN A 298 -7.11 33.73 29.15
N VAL A 299 -6.29 33.77 28.11
CA VAL A 299 -4.93 33.26 28.20
C VAL A 299 -4.17 33.95 29.33
N PHE A 300 -4.49 35.21 29.58
CA PHE A 300 -3.82 35.99 30.61
C PHE A 300 -4.53 35.99 31.96
N LYS A 301 -5.55 35.17 32.10
CA LYS A 301 -6.29 35.09 33.36
C LYS A 301 -6.31 33.67 33.92
N GLY A 302 -5.73 32.75 33.16
CA GLY A 302 -5.69 31.37 33.60
C GLY A 302 -5.53 30.39 32.45
N ALA A 303 -6.10 29.20 32.61
CA ALA A 303 -6.03 28.16 31.60
C ALA A 303 -7.16 28.33 30.58
N VAL A 304 -6.90 27.85 29.37
CA VAL A 304 -7.88 27.91 28.28
C VAL A 304 -8.17 26.48 27.84
N LEU A 305 -9.44 26.08 27.91
CA LEU A 305 -9.84 24.73 27.53
C LEU A 305 -10.40 24.64 26.11
N ILE A 306 -10.11 23.52 25.44
CA ILE A 306 -10.57 23.30 24.08
C ILE A 306 -12.10 23.28 24.04
N VAL A 312 -18.34 18.34 10.47
CA VAL A 312 -17.30 17.51 9.86
C VAL A 312 -16.32 17.00 10.91
N THR A 313 -15.82 17.93 11.72
CA THR A 313 -14.85 17.61 12.77
C THR A 313 -15.29 16.48 13.70
N LEU A 314 -16.59 16.30 13.86
CA LEU A 314 -17.11 15.26 14.74
C LEU A 314 -17.40 13.94 14.03
N MET A 315 -17.48 13.97 12.71
CA MET A 315 -17.73 12.75 11.95
C MET A 315 -16.43 12.12 11.48
N MET A 316 -15.32 12.61 12.05
CA MET A 316 -14.01 12.10 11.71
C MET A 316 -13.00 12.40 12.81
N ASP A 317 -12.21 11.40 13.18
CA ASP A 317 -11.21 11.56 14.22
C ASP A 317 -9.83 11.71 13.56
N ALA A 318 -8.77 11.77 14.35
CA ALA A 318 -7.44 11.99 13.80
C ALA A 318 -6.55 10.77 13.57
N THR A 319 -7.10 9.72 12.97
CA THR A 319 -6.32 8.51 12.75
C THR A 319 -5.97 8.16 11.30
N ASN A 320 -6.30 9.05 10.37
CA ASN A 320 -5.90 8.85 8.97
C ASN A 320 -5.55 10.26 8.47
N MET A 321 -4.55 10.34 7.61
CA MET A 321 -4.05 11.63 7.14
C MET A 321 -5.07 12.58 6.54
N PRO A 322 -5.91 12.11 5.60
CA PRO A 322 -6.89 13.03 5.02
C PRO A 322 -7.79 13.66 6.09
N ALA A 323 -8.15 12.88 7.11
CA ALA A 323 -9.00 13.39 8.19
C ALA A 323 -8.25 14.42 9.02
N VAL A 324 -6.97 14.14 9.29
CA VAL A 324 -6.15 15.05 10.07
C VAL A 324 -6.05 16.39 9.34
N LYS A 325 -5.93 16.33 8.02
CA LYS A 325 -5.85 17.55 7.22
C LYS A 325 -7.15 18.34 7.36
N ALA A 326 -8.28 17.67 7.20
CA ALA A 326 -9.59 18.33 7.30
C ALA A 326 -9.73 19.01 8.65
N ILE A 327 -9.37 18.30 9.72
CA ILE A 327 -9.46 18.83 11.07
C ILE A 327 -8.60 20.09 11.18
N ILE A 328 -7.36 20.01 10.71
CA ILE A 328 -6.47 21.16 10.75
C ILE A 328 -7.06 22.35 9.98
N TYR A 329 -7.59 22.10 8.79
CA TYR A 329 -8.18 23.17 8.00
C TYR A 329 -9.37 23.80 8.71
N GLN A 330 -10.16 22.99 9.41
CA GLN A 330 -11.31 23.53 10.13
C GLN A 330 -10.82 24.47 11.23
N TYR A 331 -9.77 24.07 11.92
CA TYR A 331 -9.21 24.90 12.98
C TYR A 331 -8.60 26.18 12.41
N MET A 332 -8.02 26.10 11.23
CA MET A 332 -7.44 27.29 10.61
C MET A 332 -8.56 28.29 10.28
N GLU A 333 -9.68 27.81 9.77
CA GLU A 333 -10.80 28.71 9.43
C GLU A 333 -11.35 29.30 10.72
N GLU A 334 -11.30 28.51 11.80
CA GLU A 334 -11.75 28.94 13.12
C GLU A 334 -10.97 30.19 13.52
N ILE A 335 -9.66 30.19 13.24
CA ILE A 335 -8.81 31.34 13.55
C ILE A 335 -9.02 32.46 12.53
N TYR A 336 -8.95 32.11 11.27
CA TYR A 336 -9.09 33.08 10.18
C TYR A 336 -10.32 33.97 10.31
N HIS A 337 -11.47 33.35 10.57
CA HIS A 337 -12.73 34.07 10.71
C HIS A 337 -12.75 35.04 11.90
N ARG A 338 -11.86 34.83 12.87
CA ARG A 338 -11.80 35.67 14.06
C ARG A 338 -10.67 36.72 14.07
N ILE A 339 -9.94 36.84 12.96
CA ILE A 339 -8.84 37.79 12.89
C ILE A 339 -9.32 39.24 12.80
N PRO A 340 -8.93 40.08 13.77
CA PRO A 340 -9.29 41.51 13.83
C PRO A 340 -8.42 42.34 12.88
N ASP A 341 -9.05 43.20 12.08
CA ASP A 341 -8.29 44.04 11.15
C ASP A 341 -7.25 44.88 11.89
N SER A 342 -7.65 45.42 13.03
CA SER A 342 -6.79 46.25 13.85
C SER A 342 -5.56 45.54 14.39
N ASN A 343 -5.66 44.23 14.60
CA ASN A 343 -4.50 43.49 15.13
C ASN A 343 -3.28 43.73 14.24
N PRO A 344 -2.14 44.09 14.86
CA PRO A 344 -0.90 44.34 14.12
C PRO A 344 -0.31 43.16 13.34
N SER A 345 -0.78 41.95 13.62
CA SER A 345 -0.31 40.76 12.91
C SER A 345 -1.33 40.22 11.91
N SER A 346 -2.51 40.85 11.88
CA SER A 346 -3.60 40.42 11.00
C SER A 346 -3.19 39.94 9.60
N SER A 347 -2.43 40.73 8.86
CA SER A 347 -2.02 40.29 7.52
C SER A 347 -1.12 39.06 7.57
N LYS A 348 -0.19 39.04 8.52
CA LYS A 348 0.72 37.89 8.66
C LYS A 348 -0.07 36.63 8.96
N THR A 349 -1.05 36.76 9.85
CA THR A 349 -1.87 35.62 10.24
C THR A 349 -2.65 35.06 9.04
N ARG A 350 -3.22 35.95 8.22
CA ARG A 350 -3.97 35.50 7.05
C ARG A 350 -3.02 34.83 6.07
N GLN A 351 -1.85 35.43 5.88
CA GLN A 351 -0.85 34.91 4.96
C GLN A 351 -0.47 33.46 5.24
N ILE A 352 -0.12 33.16 6.49
CA ILE A 352 0.29 31.80 6.81
C ILE A 352 -0.89 30.83 6.69
N ILE A 353 -2.07 31.21 7.15
CA ILE A 353 -3.25 30.34 7.02
C ILE A 353 -3.54 30.11 5.53
N SER A 354 -3.39 31.16 4.73
CA SER A 354 -3.60 31.06 3.29
C SER A 354 -2.62 30.06 2.69
N THR A 355 -1.35 30.16 3.07
CA THR A 355 -0.32 29.25 2.58
C THR A 355 -0.65 27.80 2.95
N ILE A 356 -1.13 27.60 4.17
CA ILE A 356 -1.49 26.27 4.65
C ILE A 356 -2.66 25.71 3.84
N ARG A 357 -3.66 26.54 3.62
CA ARG A 357 -4.86 26.15 2.85
C ARG A 357 -4.56 25.81 1.40
N THR A 358 -3.80 26.69 0.77
CA THR A 358 -3.48 26.56 -0.64
C THR A 358 -2.53 25.46 -1.05
N GLN A 359 -1.51 25.20 -0.24
CA GLN A 359 -0.59 24.14 -0.61
C GLN A 359 -0.41 23.11 0.49
N ASP B 24 6.46 30.31 -1.55
CA ASP B 24 5.91 31.65 -1.42
C ASP B 24 5.87 32.36 -2.79
N SER B 25 6.74 31.92 -3.70
CA SER B 25 6.80 32.48 -5.04
C SER B 25 5.57 32.20 -5.87
N LEU B 26 5.05 30.99 -5.73
CA LEU B 26 3.90 30.54 -6.50
C LEU B 26 2.67 31.43 -6.64
N SER B 27 1.62 30.85 -7.23
CA SER B 27 0.37 31.52 -7.51
C SER B 27 -0.45 32.20 -6.42
N SER B 28 -0.52 33.53 -6.47
CA SER B 28 -1.32 34.24 -5.49
C SER B 28 -2.79 34.10 -5.93
N SER B 29 -3.02 33.79 -7.20
CA SER B 29 -4.38 33.64 -7.69
C SER B 29 -5.01 32.36 -7.13
N LEU B 30 -4.19 31.33 -6.94
CA LEU B 30 -4.68 30.08 -6.38
C LEU B 30 -4.98 30.32 -4.91
N LYS B 31 -4.14 31.10 -4.23
CA LYS B 31 -4.37 31.39 -2.83
C LYS B 31 -5.73 32.09 -2.69
N THR B 32 -6.03 33.00 -3.63
CA THR B 32 -7.31 33.71 -3.59
C THR B 32 -8.45 32.74 -3.80
N CYS B 33 -8.27 31.75 -4.68
CA CYS B 33 -9.33 30.77 -4.92
C CYS B 33 -9.63 30.00 -3.63
N TYR B 34 -8.60 29.61 -2.89
CA TYR B 34 -8.83 28.88 -1.65
C TYR B 34 -9.47 29.79 -0.61
N LYS B 35 -9.24 31.09 -0.71
CA LYS B 35 -9.86 32.01 0.23
C LYS B 35 -11.36 32.01 -0.06
N TYR B 36 -11.71 32.09 -1.34
CA TYR B 36 -13.11 32.09 -1.74
C TYR B 36 -13.79 30.79 -1.35
N LEU B 37 -13.07 29.68 -1.48
CA LEU B 37 -13.62 28.37 -1.13
C LEU B 37 -14.07 28.37 0.33
N ASN B 38 -13.19 28.79 1.22
CA ASN B 38 -13.48 28.83 2.65
C ASN B 38 -14.54 29.91 2.96
N GLN B 39 -14.60 30.94 2.14
CA GLN B 39 -15.58 32.03 2.33
C GLN B 39 -16.99 31.58 1.99
N THR B 40 -17.13 30.77 0.96
CA THR B 40 -18.44 30.31 0.51
C THR B 40 -18.88 28.92 0.97
N SER B 41 -17.94 28.06 1.34
CA SER B 41 -18.33 26.71 1.75
C SER B 41 -18.06 26.34 3.20
N ARG B 42 -19.13 26.11 3.96
CA ARG B 42 -18.96 25.72 5.36
C ARG B 42 -18.93 24.20 5.46
N SER B 43 -19.53 23.54 4.47
CA SER B 43 -19.59 22.08 4.48
C SER B 43 -18.60 21.29 3.64
N PHE B 44 -17.95 21.91 2.66
CA PHE B 44 -17.02 21.14 1.84
C PHE B 44 -15.57 21.62 1.77
N ALA B 45 -15.30 22.85 2.19
CA ALA B 45 -13.94 23.38 2.12
C ALA B 45 -12.88 22.46 2.75
N ALA B 46 -13.13 22.03 3.99
CA ALA B 46 -12.18 21.17 4.68
C ALA B 46 -11.90 19.84 3.96
N VAL B 47 -12.94 19.13 3.53
CA VAL B 47 -12.70 17.87 2.84
C VAL B 47 -12.15 18.01 1.43
N ILE B 48 -12.42 19.14 0.78
CA ILE B 48 -11.90 19.38 -0.57
C ILE B 48 -10.38 19.63 -0.44
N GLN B 49 -10.00 20.47 0.51
CA GLN B 49 -8.59 20.77 0.71
C GLN B 49 -7.79 19.55 1.16
N ALA B 50 -8.49 18.52 1.64
CA ALA B 50 -7.84 17.30 2.11
C ALA B 50 -7.69 16.24 1.01
N LEU B 51 -8.17 16.54 -0.19
CA LEU B 51 -8.07 15.61 -1.31
C LEU B 51 -6.61 15.48 -1.78
N ASP B 52 -6.25 14.28 -2.24
CA ASP B 52 -4.88 14.00 -2.70
C ASP B 52 -4.53 14.68 -4.04
N GLY B 53 -3.25 15.00 -4.17
CA GLY B 53 -2.69 15.59 -5.37
C GLY B 53 -3.52 16.49 -6.27
N GLU B 54 -3.62 16.11 -7.55
CA GLU B 54 -4.36 16.87 -8.54
C GLU B 54 -5.84 17.10 -8.27
N MET B 55 -6.48 16.17 -7.57
CA MET B 55 -7.92 16.30 -7.29
C MET B 55 -8.24 17.57 -6.51
N ARG B 56 -7.33 17.96 -5.64
CA ARG B 56 -7.47 19.13 -4.78
C ARG B 56 -7.83 20.43 -5.51
N ASN B 57 -6.96 20.88 -6.41
CA ASN B 57 -7.22 22.12 -7.17
C ASN B 57 -8.39 21.98 -8.13
N ALA B 58 -8.52 20.81 -8.76
CA ALA B 58 -9.60 20.58 -9.70
C ALA B 58 -10.95 20.65 -9.02
N VAL B 59 -11.06 20.04 -7.85
CA VAL B 59 -12.33 20.06 -7.12
C VAL B 59 -12.60 21.43 -6.54
N CYS B 60 -11.57 22.11 -6.05
CA CYS B 60 -11.74 23.45 -5.51
C CYS B 60 -12.29 24.39 -6.58
N ILE B 61 -11.69 24.35 -7.76
CA ILE B 61 -12.11 25.20 -8.88
C ILE B 61 -13.52 24.82 -9.34
N PHE B 62 -13.77 23.51 -9.41
CA PHE B 62 -15.09 23.03 -9.82
C PHE B 62 -16.13 23.66 -8.88
N TYR B 63 -15.86 23.64 -7.58
CA TYR B 63 -16.79 24.21 -6.62
C TYR B 63 -16.98 25.71 -6.85
N LEU B 64 -15.88 26.43 -7.09
CA LEU B 64 -16.00 27.87 -7.29
C LEU B 64 -16.76 28.28 -8.55
N VAL B 65 -16.56 27.58 -9.66
CA VAL B 65 -17.26 27.93 -10.88
C VAL B 65 -18.75 27.63 -10.72
N LEU B 66 -19.05 26.51 -10.06
CA LEU B 66 -20.45 26.15 -9.82
C LEU B 66 -21.10 27.18 -8.92
N ARG B 67 -20.33 27.68 -7.97
CA ARG B 67 -20.82 28.69 -7.02
C ARG B 67 -21.18 29.98 -7.75
N ALA B 68 -20.35 30.35 -8.73
CA ALA B 68 -20.59 31.55 -9.51
C ALA B 68 -21.84 31.35 -10.38
N LEU B 69 -21.97 30.15 -10.98
CA LEU B 69 -23.12 29.84 -11.83
C LEU B 69 -24.41 29.84 -11.01
N ASP B 70 -24.34 29.27 -9.82
CA ASP B 70 -25.49 29.19 -8.93
C ASP B 70 -25.93 30.58 -8.48
N THR B 71 -24.95 31.46 -8.30
CA THR B 71 -25.24 32.82 -7.88
C THR B 71 -25.98 33.59 -8.97
N LEU B 72 -25.66 33.30 -10.22
CA LEU B 72 -26.35 33.95 -11.34
C LEU B 72 -27.79 33.47 -11.37
N GLU B 73 -27.99 32.16 -11.27
CA GLU B 73 -29.34 31.59 -11.30
C GLU B 73 -30.21 32.15 -10.19
N ASP B 74 -29.65 32.25 -8.98
CA ASP B 74 -30.37 32.75 -7.82
C ASP B 74 -30.64 34.23 -7.76
N ASP B 75 -29.90 35.03 -8.52
CA ASP B 75 -30.09 36.47 -8.48
C ASP B 75 -31.37 36.92 -9.20
N MET B 76 -32.36 37.33 -8.41
CA MET B 76 -33.64 37.75 -8.98
C MET B 76 -33.65 39.18 -9.54
N THR B 77 -32.53 39.89 -9.44
CA THR B 77 -32.47 41.24 -9.99
C THR B 77 -32.08 41.15 -11.48
N ILE B 78 -31.79 39.93 -11.92
CA ILE B 78 -31.44 39.68 -13.32
C ILE B 78 -32.66 39.06 -13.99
N SER B 79 -33.25 39.77 -14.94
CA SER B 79 -34.43 39.27 -15.64
C SER B 79 -34.12 37.96 -16.34
N VAL B 80 -35.17 37.18 -16.59
CA VAL B 80 -35.03 35.91 -17.27
C VAL B 80 -34.39 36.08 -18.64
N GLU B 81 -34.80 37.13 -19.36
CA GLU B 81 -34.27 37.40 -20.70
C GLU B 81 -32.77 37.65 -20.70
N LYS B 82 -32.29 38.35 -19.67
CA LYS B 82 -30.88 38.69 -19.56
C LYS B 82 -30.09 37.50 -19.01
N LYS B 83 -30.70 36.78 -18.09
CA LYS B 83 -30.08 35.64 -17.43
C LYS B 83 -29.83 34.40 -18.29
N VAL B 84 -30.80 34.01 -19.11
CA VAL B 84 -30.65 32.81 -19.92
C VAL B 84 -29.37 32.76 -20.75
N PRO B 85 -29.01 33.86 -21.43
CA PRO B 85 -27.77 33.80 -22.22
C PRO B 85 -26.54 33.67 -21.34
N LEU B 86 -26.62 34.16 -20.11
CA LEU B 86 -25.49 34.06 -19.19
C LEU B 86 -25.33 32.61 -18.74
N LEU B 87 -26.47 31.96 -18.45
CA LEU B 87 -26.46 30.58 -18.02
C LEU B 87 -25.98 29.67 -19.17
N HIS B 88 -26.48 29.93 -20.37
CA HIS B 88 -26.10 29.14 -21.54
C HIS B 88 -24.63 29.23 -21.91
N ASN B 89 -24.05 30.42 -21.80
CA ASN B 89 -22.65 30.63 -22.17
C ASN B 89 -21.63 30.60 -21.04
N PHE B 90 -22.09 30.38 -19.81
CA PHE B 90 -21.19 30.37 -18.68
C PHE B 90 -19.99 29.44 -18.93
N HIS B 91 -20.23 28.25 -19.48
CA HIS B 91 -19.15 27.32 -19.75
C HIS B 91 -18.09 27.92 -20.67
N SER B 92 -18.51 28.82 -21.56
CA SER B 92 -17.57 29.47 -22.48
C SER B 92 -16.85 30.64 -21.81
N PHE B 93 -17.48 31.26 -20.81
CA PHE B 93 -16.84 32.37 -20.12
C PHE B 93 -15.56 31.87 -19.43
N LEU B 94 -15.49 30.57 -19.18
CA LEU B 94 -14.32 29.96 -18.54
C LEU B 94 -13.07 30.19 -19.41
N TYR B 95 -13.29 30.42 -20.70
CA TYR B 95 -12.21 30.64 -21.65
C TYR B 95 -12.09 32.09 -22.12
N GLN B 96 -12.83 32.98 -21.46
CA GLN B 96 -12.80 34.42 -21.74
C GLN B 96 -12.09 34.98 -20.50
N PRO B 97 -10.76 35.17 -20.58
CA PRO B 97 -9.92 35.67 -19.49
C PRO B 97 -10.38 36.91 -18.73
N ASP B 98 -10.98 37.86 -19.42
CA ASP B 98 -11.40 39.09 -18.75
C ASP B 98 -12.87 39.12 -18.35
N TRP B 99 -13.62 38.07 -18.64
CA TRP B 99 -15.04 38.09 -18.29
C TRP B 99 -15.27 38.08 -16.79
N ARG B 100 -16.24 38.89 -16.37
CA ARG B 100 -16.64 39.00 -14.97
C ARG B 100 -18.05 39.60 -15.00
N PHE B 101 -18.76 39.53 -13.89
CA PHE B 101 -20.11 40.07 -13.80
C PHE B 101 -20.17 40.99 -12.58
N MET B 102 -20.40 42.27 -12.82
CA MET B 102 -20.41 43.27 -11.75
C MET B 102 -21.79 43.74 -11.28
N GLU B 103 -22.85 43.14 -11.80
CA GLU B 103 -24.19 43.57 -11.44
C GLU B 103 -24.96 42.70 -10.47
N SER B 104 -24.28 41.80 -9.78
CA SER B 104 -24.96 40.93 -8.83
C SER B 104 -25.08 41.61 -7.47
N LYS B 105 -26.15 41.30 -6.75
CA LYS B 105 -26.35 41.84 -5.42
C LYS B 105 -26.46 40.70 -4.42
N GLU B 106 -26.04 39.51 -4.84
CA GLU B 106 -26.07 38.32 -4.00
C GLU B 106 -24.85 38.36 -3.07
N LYS B 107 -24.93 37.66 -1.94
CA LYS B 107 -23.85 37.67 -0.98
C LYS B 107 -22.51 37.12 -1.50
N ASP B 108 -22.57 36.12 -2.37
CA ASP B 108 -21.34 35.52 -2.91
C ASP B 108 -20.91 36.13 -4.24
N ARG B 109 -21.35 37.35 -4.50
CA ARG B 109 -21.02 38.01 -5.76
C ARG B 109 -19.53 38.21 -5.99
N GLN B 110 -18.72 38.06 -4.95
CA GLN B 110 -17.29 38.24 -5.11
C GLN B 110 -16.69 37.26 -6.13
N VAL B 111 -17.22 36.05 -6.19
CA VAL B 111 -16.71 35.07 -7.14
C VAL B 111 -17.05 35.46 -8.58
N LEU B 112 -18.08 36.29 -8.75
CA LEU B 112 -18.47 36.75 -10.08
C LEU B 112 -17.66 37.98 -10.45
N GLU B 113 -17.49 38.89 -9.49
CA GLU B 113 -16.73 40.11 -9.73
C GLU B 113 -15.25 39.84 -9.95
N ASP B 114 -14.74 38.75 -9.37
CA ASP B 114 -13.33 38.38 -9.53
C ASP B 114 -13.23 37.03 -10.24
N PHE B 115 -14.16 36.78 -11.16
CA PHE B 115 -14.16 35.52 -11.90
C PHE B 115 -12.87 35.31 -12.70
N PRO B 116 -12.24 36.40 -13.17
CA PRO B 116 -11.00 36.23 -13.93
C PRO B 116 -9.93 35.45 -13.15
N THR B 117 -9.88 35.65 -11.84
CA THR B 117 -8.92 34.97 -11.01
C THR B 117 -9.23 33.47 -10.98
N ILE B 118 -10.53 33.16 -10.89
CA ILE B 118 -10.98 31.77 -10.88
C ILE B 118 -10.80 31.10 -12.23
N SER B 119 -11.23 31.76 -13.32
CA SER B 119 -11.11 31.13 -14.64
C SER B 119 -9.63 30.94 -15.00
N LEU B 120 -8.77 31.83 -14.51
CA LEU B 120 -7.34 31.73 -14.77
C LEU B 120 -6.83 30.39 -14.22
N GLU B 121 -7.19 30.07 -12.98
CA GLU B 121 -6.75 28.82 -12.38
C GLU B 121 -7.47 27.63 -13.00
N PHE B 122 -8.69 27.84 -13.48
CA PHE B 122 -9.41 26.76 -14.16
C PHE B 122 -8.59 26.39 -15.39
N ARG B 123 -8.13 27.40 -16.13
CA ARG B 123 -7.35 27.16 -17.34
C ARG B 123 -5.94 26.63 -17.05
N ASN B 124 -5.55 26.60 -15.78
CA ASN B 124 -4.23 26.06 -15.41
C ASN B 124 -4.33 24.59 -15.05
N LEU B 125 -5.56 24.08 -14.93
CA LEU B 125 -5.78 22.68 -14.63
C LEU B 125 -5.45 21.88 -15.89
N ALA B 126 -5.10 20.60 -15.71
CA ALA B 126 -4.81 19.74 -16.85
C ALA B 126 -6.08 19.72 -17.70
N GLU B 127 -5.88 19.70 -19.02
CA GLU B 127 -7.01 19.68 -19.95
C GLU B 127 -8.07 18.64 -19.62
N LYS B 128 -7.66 17.44 -19.23
CA LYS B 128 -8.63 16.39 -18.94
C LYS B 128 -9.63 16.78 -17.87
N TYR B 129 -9.23 17.66 -16.95
CA TYR B 129 -10.13 18.10 -15.89
C TYR B 129 -11.00 19.25 -16.40
N GLN B 130 -10.40 20.09 -17.24
CA GLN B 130 -11.13 21.22 -17.82
C GLN B 130 -12.31 20.74 -18.63
N THR B 131 -12.08 19.70 -19.42
CA THR B 131 -13.12 19.13 -20.26
C THR B 131 -14.33 18.68 -19.46
N VAL B 132 -14.07 18.04 -18.34
CA VAL B 132 -15.13 17.53 -17.48
C VAL B 132 -15.92 18.67 -16.85
N ILE B 133 -15.21 19.62 -16.26
CA ILE B 133 -15.81 20.77 -15.62
C ILE B 133 -16.65 21.62 -16.60
N ALA B 134 -16.07 21.95 -17.75
CA ALA B 134 -16.79 22.73 -18.76
C ALA B 134 -18.07 22.01 -19.21
N ASP B 135 -17.97 20.70 -19.47
CA ASP B 135 -19.13 19.92 -19.91
C ASP B 135 -20.26 20.00 -18.89
N ILE B 136 -19.92 19.82 -17.62
CA ILE B 136 -20.94 19.90 -16.57
C ILE B 136 -21.54 21.30 -16.48
N CYS B 137 -20.69 22.32 -16.56
CA CYS B 137 -21.18 23.69 -16.51
C CYS B 137 -22.14 23.97 -17.67
N ARG B 138 -21.79 23.46 -18.84
CA ARG B 138 -22.64 23.65 -20.02
C ARG B 138 -24.01 23.03 -19.80
N ARG B 139 -24.02 21.77 -19.40
CA ARG B 139 -25.24 21.03 -19.17
C ARG B 139 -26.07 21.62 -18.05
N MET B 140 -25.41 22.03 -16.98
CA MET B 140 -26.13 22.62 -15.85
C MET B 140 -26.79 23.93 -16.27
N GLY B 141 -26.06 24.75 -17.03
CA GLY B 141 -26.60 26.01 -17.50
C GLY B 141 -27.89 25.81 -18.30
N ILE B 142 -27.87 24.81 -19.17
CA ILE B 142 -29.05 24.50 -19.99
C ILE B 142 -30.23 24.13 -19.10
N GLY B 143 -29.99 23.24 -18.15
CA GLY B 143 -31.04 22.80 -17.25
C GLY B 143 -31.58 23.91 -16.36
N MET B 144 -30.69 24.78 -15.89
CA MET B 144 -31.09 25.88 -15.03
C MET B 144 -31.98 26.84 -15.80
N ALA B 145 -31.60 27.12 -17.04
CA ALA B 145 -32.37 28.03 -17.90
C ALA B 145 -33.77 27.45 -18.09
N GLU B 146 -33.83 26.14 -18.30
CA GLU B 146 -35.09 25.45 -18.50
C GLU B 146 -36.07 25.65 -17.34
N PHE B 147 -35.57 25.71 -16.12
CA PHE B 147 -36.44 25.86 -14.97
C PHE B 147 -36.69 27.28 -14.47
N LEU B 148 -36.19 28.28 -15.18
CA LEU B 148 -36.40 29.66 -14.73
C LEU B 148 -37.86 30.12 -14.83
N ASP B 149 -38.60 29.58 -15.79
CA ASP B 149 -40.00 29.96 -15.95
C ASP B 149 -40.98 28.87 -15.58
N LYS B 150 -40.59 27.98 -14.67
CA LYS B 150 -41.46 26.90 -14.23
C LYS B 150 -41.04 26.31 -12.91
N HIS B 151 -42.01 25.93 -12.10
CA HIS B 151 -41.73 25.33 -10.81
C HIS B 151 -41.69 23.82 -11.01
N VAL B 152 -41.33 23.09 -9.97
CA VAL B 152 -41.28 21.64 -10.07
C VAL B 152 -42.68 21.08 -9.86
N THR B 153 -43.15 20.29 -10.81
CA THR B 153 -44.47 19.70 -10.71
C THR B 153 -44.42 18.26 -10.23
N SER B 154 -44.18 17.34 -11.15
CA SER B 154 -44.12 15.93 -10.81
C SER B 154 -42.84 15.58 -10.05
N GLU B 155 -42.82 14.38 -9.48
CA GLU B 155 -41.66 13.90 -8.76
C GLU B 155 -40.60 13.59 -9.81
N GLN B 156 -41.05 13.32 -11.02
CA GLN B 156 -40.16 13.04 -12.14
C GLN B 156 -39.41 14.32 -12.50
N GLU B 157 -40.12 15.45 -12.41
CA GLU B 157 -39.54 16.75 -12.70
C GLU B 157 -38.63 17.16 -11.56
N TRP B 158 -38.91 16.63 -10.37
CA TRP B 158 -38.12 16.94 -9.20
C TRP B 158 -36.74 16.29 -9.39
N ASP B 159 -36.74 15.07 -9.94
CA ASP B 159 -35.49 14.36 -10.19
C ASP B 159 -34.72 15.04 -11.31
N LYS B 160 -35.44 15.56 -12.30
CA LYS B 160 -34.81 16.24 -13.42
C LYS B 160 -34.13 17.51 -12.94
N TYR B 161 -34.84 18.29 -12.13
CA TYR B 161 -34.28 19.52 -11.60
C TYR B 161 -33.05 19.21 -10.72
N CYS B 162 -33.20 18.23 -9.84
CA CYS B 162 -32.09 17.86 -8.95
C CYS B 162 -30.89 17.36 -9.75
N HIS B 163 -31.16 16.68 -10.87
CA HIS B 163 -30.11 16.19 -11.75
C HIS B 163 -29.29 17.37 -12.26
N TYR B 164 -29.99 18.39 -12.74
CA TYR B 164 -29.35 19.58 -13.28
C TYR B 164 -28.46 20.34 -12.31
N VAL B 165 -28.95 20.57 -11.09
CA VAL B 165 -28.18 21.33 -10.11
C VAL B 165 -27.32 20.51 -9.15
N ALA B 166 -27.52 19.20 -9.10
CA ALA B 166 -26.76 18.38 -8.17
C ALA B 166 -26.30 17.04 -8.76
N GLY B 167 -27.21 16.35 -9.44
CA GLY B 167 -26.85 15.07 -10.04
C GLY B 167 -25.64 15.18 -10.94
N LEU B 168 -25.62 16.21 -11.78
CA LEU B 168 -24.51 16.40 -12.69
C LEU B 168 -23.21 16.69 -11.94
N VAL B 169 -23.32 17.23 -10.73
CA VAL B 169 -22.14 17.54 -9.93
C VAL B 169 -21.53 16.23 -9.46
N GLY B 170 -22.37 15.29 -9.04
CA GLY B 170 -21.88 14.00 -8.60
C GLY B 170 -21.22 13.31 -9.77
N ILE B 171 -21.84 13.41 -10.94
CA ILE B 171 -21.30 12.83 -12.16
C ILE B 171 -19.95 13.49 -12.48
N GLY B 172 -19.91 14.82 -12.48
CA GLY B 172 -18.68 15.53 -12.77
C GLY B 172 -17.57 15.16 -11.80
N LEU B 173 -17.86 15.20 -10.51
CA LEU B 173 -16.87 14.85 -9.49
C LEU B 173 -16.35 13.44 -9.72
N SER B 174 -17.24 12.52 -10.04
CA SER B 174 -16.86 11.13 -10.30
C SER B 174 -15.94 11.02 -11.50
N ARG B 175 -16.21 11.81 -12.54
CA ARG B 175 -15.40 11.79 -13.74
C ARG B 175 -14.00 12.34 -13.41
N LEU B 176 -13.93 13.30 -12.50
CA LEU B 176 -12.63 13.86 -12.12
C LEU B 176 -11.85 12.79 -11.34
N PHE B 177 -12.53 12.04 -10.48
CA PHE B 177 -11.87 10.99 -9.70
C PHE B 177 -11.25 9.93 -10.61
N SER B 178 -11.99 9.47 -11.61
CA SER B 178 -11.47 8.46 -12.52
C SER B 178 -10.36 9.04 -13.40
N ALA B 179 -10.55 10.28 -13.84
CA ALA B 179 -9.58 10.95 -14.70
C ALA B 179 -8.24 11.13 -14.00
N SER B 180 -8.30 11.34 -12.68
CA SER B 180 -7.09 11.51 -11.89
C SER B 180 -6.43 10.17 -11.61
N GLU B 181 -7.17 9.08 -11.85
CA GLU B 181 -6.68 7.73 -11.61
C GLU B 181 -6.62 7.35 -10.12
N PHE B 182 -7.11 8.22 -9.24
CA PHE B 182 -7.12 7.91 -7.81
C PHE B 182 -8.24 6.91 -7.52
N GLU B 183 -9.20 6.82 -8.43
CA GLU B 183 -10.30 5.86 -8.29
C GLU B 183 -10.47 5.07 -9.59
N ASP B 184 -11.22 3.98 -9.49
CA ASP B 184 -11.46 3.10 -10.62
C ASP B 184 -12.24 3.78 -11.76
N PRO B 185 -11.96 3.37 -13.00
CA PRO B 185 -12.64 3.93 -14.17
C PRO B 185 -14.16 3.81 -14.03
N LEU B 186 -14.60 2.76 -13.33
CA LEU B 186 -16.02 2.50 -13.11
C LEU B 186 -16.72 3.64 -12.38
N VAL B 187 -16.00 4.30 -11.47
CA VAL B 187 -16.59 5.38 -10.71
C VAL B 187 -17.17 6.47 -11.61
N GLY B 188 -16.39 6.90 -12.59
CA GLY B 188 -16.87 7.93 -13.49
C GLY B 188 -17.85 7.41 -14.53
N GLU B 189 -17.78 6.12 -14.81
CA GLU B 189 -18.65 5.50 -15.81
C GLU B 189 -20.09 5.29 -15.36
N ASP B 190 -20.28 4.91 -14.10
CA ASP B 190 -21.63 4.66 -13.60
C ASP B 190 -22.30 5.97 -13.21
N THR B 191 -22.80 6.69 -14.20
CA THR B 191 -23.46 7.97 -13.98
C THR B 191 -24.74 7.90 -13.15
N GLU B 192 -25.39 6.74 -13.10
CA GLU B 192 -26.62 6.63 -12.33
C GLU B 192 -26.32 6.69 -10.83
N ARG B 193 -25.30 5.96 -10.40
CA ARG B 193 -24.91 5.97 -8.99
C ARG B 193 -24.37 7.35 -8.62
N ALA B 194 -23.60 7.95 -9.51
CA ALA B 194 -23.05 9.28 -9.23
C ALA B 194 -24.21 10.28 -9.12
N ASN B 195 -25.19 10.13 -10.00
CA ASN B 195 -26.35 10.99 -10.02
C ASN B 195 -27.12 10.90 -8.69
N SER B 196 -27.25 9.68 -8.18
CA SER B 196 -27.96 9.47 -6.91
C SER B 196 -27.27 10.17 -5.75
N MET B 197 -25.95 10.22 -5.78
CA MET B 197 -25.19 10.88 -4.71
C MET B 197 -25.61 12.35 -4.66
N GLY B 198 -25.63 12.99 -5.83
CA GLY B 198 -26.01 14.40 -5.88
C GLY B 198 -27.47 14.60 -5.51
N LEU B 199 -28.35 13.75 -6.05
CA LEU B 199 -29.78 13.87 -5.76
C LEU B 199 -30.09 13.75 -4.28
N PHE B 200 -29.44 12.81 -3.60
CA PHE B 200 -29.71 12.63 -2.18
C PHE B 200 -29.39 13.89 -1.40
N LEU B 201 -28.23 14.48 -1.66
CA LEU B 201 -27.84 15.70 -0.98
C LEU B 201 -28.79 16.86 -1.31
N GLN B 202 -29.19 16.97 -2.57
CA GLN B 202 -30.06 18.07 -2.99
C GLN B 202 -31.46 17.95 -2.41
N LYS B 203 -32.06 16.77 -2.53
CA LYS B 203 -33.40 16.56 -1.99
C LYS B 203 -33.41 16.81 -0.48
N THR B 204 -32.35 16.40 0.21
CA THR B 204 -32.27 16.59 1.66
C THR B 204 -32.28 18.07 2.01
N ASN B 205 -31.41 18.85 1.37
CA ASN B 205 -31.35 20.28 1.64
C ASN B 205 -32.67 20.96 1.32
N ILE B 206 -33.29 20.58 0.22
CA ILE B 206 -34.57 21.16 -0.19
C ILE B 206 -35.66 20.87 0.85
N ILE B 207 -35.67 19.66 1.38
CA ILE B 207 -36.64 19.26 2.38
C ILE B 207 -36.41 20.06 3.67
N ARG B 208 -35.14 20.22 4.01
CA ARG B 208 -34.73 20.95 5.21
C ARG B 208 -34.96 22.46 5.14
N ASP B 209 -34.69 23.04 3.97
CA ASP B 209 -34.83 24.49 3.81
C ASP B 209 -36.20 24.99 3.33
N TYR B 210 -37.26 24.25 3.62
CA TYR B 210 -38.60 24.66 3.22
C TYR B 210 -38.90 26.09 3.65
N LEU B 211 -38.89 26.30 4.96
CA LEU B 211 -39.20 27.61 5.54
C LEU B 211 -38.35 28.74 4.98
N GLU B 212 -37.04 28.53 4.89
CA GLU B 212 -36.15 29.57 4.40
C GLU B 212 -36.46 29.91 2.94
N ASP B 213 -36.62 28.88 2.11
CA ASP B 213 -36.92 29.09 0.70
C ASP B 213 -38.26 29.78 0.50
N GLN B 214 -39.26 29.37 1.27
CA GLN B 214 -40.59 29.95 1.16
C GLN B 214 -40.54 31.45 1.44
N GLN B 215 -39.74 31.83 2.42
CA GLN B 215 -39.59 33.23 2.80
C GLN B 215 -38.74 34.00 1.79
N GLY B 216 -38.24 33.29 0.79
CA GLY B 216 -37.42 33.90 -0.23
C GLY B 216 -38.13 33.99 -1.57
N GLY B 217 -39.35 33.47 -1.63
CA GLY B 217 -40.10 33.50 -2.87
C GLY B 217 -39.86 32.33 -3.80
N ARG B 218 -38.95 31.44 -3.42
CA ARG B 218 -38.65 30.28 -4.24
C ARG B 218 -39.29 29.01 -3.72
N GLU B 219 -39.72 28.15 -4.64
CA GLU B 219 -40.37 26.89 -4.27
C GLU B 219 -39.70 25.72 -4.98
N PHE B 220 -39.32 24.70 -4.21
CA PHE B 220 -38.65 23.53 -4.77
C PHE B 220 -39.40 22.22 -4.53
N TRP B 221 -40.32 22.21 -3.57
CA TRP B 221 -41.10 21.01 -3.29
C TRP B 221 -41.99 20.72 -4.49
N PRO B 222 -42.00 19.47 -4.96
CA PRO B 222 -42.82 19.07 -6.12
C PRO B 222 -44.31 19.37 -5.95
N GLN B 223 -44.83 20.18 -6.86
CA GLN B 223 -46.24 20.58 -6.85
C GLN B 223 -47.20 19.40 -6.74
N GLU B 224 -47.00 18.39 -7.58
CA GLU B 224 -47.85 17.20 -7.57
C GLU B 224 -47.89 16.48 -6.22
N VAL B 225 -47.02 16.87 -5.29
CA VAL B 225 -47.01 16.23 -3.98
C VAL B 225 -47.67 17.11 -2.93
N TRP B 226 -47.20 18.34 -2.78
CA TRP B 226 -47.78 19.23 -1.77
C TRP B 226 -49.21 19.63 -2.12
N SER B 227 -49.56 19.63 -3.41
CA SER B 227 -50.90 20.02 -3.84
C SER B 227 -51.93 19.02 -3.33
N ARG B 228 -51.49 17.79 -3.08
CA ARG B 228 -52.38 16.76 -2.56
C ARG B 228 -52.58 16.98 -1.07
N TYR B 229 -51.99 18.05 -0.55
CA TYR B 229 -52.09 18.37 0.87
C TYR B 229 -52.72 19.74 1.09
N VAL B 230 -52.26 20.73 0.34
CA VAL B 230 -52.77 22.08 0.46
C VAL B 230 -52.88 22.76 -0.91
N LYS B 231 -53.52 23.93 -0.93
CA LYS B 231 -53.71 24.69 -2.17
C LYS B 231 -52.47 25.47 -2.59
N LYS B 232 -51.75 25.99 -1.60
CA LYS B 232 -50.54 26.75 -1.83
C LYS B 232 -49.41 26.23 -0.95
N LEU B 233 -48.28 25.87 -1.58
CA LEU B 233 -47.13 25.36 -0.84
C LEU B 233 -46.86 26.18 0.42
N GLY B 234 -47.02 27.50 0.30
CA GLY B 234 -46.78 28.38 1.43
C GLY B 234 -47.70 28.14 2.61
N ASP B 235 -48.76 27.36 2.38
CA ASP B 235 -49.71 27.08 3.44
C ASP B 235 -49.10 26.24 4.57
N PHE B 236 -48.08 25.43 4.25
CA PHE B 236 -47.43 24.61 5.25
C PHE B 236 -46.77 25.45 6.34
N ALA B 237 -46.61 26.74 6.07
CA ALA B 237 -45.99 27.65 7.02
C ALA B 237 -46.95 28.07 8.12
N LEU B 238 -48.24 27.90 7.87
CA LEU B 238 -49.26 28.28 8.83
C LEU B 238 -49.60 27.13 9.76
N PRO B 239 -49.52 27.36 11.08
CA PRO B 239 -49.81 26.38 12.13
C PRO B 239 -50.98 25.45 11.89
N GLU B 240 -52.13 26.00 11.51
CA GLU B 240 -53.32 25.18 11.27
C GLU B 240 -53.18 24.09 10.21
N ASN B 241 -52.03 24.03 9.55
CA ASN B 241 -51.79 23.01 8.53
C ASN B 241 -50.63 22.10 8.89
N ILE B 242 -50.07 22.30 10.07
CA ILE B 242 -48.93 21.52 10.54
C ILE B 242 -49.06 20.03 10.27
N ASP B 243 -50.23 19.46 10.54
CA ASP B 243 -50.45 18.04 10.32
C ASP B 243 -50.25 17.65 8.86
N LEU B 244 -50.94 18.36 7.97
CA LEU B 244 -50.83 18.08 6.54
C LEU B 244 -49.40 18.31 6.06
N ALA B 245 -48.73 19.28 6.66
CA ALA B 245 -47.36 19.61 6.29
C ALA B 245 -46.42 18.45 6.60
N VAL B 246 -46.37 18.04 7.86
CA VAL B 246 -45.53 16.94 8.30
C VAL B 246 -45.75 15.71 7.42
N GLN B 247 -47.01 15.47 7.07
CA GLN B 247 -47.35 14.32 6.23
C GLN B 247 -46.64 14.44 4.88
N CYS B 248 -46.64 15.65 4.33
CA CYS B 248 -45.98 15.91 3.05
C CYS B 248 -44.49 15.75 3.27
N LEU B 249 -44.02 16.32 4.38
CA LEU B 249 -42.61 16.25 4.76
C LEU B 249 -42.13 14.80 4.76
N ASN B 250 -42.92 13.92 5.38
CA ASN B 250 -42.57 12.51 5.45
C ASN B 250 -42.63 11.81 4.10
N GLU B 251 -43.53 12.26 3.22
CA GLU B 251 -43.64 11.62 1.92
C GLU B 251 -42.39 11.95 1.10
N LEU B 252 -41.91 13.18 1.22
CA LEU B 252 -40.73 13.61 0.49
C LEU B 252 -39.48 12.91 1.05
N ILE B 253 -39.38 12.85 2.36
CA ILE B 253 -38.25 12.18 3.00
C ILE B 253 -38.21 10.74 2.51
N THR B 254 -39.39 10.11 2.45
CA THR B 254 -39.49 8.73 1.99
C THR B 254 -38.97 8.63 0.57
N ASN B 255 -39.24 9.67 -0.22
CA ASN B 255 -38.78 9.72 -1.61
C ASN B 255 -37.25 9.74 -1.64
N ALA B 256 -36.67 10.62 -0.83
CA ALA B 256 -35.22 10.77 -0.76
C ALA B 256 -34.51 9.49 -0.35
N LEU B 257 -35.09 8.79 0.61
CA LEU B 257 -34.50 7.54 1.11
C LEU B 257 -34.23 6.53 0.01
N HIS B 258 -34.93 6.63 -1.10
CA HIS B 258 -34.74 5.68 -2.18
C HIS B 258 -33.36 5.76 -2.85
N HIS B 259 -32.61 6.81 -2.55
CA HIS B 259 -31.27 6.96 -3.14
C HIS B 259 -30.19 6.29 -2.29
N ILE B 260 -30.50 6.01 -1.03
CA ILE B 260 -29.53 5.41 -0.13
C ILE B 260 -28.86 4.14 -0.65
N PRO B 261 -29.61 3.22 -1.27
CA PRO B 261 -28.94 2.02 -1.78
C PRO B 261 -27.82 2.36 -2.78
N ASP B 262 -28.07 3.33 -3.66
CA ASP B 262 -27.07 3.76 -4.64
C ASP B 262 -25.89 4.41 -3.93
N VAL B 263 -26.18 5.21 -2.91
CA VAL B 263 -25.14 5.88 -2.15
C VAL B 263 -24.19 4.88 -1.53
N ILE B 264 -24.73 3.79 -0.99
CA ILE B 264 -23.90 2.76 -0.38
C ILE B 264 -23.06 2.06 -1.44
N THR B 265 -23.68 1.74 -2.57
CA THR B 265 -22.96 1.10 -3.66
C THR B 265 -21.81 2.01 -4.09
N TYR B 266 -22.11 3.28 -4.32
CA TYR B 266 -21.09 4.24 -4.75
C TYR B 266 -19.92 4.31 -3.78
N LEU B 267 -20.21 4.52 -2.49
CA LEU B 267 -19.16 4.59 -1.48
C LEU B 267 -18.36 3.30 -1.35
N SER B 268 -19.01 2.16 -1.56
CA SER B 268 -18.34 0.87 -1.44
C SER B 268 -17.31 0.64 -2.54
N ARG B 269 -17.37 1.43 -3.60
CA ARG B 269 -16.42 1.27 -4.70
C ARG B 269 -15.19 2.16 -4.57
N LEU B 270 -15.24 3.09 -3.63
CA LEU B 270 -14.12 4.01 -3.42
C LEU B 270 -12.94 3.34 -2.74
N ARG B 271 -11.74 3.66 -3.18
CA ARG B 271 -10.52 3.07 -2.65
C ARG B 271 -9.52 4.10 -2.14
N ASN B 272 -9.74 5.38 -2.45
CA ASN B 272 -8.85 6.43 -2.00
C ASN B 272 -9.44 7.06 -0.74
N GLN B 273 -8.67 7.04 0.35
CA GLN B 273 -9.12 7.57 1.62
C GLN B 273 -9.59 9.03 1.57
N SER B 274 -8.80 9.90 0.93
CA SER B 274 -9.20 11.31 0.88
C SER B 274 -10.51 11.47 0.11
N VAL B 275 -10.68 10.67 -0.95
CA VAL B 275 -11.91 10.73 -1.75
C VAL B 275 -13.08 10.16 -0.94
N PHE B 276 -12.82 9.07 -0.22
CA PHE B 276 -13.85 8.44 0.58
C PHE B 276 -14.38 9.43 1.62
N ASN B 277 -13.47 10.10 2.32
CA ASN B 277 -13.87 11.07 3.34
C ASN B 277 -14.71 12.17 2.70
N PHE B 278 -14.24 12.66 1.56
CA PHE B 278 -14.94 13.72 0.82
C PHE B 278 -16.37 13.32 0.45
N CYS B 279 -16.55 12.10 -0.04
CA CYS B 279 -17.87 11.63 -0.45
C CYS B 279 -18.76 11.14 0.69
N ALA B 280 -18.18 10.44 1.65
CA ALA B 280 -18.96 9.90 2.75
C ALA B 280 -19.45 10.88 3.81
N ILE B 281 -18.57 11.76 4.28
CA ILE B 281 -18.96 12.71 5.32
C ILE B 281 -20.22 13.50 4.99
N PRO B 282 -20.30 14.08 3.77
CA PRO B 282 -21.49 14.85 3.39
C PRO B 282 -22.74 13.99 3.31
N GLN B 283 -22.60 12.75 2.83
CA GLN B 283 -23.74 11.86 2.72
C GLN B 283 -24.27 11.52 4.11
N VAL B 284 -23.37 11.24 5.04
CA VAL B 284 -23.77 10.90 6.40
C VAL B 284 -24.48 12.08 7.05
N MET B 285 -23.92 13.28 6.89
CA MET B 285 -24.55 14.47 7.45
C MET B 285 -25.94 14.66 6.85
N ALA B 286 -26.10 14.32 5.57
CA ALA B 286 -27.39 14.45 4.91
C ALA B 286 -28.39 13.44 5.50
N ILE B 287 -27.95 12.21 5.67
CA ILE B 287 -28.80 11.16 6.25
C ILE B 287 -29.21 11.54 7.68
N ALA B 288 -28.29 12.15 8.41
CA ALA B 288 -28.56 12.57 9.78
C ALA B 288 -29.59 13.70 9.79
N THR B 289 -29.59 14.51 8.73
CA THR B 289 -30.51 15.61 8.62
C THR B 289 -31.93 15.11 8.34
N LEU B 290 -32.05 14.10 7.48
CA LEU B 290 -33.36 13.55 7.17
C LEU B 290 -33.95 12.90 8.41
N ALA B 291 -33.11 12.17 9.15
CA ALA B 291 -33.55 11.49 10.36
C ALA B 291 -34.06 12.53 11.36
N ALA B 292 -33.38 13.66 11.45
CA ALA B 292 -33.75 14.71 12.39
C ALA B 292 -35.00 15.47 11.94
N CYS B 293 -35.29 15.46 10.64
CA CYS B 293 -36.45 16.14 10.10
C CYS B 293 -37.68 15.25 10.01
N TYR B 294 -37.47 13.93 9.99
CA TYR B 294 -38.60 13.02 9.88
C TYR B 294 -39.66 13.23 10.94
N ASN B 295 -40.90 13.34 10.49
CA ASN B 295 -42.04 13.53 11.38
C ASN B 295 -41.73 14.61 12.43
N ASN B 296 -41.01 15.65 12.01
CA ASN B 296 -40.65 16.73 12.90
C ASN B 296 -41.36 18.01 12.47
N GLN B 297 -42.03 18.67 13.41
CA GLN B 297 -42.76 19.91 13.11
C GLN B 297 -41.84 21.12 13.00
N GLN B 298 -40.65 21.03 13.60
CA GLN B 298 -39.70 22.13 13.56
C GLN B 298 -39.26 22.53 12.16
N VAL B 299 -39.42 21.62 11.20
CA VAL B 299 -39.03 21.91 9.82
C VAL B 299 -39.81 23.10 9.31
N PHE B 300 -41.07 23.18 9.70
CA PHE B 300 -41.96 24.25 9.28
C PHE B 300 -41.96 25.47 10.20
N LYS B 301 -41.28 25.38 11.33
CA LYS B 301 -41.22 26.50 12.27
C LYS B 301 -39.84 27.14 12.27
N GLY B 302 -38.89 26.49 11.61
CA GLY B 302 -37.54 27.02 11.54
C GLY B 302 -36.50 25.98 11.19
N ALA B 303 -35.29 26.18 11.70
CA ALA B 303 -34.18 25.26 11.44
C ALA B 303 -34.19 24.12 12.45
N VAL B 304 -33.59 23.00 12.07
CA VAL B 304 -33.51 21.82 12.93
C VAL B 304 -32.06 21.60 13.33
N LEU B 305 -31.84 20.83 14.39
CA LEU B 305 -30.48 20.56 14.86
C LEU B 305 -30.25 19.08 15.20
N ILE B 306 -28.98 18.72 15.37
CA ILE B 306 -28.58 17.36 15.70
C ILE B 306 -29.63 16.67 16.58
N ALA B 311 -26.15 5.57 19.95
CA ALA B 311 -25.00 6.06 20.71
C ALA B 311 -23.75 5.27 20.34
N VAL B 312 -23.94 4.13 19.70
CA VAL B 312 -22.84 3.28 19.28
C VAL B 312 -22.08 3.95 18.13
N THR B 313 -22.75 4.89 17.48
CA THR B 313 -22.16 5.61 16.35
C THR B 313 -21.14 6.65 16.82
N LEU B 314 -21.38 7.21 18.01
CA LEU B 314 -20.49 8.22 18.57
C LEU B 314 -19.10 7.62 18.82
N MET B 315 -19.00 6.31 18.61
CA MET B 315 -17.76 5.59 18.81
C MET B 315 -16.99 5.44 17.51
N MET B 316 -17.66 5.75 16.40
CA MET B 316 -17.04 5.64 15.08
C MET B 316 -17.32 6.83 14.17
N ASP B 317 -16.34 7.16 13.33
CA ASP B 317 -16.48 8.26 12.40
C ASP B 317 -16.79 7.68 11.03
N ALA B 318 -17.14 8.54 10.08
CA ALA B 318 -17.49 8.07 8.75
C ALA B 318 -16.29 7.97 7.81
N THR B 319 -15.24 7.28 8.24
CA THR B 319 -14.03 7.14 7.42
C THR B 319 -13.66 5.75 6.91
N ASN B 320 -14.51 4.76 7.18
CA ASN B 320 -14.31 3.41 6.64
C ASN B 320 -15.72 2.90 6.35
N MET B 321 -15.85 2.11 5.28
CA MET B 321 -17.15 1.62 4.83
C MET B 321 -18.02 0.91 5.88
N PRO B 322 -17.44 -0.03 6.65
CA PRO B 322 -18.28 -0.70 7.64
C PRO B 322 -18.88 0.29 8.65
N ALA B 323 -18.08 1.28 9.06
CA ALA B 323 -18.57 2.28 10.00
C ALA B 323 -19.66 3.14 9.38
N VAL B 324 -19.48 3.51 8.11
CA VAL B 324 -20.49 4.32 7.41
C VAL B 324 -21.80 3.54 7.34
N LYS B 325 -21.73 2.26 7.01
CA LYS B 325 -22.93 1.44 6.95
C LYS B 325 -23.62 1.42 8.32
N ALA B 326 -22.84 1.14 9.36
CA ALA B 326 -23.38 1.11 10.73
C ALA B 326 -24.06 2.43 11.09
N ILE B 327 -23.41 3.53 10.74
CA ILE B 327 -23.97 4.85 11.02
C ILE B 327 -25.28 5.04 10.25
N ILE B 328 -25.31 4.59 9.00
CA ILE B 328 -26.51 4.72 8.20
C ILE B 328 -27.66 3.90 8.78
N TYR B 329 -27.39 2.66 9.15
CA TYR B 329 -28.44 1.81 9.71
C TYR B 329 -29.00 2.39 11.00
N GLN B 330 -28.13 2.93 11.86
CA GLN B 330 -28.61 3.53 13.10
C GLN B 330 -29.63 4.61 12.77
N TYR B 331 -29.33 5.45 11.78
CA TYR B 331 -30.26 6.50 11.41
C TYR B 331 -31.53 5.96 10.79
N MET B 332 -31.43 4.85 10.08
CA MET B 332 -32.62 4.24 9.47
C MET B 332 -33.57 3.72 10.56
N GLU B 333 -33.01 3.18 11.63
CA GLU B 333 -33.82 2.66 12.74
C GLU B 333 -34.42 3.80 13.53
N GLU B 334 -33.69 4.91 13.60
CA GLU B 334 -34.15 6.10 14.31
C GLU B 334 -35.41 6.63 13.61
N ILE B 335 -35.45 6.47 12.29
CA ILE B 335 -36.60 6.92 11.52
C ILE B 335 -37.70 5.86 11.61
N TYR B 336 -37.29 4.60 11.46
CA TYR B 336 -38.22 3.49 11.49
C TYR B 336 -39.12 3.45 12.72
N HIS B 337 -38.53 3.62 13.90
CA HIS B 337 -39.32 3.55 15.13
C HIS B 337 -40.15 4.80 15.42
N ARG B 338 -40.05 5.80 14.55
CA ARG B 338 -40.81 7.03 14.73
C ARG B 338 -41.89 7.15 13.66
N ILE B 339 -41.97 6.15 12.78
CA ILE B 339 -42.96 6.14 11.69
C ILE B 339 -44.36 5.97 12.28
N PRO B 340 -45.19 7.03 12.19
CA PRO B 340 -46.55 6.90 12.73
C PRO B 340 -47.41 5.99 11.88
N ASP B 341 -48.05 4.99 12.49
CA ASP B 341 -48.91 4.13 11.71
C ASP B 341 -49.93 5.08 11.09
N SER B 342 -50.14 6.18 11.80
CA SER B 342 -51.05 7.25 11.41
C SER B 342 -50.66 7.86 10.08
N ASN B 343 -49.42 8.34 9.99
CA ASN B 343 -48.94 8.97 8.75
C ASN B 343 -49.30 8.19 7.49
N PRO B 344 -49.56 8.92 6.39
CA PRO B 344 -49.92 8.38 5.08
C PRO B 344 -48.79 7.71 4.29
N SER B 345 -47.54 7.88 4.71
CA SER B 345 -46.40 7.28 4.03
C SER B 345 -45.83 6.07 4.76
N SER B 346 -46.42 5.75 5.91
CA SER B 346 -45.98 4.63 6.75
C SER B 346 -45.51 3.39 5.99
N SER B 347 -46.41 2.78 5.23
CA SER B 347 -46.07 1.58 4.47
C SER B 347 -44.89 1.77 3.50
N LYS B 348 -44.86 2.92 2.83
CA LYS B 348 -43.78 3.22 1.89
C LYS B 348 -42.45 3.45 2.61
N THR B 349 -42.49 4.15 3.73
CA THR B 349 -41.27 4.42 4.49
C THR B 349 -40.64 3.14 5.03
N ARG B 350 -41.47 2.28 5.62
CA ARG B 350 -40.99 1.01 6.17
C ARG B 350 -40.42 0.12 5.08
N GLN B 351 -41.05 0.13 3.91
CA GLN B 351 -40.60 -0.69 2.81
C GLN B 351 -39.23 -0.31 2.27
N ILE B 352 -38.96 0.99 2.14
CA ILE B 352 -37.68 1.42 1.61
C ILE B 352 -36.58 1.18 2.65
N ILE B 353 -36.92 1.34 3.92
CA ILE B 353 -35.95 1.11 4.98
C ILE B 353 -35.60 -0.37 5.04
N SER B 354 -36.58 -1.23 4.78
CA SER B 354 -36.36 -2.67 4.79
C SER B 354 -35.43 -3.04 3.64
N THR B 355 -35.62 -2.39 2.49
CA THR B 355 -34.81 -2.62 1.30
C THR B 355 -33.37 -2.22 1.58
N ILE B 356 -33.19 -1.14 2.33
CA ILE B 356 -31.86 -0.66 2.68
C ILE B 356 -31.20 -1.63 3.65
N ARG B 357 -31.98 -2.11 4.62
CA ARG B 357 -31.47 -3.05 5.62
C ARG B 357 -31.04 -4.38 5.05
N THR B 358 -31.91 -5.01 4.26
CA THR B 358 -31.59 -6.29 3.67
C THR B 358 -30.65 -6.08 2.49
N GLN B 359 -29.64 -5.25 2.71
CA GLN B 359 -28.66 -4.92 1.68
C GLN B 359 -29.36 -4.48 0.40
N LEU C 26 -34.84 -9.27 -0.50
CA LEU C 26 -35.30 -10.33 -1.38
C LEU C 26 -36.28 -11.24 -0.63
N SER C 27 -35.75 -12.23 0.08
CA SER C 27 -36.57 -13.17 0.84
C SER C 27 -37.47 -12.42 1.80
N SER C 28 -38.76 -12.76 1.82
CA SER C 28 -39.69 -12.11 2.72
C SER C 28 -39.33 -12.43 4.16
N SER C 29 -38.93 -13.68 4.41
CA SER C 29 -38.55 -14.11 5.75
C SER C 29 -37.26 -13.46 6.23
N LEU C 30 -36.28 -13.30 5.34
CA LEU C 30 -35.02 -12.69 5.74
C LEU C 30 -35.25 -11.21 6.07
N LYS C 31 -36.07 -10.52 5.28
CA LYS C 31 -36.36 -9.12 5.54
C LYS C 31 -37.03 -9.03 6.91
N THR C 32 -37.89 -10.00 7.21
CA THR C 32 -38.59 -10.02 8.48
C THR C 32 -37.57 -10.19 9.62
N CYS C 33 -36.57 -11.04 9.40
CA CYS C 33 -35.55 -11.25 10.42
C CYS C 33 -34.83 -9.95 10.74
N TYR C 34 -34.40 -9.24 9.70
CA TYR C 34 -33.71 -7.97 9.92
C TYR C 34 -34.62 -6.96 10.58
N LYS C 35 -35.92 -7.08 10.36
CA LYS C 35 -36.85 -6.17 11.01
C LYS C 35 -36.80 -6.49 12.51
N TYR C 36 -36.89 -7.77 12.87
CA TYR C 36 -36.85 -8.17 14.27
C TYR C 36 -35.52 -7.78 14.92
N LEU C 37 -34.43 -7.87 14.17
CA LEU C 37 -33.11 -7.52 14.69
C LEU C 37 -33.08 -6.05 15.12
N ASN C 38 -33.53 -5.18 14.23
CA ASN C 38 -33.56 -3.75 14.50
C ASN C 38 -34.55 -3.39 15.60
N GLN C 39 -35.60 -4.19 15.75
CA GLN C 39 -36.60 -3.93 16.78
C GLN C 39 -36.13 -4.37 18.16
N THR C 40 -35.37 -5.46 18.21
CA THR C 40 -34.90 -5.98 19.49
C THR C 40 -33.48 -5.58 19.91
N SER C 41 -32.60 -5.28 18.96
CA SER C 41 -31.24 -4.92 19.32
C SER C 41 -30.87 -3.44 19.17
N ARG C 42 -30.76 -2.75 20.30
CA ARG C 42 -30.42 -1.34 20.30
C ARG C 42 -28.94 -1.09 20.01
N SER C 43 -28.05 -1.87 20.61
CA SER C 43 -26.62 -1.64 20.43
C SER C 43 -25.83 -2.58 19.53
N PHE C 44 -26.48 -3.58 18.93
CA PHE C 44 -25.73 -4.49 18.05
C PHE C 44 -26.26 -4.56 16.63
N ALA C 45 -27.52 -4.16 16.46
CA ALA C 45 -28.17 -4.21 15.15
C ALA C 45 -27.36 -3.58 14.01
N ALA C 46 -26.86 -2.37 14.23
CA ALA C 46 -26.09 -1.65 13.20
C ALA C 46 -24.73 -2.28 12.87
N VAL C 47 -23.93 -2.61 13.88
CA VAL C 47 -22.62 -3.22 13.61
C VAL C 47 -22.78 -4.60 13.00
N ILE C 48 -23.92 -5.25 13.28
CA ILE C 48 -24.21 -6.56 12.73
C ILE C 48 -24.53 -6.43 11.24
N GLN C 49 -25.43 -5.50 10.93
CA GLN C 49 -25.84 -5.28 9.54
C GLN C 49 -24.69 -4.79 8.67
N ALA C 50 -23.63 -4.29 9.30
CA ALA C 50 -22.47 -3.79 8.57
C ALA C 50 -21.40 -4.86 8.33
N LEU C 51 -21.62 -6.06 8.87
CA LEU C 51 -20.67 -7.15 8.70
C LEU C 51 -20.58 -7.61 7.24
N ASP C 52 -19.36 -7.94 6.79
CA ASP C 52 -19.14 -8.40 5.41
C ASP C 52 -19.71 -9.77 5.08
N GLY C 53 -20.07 -9.94 3.81
CA GLY C 53 -20.58 -11.19 3.29
C GLY C 53 -21.50 -12.09 4.11
N GLU C 54 -21.17 -13.37 4.14
CA GLU C 54 -21.96 -14.37 4.85
C GLU C 54 -22.04 -14.18 6.37
N MET C 55 -21.12 -13.40 6.93
CA MET C 55 -21.14 -13.19 8.39
C MET C 55 -22.42 -12.47 8.79
N ARG C 56 -22.89 -11.59 7.92
CA ARG C 56 -24.07 -10.78 8.15
C ARG C 56 -25.31 -11.56 8.58
N ASN C 57 -25.81 -12.43 7.70
CA ASN C 57 -26.99 -13.23 8.02
C ASN C 57 -26.73 -14.20 9.16
N ALA C 58 -25.55 -14.81 9.16
CA ALA C 58 -25.20 -15.78 10.19
C ALA C 58 -25.30 -15.16 11.58
N VAL C 59 -24.74 -13.96 11.73
CA VAL C 59 -24.76 -13.27 13.02
C VAL C 59 -26.14 -12.71 13.34
N CYS C 60 -26.85 -12.25 12.31
CA CYS C 60 -28.19 -11.73 12.53
C CYS C 60 -29.07 -12.83 13.11
N ILE C 61 -29.02 -14.01 12.50
CA ILE C 61 -29.79 -15.17 12.93
C ILE C 61 -29.33 -15.64 14.32
N PHE C 62 -28.02 -15.64 14.56
CA PHE C 62 -27.48 -16.06 15.86
C PHE C 62 -28.06 -15.15 16.95
N TYR C 63 -28.12 -13.85 16.67
CA TYR C 63 -28.65 -12.91 17.64
C TYR C 63 -30.13 -13.19 17.91
N LEU C 64 -30.90 -13.37 16.85
CA LEU C 64 -32.33 -13.62 16.99
C LEU C 64 -32.64 -14.91 17.74
N VAL C 65 -31.91 -15.98 17.49
CA VAL C 65 -32.20 -17.21 18.22
C VAL C 65 -31.84 -17.07 19.70
N LEU C 66 -30.76 -16.34 20.01
CA LEU C 66 -30.38 -16.13 21.39
C LEU C 66 -31.39 -15.19 22.06
N ARG C 67 -31.95 -14.27 21.27
CA ARG C 67 -32.96 -13.35 21.81
C ARG C 67 -34.21 -14.15 22.19
N ALA C 68 -34.59 -15.10 21.34
CA ALA C 68 -35.76 -15.93 21.62
C ALA C 68 -35.50 -16.78 22.86
N LEU C 69 -34.31 -17.37 22.95
CA LEU C 69 -33.93 -18.22 24.08
C LEU C 69 -33.97 -17.43 25.39
N ASP C 70 -33.42 -16.22 25.36
CA ASP C 70 -33.38 -15.37 26.55
C ASP C 70 -34.80 -14.98 26.95
N THR C 71 -35.65 -14.71 25.96
CA THR C 71 -37.03 -14.33 26.22
C THR C 71 -37.79 -15.43 26.94
N LEU C 72 -37.43 -16.69 26.67
CA LEU C 72 -38.08 -17.82 27.34
C LEU C 72 -37.57 -17.91 28.79
N GLU C 73 -36.25 -17.88 28.94
CA GLU C 73 -35.63 -17.97 30.26
C GLU C 73 -36.12 -16.86 31.18
N ASP C 74 -36.31 -15.68 30.61
CA ASP C 74 -36.74 -14.50 31.35
C ASP C 74 -38.22 -14.44 31.72
N ASP C 75 -39.05 -15.20 31.01
CA ASP C 75 -40.48 -15.15 31.27
C ASP C 75 -40.88 -15.88 32.56
N MET C 76 -41.23 -15.11 33.58
CA MET C 76 -41.62 -15.68 34.87
C MET C 76 -43.00 -16.34 34.89
N THR C 77 -43.76 -16.21 33.81
CA THR C 77 -45.08 -16.84 33.75
C THR C 77 -44.96 -18.26 33.20
N ILE C 78 -43.75 -18.66 32.83
CA ILE C 78 -43.52 -20.00 32.32
C ILE C 78 -43.01 -20.82 33.50
N SER C 79 -43.76 -21.82 33.91
CA SER C 79 -43.40 -22.66 35.04
C SER C 79 -42.05 -23.35 34.81
N VAL C 80 -41.35 -23.66 35.90
CA VAL C 80 -40.08 -24.35 35.81
C VAL C 80 -40.30 -25.68 35.10
N GLU C 81 -41.43 -26.31 35.39
CA GLU C 81 -41.77 -27.58 34.76
C GLU C 81 -41.75 -27.43 33.23
N LYS C 82 -42.31 -26.32 32.73
CA LYS C 82 -42.33 -26.11 31.28
C LYS C 82 -41.03 -25.51 30.75
N LYS C 83 -40.39 -24.66 31.56
CA LYS C 83 -39.16 -23.98 31.15
C LYS C 83 -37.89 -24.83 30.97
N VAL C 84 -37.67 -25.81 31.84
CA VAL C 84 -36.47 -26.63 31.71
C VAL C 84 -36.47 -27.36 30.36
N PRO C 85 -37.61 -27.96 29.97
CA PRO C 85 -37.64 -28.65 28.68
C PRO C 85 -37.41 -27.65 27.53
N LEU C 86 -37.96 -26.46 27.66
CA LEU C 86 -37.80 -25.45 26.62
C LEU C 86 -36.33 -25.03 26.47
N LEU C 87 -35.65 -24.83 27.59
CA LEU C 87 -34.23 -24.43 27.54
C LEU C 87 -33.33 -25.55 27.05
N HIS C 88 -33.55 -26.78 27.53
CA HIS C 88 -32.74 -27.91 27.11
C HIS C 88 -32.93 -28.29 25.63
N ASN C 89 -34.15 -28.14 25.14
CA ASN C 89 -34.44 -28.53 23.75
C ASN C 89 -34.50 -27.39 22.75
N PHE C 90 -34.34 -26.16 23.22
CA PHE C 90 -34.41 -25.02 22.33
C PHE C 90 -33.60 -25.23 21.04
N HIS C 91 -32.36 -25.66 21.18
CA HIS C 91 -31.50 -25.89 20.03
C HIS C 91 -32.13 -26.78 18.96
N SER C 92 -32.93 -27.78 19.39
CA SER C 92 -33.57 -28.67 18.43
C SER C 92 -34.76 -28.03 17.73
N PHE C 93 -35.32 -26.97 18.31
CA PHE C 93 -36.46 -26.30 17.68
C PHE C 93 -35.99 -25.64 16.39
N LEU C 94 -34.70 -25.35 16.30
CA LEU C 94 -34.13 -24.73 15.11
C LEU C 94 -34.32 -25.63 13.90
N TYR C 95 -34.41 -26.93 14.15
CA TYR C 95 -34.55 -27.92 13.08
C TYR C 95 -35.99 -28.28 12.75
N GLN C 96 -36.92 -27.91 13.64
CA GLN C 96 -38.34 -28.21 13.45
C GLN C 96 -39.08 -27.03 12.82
N PRO C 97 -39.32 -27.10 11.51
CA PRO C 97 -39.99 -26.08 10.69
C PRO C 97 -41.23 -25.39 11.26
N ASP C 98 -42.06 -26.11 12.00
CA ASP C 98 -43.28 -25.50 12.53
C ASP C 98 -43.28 -25.13 14.00
N TRP C 99 -42.16 -25.31 14.68
CA TRP C 99 -42.14 -24.98 16.10
C TRP C 99 -42.23 -23.49 16.36
N ARG C 100 -42.99 -23.14 17.41
CA ARG C 100 -43.16 -21.76 17.85
C ARG C 100 -43.75 -21.80 19.27
N PHE C 101 -43.70 -20.67 19.96
CA PHE C 101 -44.24 -20.58 21.31
C PHE C 101 -45.20 -19.41 21.37
N MET C 102 -46.45 -19.70 21.73
CA MET C 102 -47.49 -18.69 21.77
C MET C 102 -47.96 -18.27 23.15
N GLU C 103 -47.24 -18.68 24.20
CA GLU C 103 -47.64 -18.34 25.55
C GLU C 103 -46.73 -17.34 26.27
N SER C 104 -45.85 -16.68 25.52
CA SER C 104 -44.96 -15.71 26.13
C SER C 104 -45.69 -14.42 26.46
N LYS C 105 -45.35 -13.82 27.60
CA LYS C 105 -45.97 -12.57 28.00
C LYS C 105 -44.88 -11.49 28.07
N GLU C 106 -43.79 -11.72 27.36
CA GLU C 106 -42.67 -10.77 27.31
C GLU C 106 -42.84 -9.83 26.11
N LYS C 107 -42.13 -8.71 26.16
CA LYS C 107 -42.22 -7.71 25.10
C LYS C 107 -41.72 -8.22 23.73
N ASP C 108 -40.70 -9.08 23.74
CA ASP C 108 -40.16 -9.60 22.49
C ASP C 108 -40.74 -10.94 22.03
N ARG C 109 -41.92 -11.29 22.52
CA ARG C 109 -42.53 -12.57 22.16
C ARG C 109 -42.73 -12.78 20.66
N GLN C 110 -42.75 -11.71 19.88
CA GLN C 110 -42.93 -11.84 18.44
C GLN C 110 -41.91 -12.82 17.84
N VAL C 111 -40.68 -12.83 18.35
CA VAL C 111 -39.67 -13.73 17.83
C VAL C 111 -39.98 -15.20 18.15
N LEU C 112 -40.72 -15.42 19.23
CA LEU C 112 -41.10 -16.77 19.62
C LEU C 112 -42.36 -17.21 18.86
N GLU C 113 -43.31 -16.31 18.70
CA GLU C 113 -44.54 -16.62 18.00
C GLU C 113 -44.31 -16.82 16.51
N ASP C 114 -43.29 -16.16 15.97
CA ASP C 114 -42.96 -16.27 14.55
C ASP C 114 -41.60 -16.95 14.38
N PHE C 115 -41.27 -17.85 15.31
CA PHE C 115 -40.00 -18.56 15.25
C PHE C 115 -39.75 -19.30 13.94
N PRO C 116 -40.82 -19.85 13.32
CA PRO C 116 -40.67 -20.57 12.05
C PRO C 116 -39.95 -19.72 10.99
N THR C 117 -40.22 -18.43 10.99
CA THR C 117 -39.57 -17.53 10.03
C THR C 117 -38.07 -17.48 10.33
N ILE C 118 -37.73 -17.39 11.61
CA ILE C 118 -36.33 -17.33 12.01
C ILE C 118 -35.61 -18.67 11.80
N SER C 119 -36.27 -19.78 12.15
CA SER C 119 -35.65 -21.09 11.98
C SER C 119 -35.46 -21.42 10.51
N LEU C 120 -36.39 -20.94 9.68
CA LEU C 120 -36.27 -21.19 8.23
C LEU C 120 -34.97 -20.58 7.74
N GLU C 121 -34.72 -19.33 8.13
CA GLU C 121 -33.49 -18.66 7.72
C GLU C 121 -32.27 -19.34 8.32
N PHE C 122 -32.42 -19.86 9.53
CA PHE C 122 -31.32 -20.57 10.18
C PHE C 122 -30.92 -21.75 9.29
N ARG C 123 -31.92 -22.52 8.85
CA ARG C 123 -31.67 -23.68 8.00
C ARG C 123 -31.16 -23.32 6.60
N ASN C 124 -31.28 -22.04 6.22
CA ASN C 124 -30.80 -21.59 4.92
C ASN C 124 -29.32 -21.22 4.97
N LEU C 125 -28.80 -21.04 6.18
CA LEU C 125 -27.39 -20.71 6.36
C LEU C 125 -26.53 -21.90 5.98
N ALA C 126 -25.29 -21.66 5.58
CA ALA C 126 -24.38 -22.76 5.24
C ALA C 126 -24.31 -23.68 6.46
N GLU C 127 -24.19 -24.98 6.23
CA GLU C 127 -24.15 -25.96 7.32
C GLU C 127 -23.11 -25.64 8.39
N LYS C 128 -21.94 -25.15 7.98
CA LYS C 128 -20.90 -24.84 8.96
C LYS C 128 -21.34 -23.80 9.97
N TYR C 129 -22.17 -22.85 9.56
CA TYR C 129 -22.64 -21.84 10.49
C TYR C 129 -23.69 -22.44 11.40
N GLN C 130 -24.49 -23.34 10.84
CA GLN C 130 -25.54 -23.99 11.63
C GLN C 130 -24.95 -24.78 12.78
N THR C 131 -23.84 -25.47 12.52
CA THR C 131 -23.18 -26.26 13.55
C THR C 131 -22.86 -25.39 14.76
N VAL C 132 -22.26 -24.23 14.50
CA VAL C 132 -21.87 -23.31 15.55
C VAL C 132 -23.05 -22.78 16.37
N ILE C 133 -24.01 -22.20 15.68
CA ILE C 133 -25.18 -21.64 16.34
C ILE C 133 -25.94 -22.64 17.19
N ALA C 134 -26.23 -23.82 16.65
CA ALA C 134 -26.97 -24.82 17.41
C ALA C 134 -26.16 -25.32 18.61
N ASP C 135 -24.86 -25.53 18.41
CA ASP C 135 -24.01 -25.98 19.50
C ASP C 135 -24.09 -25.02 20.69
N ILE C 136 -23.99 -23.73 20.40
CA ILE C 136 -24.04 -22.70 21.43
C ILE C 136 -25.41 -22.63 22.09
N CYS C 137 -26.47 -22.71 21.29
CA CYS C 137 -27.83 -22.68 21.84
C CYS C 137 -28.02 -23.87 22.77
N ARG C 138 -27.50 -25.03 22.36
CA ARG C 138 -27.61 -26.25 23.14
C ARG C 138 -26.90 -26.12 24.49
N ARG C 139 -25.67 -25.64 24.45
CA ARG C 139 -24.86 -25.48 25.66
C ARG C 139 -25.39 -24.35 26.56
N MET C 140 -25.92 -23.30 25.94
CA MET C 140 -26.46 -22.19 26.70
C MET C 140 -27.75 -22.62 27.40
N GLY C 141 -28.59 -23.37 26.67
CA GLY C 141 -29.84 -23.84 27.24
C GLY C 141 -29.61 -24.65 28.51
N ILE C 142 -28.67 -25.57 28.45
CA ILE C 142 -28.33 -26.40 29.60
C ILE C 142 -27.89 -25.53 30.78
N GLY C 143 -27.01 -24.58 30.50
CA GLY C 143 -26.52 -23.70 31.55
C GLY C 143 -27.61 -22.86 32.18
N MET C 144 -28.49 -22.28 31.37
CA MET C 144 -29.57 -21.46 31.92
C MET C 144 -30.46 -22.30 32.83
N ALA C 145 -30.74 -23.53 32.40
CA ALA C 145 -31.58 -24.44 33.18
C ALA C 145 -30.94 -24.69 34.53
N GLU C 146 -29.62 -24.88 34.53
CA GLU C 146 -28.89 -25.13 35.76
C GLU C 146 -29.03 -24.00 36.79
N PHE C 147 -29.20 -22.77 36.31
CA PHE C 147 -29.33 -21.64 37.22
C PHE C 147 -30.75 -21.17 37.54
N LEU C 148 -31.75 -21.86 37.03
CA LEU C 148 -33.14 -21.46 37.31
C LEU C 148 -33.45 -21.50 38.80
N ASP C 149 -32.87 -22.48 39.50
CA ASP C 149 -33.12 -22.67 40.92
C ASP C 149 -32.11 -22.05 41.87
N LYS C 150 -31.04 -21.48 41.35
CA LYS C 150 -30.02 -20.90 42.22
C LYS C 150 -29.50 -19.53 41.83
N HIS C 151 -28.87 -18.87 42.79
CA HIS C 151 -28.27 -17.56 42.60
C HIS C 151 -26.78 -17.84 42.49
N VAL C 152 -25.99 -16.82 42.14
CA VAL C 152 -24.56 -17.00 42.02
C VAL C 152 -23.90 -16.86 43.40
N THR C 153 -23.08 -17.84 43.77
CA THR C 153 -22.40 -17.81 45.05
C THR C 153 -20.94 -17.33 44.95
N SER C 154 -20.05 -18.25 44.61
CA SER C 154 -18.65 -17.92 44.48
C SER C 154 -18.34 -17.13 43.21
N GLU C 155 -17.13 -16.60 43.15
CA GLU C 155 -16.69 -15.85 41.97
C GLU C 155 -16.52 -16.86 40.84
N GLN C 156 -16.23 -18.10 41.19
CA GLN C 156 -16.08 -19.16 40.20
C GLN C 156 -17.44 -19.42 39.57
N GLU C 157 -18.49 -19.37 40.39
CA GLU C 157 -19.85 -19.58 39.89
C GLU C 157 -20.24 -18.37 39.06
N TRP C 158 -19.76 -17.19 39.42
CA TRP C 158 -20.06 -15.98 38.67
C TRP C 158 -19.52 -16.16 37.25
N ASP C 159 -18.30 -16.68 37.15
CA ASP C 159 -17.68 -16.91 35.85
C ASP C 159 -18.47 -17.94 35.05
N LYS C 160 -18.93 -18.99 35.73
CA LYS C 160 -19.70 -20.05 35.09
C LYS C 160 -20.99 -19.49 34.51
N TYR C 161 -21.70 -18.69 35.32
CA TYR C 161 -22.94 -18.10 34.86
C TYR C 161 -22.70 -17.20 33.66
N CYS C 162 -21.69 -16.32 33.76
CA CYS C 162 -21.38 -15.41 32.66
C CYS C 162 -20.96 -16.17 31.41
N HIS C 163 -20.35 -17.33 31.58
CA HIS C 163 -19.93 -18.16 30.46
C HIS C 163 -21.18 -18.64 29.72
N TYR C 164 -22.16 -19.10 30.50
CA TYR C 164 -23.39 -19.61 29.93
C TYR C 164 -24.21 -18.59 29.15
N VAL C 165 -24.25 -17.35 29.64
CA VAL C 165 -25.06 -16.34 28.96
C VAL C 165 -24.30 -15.31 28.12
N ALA C 166 -22.96 -15.33 28.17
CA ALA C 166 -22.16 -14.36 27.41
C ALA C 166 -20.86 -14.93 26.84
N GLY C 167 -20.11 -15.66 27.67
CA GLY C 167 -18.86 -16.24 27.21
C GLY C 167 -19.07 -17.15 26.01
N LEU C 168 -20.10 -17.99 26.08
CA LEU C 168 -20.41 -18.90 25.00
C LEU C 168 -20.79 -18.13 23.74
N VAL C 169 -21.34 -16.92 23.92
CA VAL C 169 -21.71 -16.10 22.77
C VAL C 169 -20.45 -15.59 22.08
N GLY C 170 -19.46 -15.23 22.90
CA GLY C 170 -18.20 -14.74 22.36
C GLY C 170 -17.54 -15.87 21.59
N ILE C 171 -17.60 -17.06 22.18
CA ILE C 171 -17.03 -18.24 21.56
C ILE C 171 -17.75 -18.53 20.23
N GLY C 172 -19.08 -18.46 20.26
CA GLY C 172 -19.84 -18.72 19.05
C GLY C 172 -19.52 -17.73 17.93
N LEU C 173 -19.49 -16.46 18.27
CA LEU C 173 -19.18 -15.41 17.29
C LEU C 173 -17.82 -15.66 16.67
N SER C 174 -16.84 -15.96 17.51
CA SER C 174 -15.48 -16.23 17.06
C SER C 174 -15.45 -17.39 16.07
N ARG C 175 -16.22 -18.44 16.36
CA ARG C 175 -16.25 -19.61 15.48
C ARG C 175 -16.91 -19.25 14.15
N LEU C 176 -17.90 -18.36 14.18
CA LEU C 176 -18.54 -17.93 12.96
C LEU C 176 -17.53 -17.12 12.13
N PHE C 177 -16.80 -16.20 12.77
CA PHE C 177 -15.80 -15.41 12.05
C PHE C 177 -14.79 -16.32 11.36
N SER C 178 -14.25 -17.29 12.09
CA SER C 178 -13.26 -18.21 11.51
C SER C 178 -13.88 -19.12 10.46
N ALA C 179 -15.11 -19.55 10.68
CA ALA C 179 -15.78 -20.44 9.72
C ALA C 179 -15.97 -19.70 8.39
N SER C 180 -16.31 -18.42 8.45
CA SER C 180 -16.53 -17.61 7.26
C SER C 180 -15.21 -17.32 6.53
N GLU C 181 -14.10 -17.49 7.25
CA GLU C 181 -12.77 -17.25 6.72
C GLU C 181 -12.39 -15.77 6.61
N PHE C 182 -13.18 -14.88 7.19
CA PHE C 182 -12.85 -13.46 7.17
C PHE C 182 -11.79 -13.19 8.25
N GLU C 183 -11.63 -14.16 9.16
CA GLU C 183 -10.65 -14.08 10.23
C GLU C 183 -9.91 -15.42 10.28
N ASP C 184 -8.67 -15.41 10.76
CA ASP C 184 -7.88 -16.64 10.83
C ASP C 184 -8.49 -17.69 11.76
N PRO C 185 -8.10 -18.96 11.58
CA PRO C 185 -8.61 -20.06 12.41
C PRO C 185 -8.41 -19.85 13.90
N LEU C 186 -7.33 -19.16 14.26
CA LEU C 186 -7.03 -18.91 15.67
C LEU C 186 -8.14 -18.22 16.45
N VAL C 187 -8.84 -17.29 15.81
CA VAL C 187 -9.91 -16.56 16.49
C VAL C 187 -10.95 -17.52 17.04
N GLY C 188 -11.34 -18.50 16.24
CA GLY C 188 -12.32 -19.47 16.68
C GLY C 188 -11.75 -20.53 17.59
N GLU C 189 -10.47 -20.85 17.44
CA GLU C 189 -9.83 -21.88 18.26
C GLU C 189 -9.53 -21.47 19.71
N ASP C 190 -9.14 -20.21 19.92
CA ASP C 190 -8.82 -19.73 21.28
C ASP C 190 -10.08 -19.34 22.05
N THR C 191 -10.81 -20.36 22.52
CA THR C 191 -12.06 -20.16 23.23
C THR C 191 -11.93 -19.37 24.52
N GLU C 192 -10.78 -19.44 25.19
CA GLU C 192 -10.61 -18.70 26.43
C GLU C 192 -10.61 -17.20 26.16
N ARG C 193 -9.94 -16.77 25.10
CA ARG C 193 -9.91 -15.35 24.78
C ARG C 193 -11.30 -14.89 24.37
N ALA C 194 -11.99 -15.71 23.59
CA ALA C 194 -13.33 -15.38 23.14
C ALA C 194 -14.28 -15.33 24.33
N ASN C 195 -14.09 -16.27 25.27
CA ASN C 195 -14.91 -16.34 26.48
C ASN C 195 -14.71 -15.04 27.27
N SER C 196 -13.47 -14.57 27.34
CA SER C 196 -13.17 -13.34 28.08
C SER C 196 -13.90 -12.12 27.52
N MET C 197 -14.07 -12.09 26.21
CA MET C 197 -14.77 -10.98 25.56
C MET C 197 -16.21 -10.94 26.09
N GLY C 198 -16.86 -12.09 26.13
CA GLY C 198 -18.23 -12.15 26.64
C GLY C 198 -18.33 -11.84 28.11
N LEU C 199 -17.42 -12.40 28.90
CA LEU C 199 -17.42 -12.17 30.35
C LEU C 199 -17.25 -10.70 30.71
N PHE C 200 -16.35 -10.01 30.02
CA PHE C 200 -16.14 -8.61 30.30
C PHE C 200 -17.42 -7.80 30.10
N LEU C 201 -18.10 -8.03 28.98
CA LEU C 201 -19.32 -7.30 28.70
C LEU C 201 -20.38 -7.64 29.75
N GLN C 202 -20.55 -8.94 30.00
CA GLN C 202 -21.56 -9.40 30.95
C GLN C 202 -21.35 -8.89 32.37
N LYS C 203 -20.13 -9.00 32.89
CA LYS C 203 -19.84 -8.52 34.23
C LYS C 203 -20.05 -7.03 34.34
N THR C 204 -19.63 -6.28 33.32
CA THR C 204 -19.79 -4.84 33.31
C THR C 204 -21.28 -4.49 33.40
N ASN C 205 -22.11 -5.18 32.61
CA ASN C 205 -23.54 -4.91 32.66
C ASN C 205 -24.15 -5.28 34.02
N ILE C 206 -23.72 -6.39 34.59
CA ILE C 206 -24.23 -6.83 35.88
C ILE C 206 -23.86 -5.83 36.99
N ILE C 207 -22.64 -5.30 36.92
CA ILE C 207 -22.19 -4.34 37.90
C ILE C 207 -22.98 -3.04 37.79
N ARG C 208 -23.10 -2.54 36.57
CA ARG C 208 -23.80 -1.31 36.28
C ARG C 208 -25.29 -1.32 36.59
N ASP C 209 -25.94 -2.46 36.35
CA ASP C 209 -27.37 -2.57 36.56
C ASP C 209 -27.85 -3.02 37.94
N TYR C 210 -26.96 -2.98 38.93
CA TYR C 210 -27.34 -3.39 40.29
C TYR C 210 -28.72 -2.91 40.72
N LEU C 211 -28.93 -1.59 40.71
CA LEU C 211 -30.19 -1.01 41.15
C LEU C 211 -31.41 -1.47 40.36
N GLU C 212 -31.30 -1.47 39.03
CA GLU C 212 -32.40 -1.88 38.18
C GLU C 212 -32.79 -3.33 38.44
N ASP C 213 -31.80 -4.18 38.69
CA ASP C 213 -32.07 -5.59 38.94
C ASP C 213 -32.65 -5.82 40.33
N GLN C 214 -32.12 -5.12 41.33
CA GLN C 214 -32.60 -5.27 42.70
C GLN C 214 -34.08 -4.91 42.78
N GLN C 215 -34.48 -3.94 41.95
CA GLN C 215 -35.86 -3.49 41.92
C GLN C 215 -36.70 -4.43 41.06
N GLY C 216 -36.04 -5.39 40.42
CA GLY C 216 -36.74 -6.33 39.57
C GLY C 216 -36.75 -7.73 40.17
N GLY C 217 -36.24 -7.86 41.38
CA GLY C 217 -36.20 -9.14 42.04
C GLY C 217 -35.09 -10.06 41.55
N ARG C 218 -34.16 -9.51 40.79
CA ARG C 218 -33.04 -10.29 40.25
C ARG C 218 -31.74 -10.00 40.97
N GLU C 219 -30.96 -11.04 41.24
CA GLU C 219 -29.67 -10.91 41.92
C GLU C 219 -28.60 -11.59 41.07
N PHE C 220 -27.58 -10.83 40.69
CA PHE C 220 -26.50 -11.35 39.87
C PHE C 220 -25.13 -11.20 40.52
N TRP C 221 -25.00 -10.28 41.47
CA TRP C 221 -23.74 -10.07 42.17
C TRP C 221 -23.44 -11.33 42.97
N PRO C 222 -22.20 -11.85 42.88
CA PRO C 222 -21.84 -13.07 43.61
C PRO C 222 -22.03 -12.93 45.11
N GLN C 223 -22.78 -13.87 45.68
CA GLN C 223 -23.08 -13.87 47.11
C GLN C 223 -21.84 -13.98 48.01
N GLU C 224 -20.87 -14.78 47.62
CA GLU C 224 -19.66 -14.92 48.43
C GLU C 224 -18.89 -13.61 48.54
N VAL C 225 -19.17 -12.68 47.62
CA VAL C 225 -18.50 -11.38 47.65
C VAL C 225 -19.28 -10.36 48.47
N TRP C 226 -20.53 -10.13 48.09
CA TRP C 226 -21.35 -9.15 48.81
C TRP C 226 -21.71 -9.56 50.25
N SER C 227 -21.76 -10.86 50.52
CA SER C 227 -22.10 -11.30 51.87
C SER C 227 -21.00 -10.88 52.85
N ARG C 228 -19.82 -10.55 52.32
CA ARG C 228 -18.71 -10.11 53.16
C ARG C 228 -18.88 -8.63 53.54
N TYR C 229 -19.90 -8.00 52.97
CA TYR C 229 -20.18 -6.59 53.24
C TYR C 229 -21.47 -6.39 54.01
N VAL C 230 -22.58 -6.90 53.47
CA VAL C 230 -23.88 -6.78 54.11
C VAL C 230 -24.57 -8.13 54.22
N LYS C 231 -25.77 -8.15 54.82
CA LYS C 231 -26.53 -9.38 55.00
C LYS C 231 -27.40 -9.72 53.81
N LYS C 232 -27.94 -8.69 53.16
CA LYS C 232 -28.77 -8.87 51.98
C LYS C 232 -28.23 -8.00 50.85
N LEU C 233 -28.22 -8.53 49.64
CA LEU C 233 -27.71 -7.76 48.49
C LEU C 233 -28.49 -6.47 48.37
N GLY C 234 -29.77 -6.52 48.73
CA GLY C 234 -30.61 -5.34 48.64
C GLY C 234 -30.21 -4.24 49.62
N ASP C 235 -29.37 -4.58 50.60
CA ASP C 235 -28.94 -3.59 51.57
C ASP C 235 -28.07 -2.50 50.97
N PHE C 236 -27.42 -2.79 49.84
CA PHE C 236 -26.57 -1.80 49.19
C PHE C 236 -27.39 -0.60 48.74
N ALA C 237 -28.70 -0.79 48.63
CA ALA C 237 -29.59 0.27 48.21
C ALA C 237 -29.95 1.18 49.39
N LEU C 238 -29.51 0.80 50.60
CA LEU C 238 -29.78 1.60 51.79
C LEU C 238 -28.65 2.61 52.02
N PRO C 239 -28.98 3.91 51.96
CA PRO C 239 -28.06 5.03 52.14
C PRO C 239 -27.02 4.88 53.25
N GLU C 240 -27.38 4.19 54.33
CA GLU C 240 -26.44 4.00 55.42
C GLU C 240 -25.38 2.94 55.11
N ASN C 241 -25.54 2.27 53.98
CA ASN C 241 -24.60 1.24 53.58
C ASN C 241 -23.79 1.63 52.35
N ILE C 242 -23.91 2.89 51.93
CA ILE C 242 -23.22 3.39 50.75
C ILE C 242 -21.71 3.12 50.73
N ASP C 243 -21.07 3.22 51.89
CA ASP C 243 -19.62 2.98 51.96
C ASP C 243 -19.27 1.52 51.67
N LEU C 244 -20.02 0.60 52.26
CA LEU C 244 -19.78 -0.82 52.05
C LEU C 244 -20.13 -1.21 50.63
N ALA C 245 -21.21 -0.62 50.11
CA ALA C 245 -21.66 -0.89 48.75
C ALA C 245 -20.57 -0.53 47.74
N VAL C 246 -20.04 0.69 47.85
CA VAL C 246 -19.00 1.16 46.94
C VAL C 246 -17.74 0.28 47.05
N GLN C 247 -17.46 -0.22 48.25
CA GLN C 247 -16.31 -1.08 48.43
C GLN C 247 -16.52 -2.38 47.65
N CYS C 248 -17.73 -2.92 47.74
CA CYS C 248 -18.06 -4.15 47.03
C CYS C 248 -18.00 -3.90 45.52
N LEU C 249 -18.60 -2.77 45.11
CA LEU C 249 -18.61 -2.36 43.71
C LEU C 249 -17.19 -2.38 43.16
N ASN C 250 -16.27 -1.79 43.92
CA ASN C 250 -14.87 -1.72 43.51
C ASN C 250 -14.22 -3.10 43.43
N GLU C 251 -14.64 -4.02 44.30
CA GLU C 251 -14.06 -5.36 44.29
C GLU C 251 -14.51 -6.10 43.03
N LEU C 252 -15.77 -5.94 42.65
CA LEU C 252 -16.28 -6.60 41.45
C LEU C 252 -15.69 -6.01 40.18
N ILE C 253 -15.53 -4.68 40.16
CA ILE C 253 -14.95 -4.00 39.01
C ILE C 253 -13.52 -4.51 38.81
N THR C 254 -12.80 -4.64 39.92
CA THR C 254 -11.42 -5.11 39.89
C THR C 254 -11.38 -6.50 39.29
N ASN C 255 -12.38 -7.32 39.66
CA ASN C 255 -12.50 -8.68 39.14
C ASN C 255 -12.63 -8.62 37.62
N ALA C 256 -13.55 -7.80 37.13
CA ALA C 256 -13.77 -7.68 35.68
C ALA C 256 -12.56 -7.17 34.92
N LEU C 257 -11.77 -6.29 35.52
CA LEU C 257 -10.60 -5.75 34.86
C LEU C 257 -9.61 -6.83 34.45
N HIS C 258 -9.64 -7.97 35.14
CA HIS C 258 -8.74 -9.06 34.80
C HIS C 258 -8.93 -9.65 33.41
N HIS C 259 -10.07 -9.33 32.77
CA HIS C 259 -10.34 -9.84 31.42
C HIS C 259 -9.74 -8.95 30.33
N ILE C 260 -9.31 -7.75 30.70
CA ILE C 260 -8.77 -6.80 29.74
C ILE C 260 -7.58 -7.31 28.92
N PRO C 261 -6.60 -7.97 29.56
CA PRO C 261 -5.46 -8.47 28.79
C PRO C 261 -5.93 -9.37 27.64
N ASP C 262 -6.90 -10.23 27.93
CA ASP C 262 -7.46 -11.13 26.93
C ASP C 262 -8.21 -10.34 25.86
N VAL C 263 -8.93 -9.30 26.26
CA VAL C 263 -9.68 -8.49 25.30
C VAL C 263 -8.72 -7.83 24.31
N ILE C 264 -7.62 -7.29 24.81
CA ILE C 264 -6.64 -6.65 23.94
C ILE C 264 -6.06 -7.71 23.00
N THR C 265 -5.75 -8.89 23.54
CA THR C 265 -5.19 -9.98 22.72
C THR C 265 -6.16 -10.37 21.62
N TYR C 266 -7.42 -10.56 22.00
CA TYR C 266 -8.43 -10.95 21.04
C TYR C 266 -8.54 -9.91 19.92
N LEU C 267 -8.76 -8.66 20.29
CA LEU C 267 -8.91 -7.61 19.29
C LEU C 267 -7.66 -7.44 18.42
N SER C 268 -6.47 -7.59 19.02
CA SER C 268 -5.24 -7.43 18.26
C SER C 268 -5.11 -8.45 17.14
N ARG C 269 -5.86 -9.54 17.22
CA ARG C 269 -5.80 -10.60 16.20
C ARG C 269 -6.76 -10.44 15.02
N LEU C 270 -7.72 -9.54 15.13
CA LEU C 270 -8.69 -9.32 14.06
C LEU C 270 -8.08 -8.61 12.86
N ARG C 271 -8.45 -9.05 11.66
CA ARG C 271 -7.95 -8.46 10.42
C ARG C 271 -9.05 -7.84 9.57
N ASN C 272 -10.30 -8.22 9.83
CA ASN C 272 -11.43 -7.68 9.06
C ASN C 272 -12.05 -6.46 9.73
N GLN C 273 -12.05 -5.34 9.01
CA GLN C 273 -12.58 -4.09 9.53
C GLN C 273 -14.02 -4.18 10.07
N SER C 274 -14.92 -4.82 9.32
CA SER C 274 -16.30 -4.92 9.80
C SER C 274 -16.35 -5.75 11.08
N VAL C 275 -15.52 -6.78 11.18
CA VAL C 275 -15.51 -7.61 12.39
C VAL C 275 -14.89 -6.82 13.54
N PHE C 276 -13.84 -6.05 13.25
CA PHE C 276 -13.16 -5.25 14.27
C PHE C 276 -14.14 -4.26 14.89
N ASN C 277 -14.89 -3.54 14.05
CA ASN C 277 -15.86 -2.57 14.54
C ASN C 277 -16.88 -3.27 15.45
N PHE C 278 -17.40 -4.40 14.98
CA PHE C 278 -18.39 -5.18 15.71
C PHE C 278 -17.90 -5.59 17.11
N CYS C 279 -16.65 -6.02 17.19
CA CYS C 279 -16.05 -6.46 18.45
C CYS C 279 -15.48 -5.35 19.33
N ALA C 280 -14.77 -4.40 18.74
CA ALA C 280 -14.13 -3.34 19.50
C ALA C 280 -15.05 -2.32 20.14
N ILE C 281 -16.06 -1.85 19.41
CA ILE C 281 -16.95 -0.84 19.98
C ILE C 281 -17.61 -1.24 21.30
N PRO C 282 -18.25 -2.42 21.34
CA PRO C 282 -18.89 -2.83 22.60
C PRO C 282 -17.89 -2.95 23.75
N GLN C 283 -16.67 -3.40 23.47
CA GLN C 283 -15.67 -3.53 24.52
C GLN C 283 -15.26 -2.16 25.06
N VAL C 284 -15.10 -1.18 24.16
CA VAL C 284 -14.72 0.17 24.59
C VAL C 284 -15.84 0.80 25.42
N MET C 285 -17.10 0.60 25.02
CA MET C 285 -18.21 1.16 25.76
C MET C 285 -18.30 0.54 27.15
N ALA C 286 -17.99 -0.75 27.25
CA ALA C 286 -18.03 -1.45 28.53
C ALA C 286 -16.92 -0.92 29.43
N ILE C 287 -15.74 -0.69 28.87
CA ILE C 287 -14.63 -0.18 29.65
C ILE C 287 -14.93 1.23 30.13
N ALA C 288 -15.52 2.04 29.25
CA ALA C 288 -15.88 3.42 29.61
C ALA C 288 -16.88 3.37 30.76
N THR C 289 -17.76 2.38 30.73
CA THR C 289 -18.78 2.21 31.76
C THR C 289 -18.15 1.89 33.11
N LEU C 290 -17.22 0.95 33.14
CA LEU C 290 -16.56 0.57 34.39
C LEU C 290 -15.82 1.76 34.97
N ALA C 291 -15.16 2.53 34.10
CA ALA C 291 -14.42 3.70 34.54
C ALA C 291 -15.39 4.71 35.17
N ALA C 292 -16.57 4.83 34.59
CA ALA C 292 -17.55 5.77 35.11
C ALA C 292 -18.13 5.28 36.45
N CYS C 293 -18.19 3.96 36.64
CA CYS C 293 -18.74 3.39 37.86
C CYS C 293 -17.77 3.24 39.02
N TYR C 294 -16.48 3.13 38.71
CA TYR C 294 -15.48 2.94 39.75
C TYR C 294 -15.55 3.97 40.88
N ASN C 295 -15.68 3.46 42.10
CA ASN C 295 -15.75 4.31 43.29
C ASN C 295 -16.80 5.41 43.11
N ASN C 296 -17.91 5.05 42.48
CA ASN C 296 -18.99 6.01 42.22
C ASN C 296 -20.26 5.62 42.97
N GLN C 297 -20.63 6.43 43.96
CA GLN C 297 -21.83 6.16 44.76
C GLN C 297 -23.09 6.15 43.93
N GLN C 298 -23.08 6.88 42.81
CA GLN C 298 -24.24 6.96 41.94
C GLN C 298 -24.73 5.60 41.45
N VAL C 299 -23.84 4.62 41.40
CA VAL C 299 -24.23 3.28 40.97
C VAL C 299 -25.44 2.78 41.76
N PHE C 300 -25.48 3.12 43.04
CA PHE C 300 -26.56 2.68 43.92
C PHE C 300 -27.69 3.69 44.04
N LYS C 301 -27.75 4.61 43.10
CA LYS C 301 -28.80 5.63 43.09
C LYS C 301 -29.35 5.80 41.67
N GLY C 302 -29.14 4.78 40.84
CA GLY C 302 -29.60 4.82 39.47
C GLY C 302 -28.50 4.53 38.47
N ALA C 303 -28.73 4.87 37.20
CA ALA C 303 -27.74 4.68 36.15
C ALA C 303 -26.63 5.71 36.35
N VAL C 304 -25.42 5.41 35.89
CA VAL C 304 -24.26 6.29 36.07
C VAL C 304 -23.85 7.15 34.87
N LEU C 305 -23.14 8.22 35.17
CA LEU C 305 -22.63 9.18 34.19
C LEU C 305 -21.48 8.61 33.34
N ILE C 306 -21.79 8.06 32.17
CA ILE C 306 -20.74 7.50 31.32
C ILE C 306 -19.86 8.65 30.86
N ARG C 307 -18.91 8.98 31.73
CA ARG C 307 -17.96 10.07 31.55
C ARG C 307 -17.38 10.13 30.14
N ALA C 311 -9.75 13.15 26.98
CA ALA C 311 -8.54 13.96 26.84
C ALA C 311 -7.91 13.70 25.47
N VAL C 312 -6.99 12.74 25.42
CA VAL C 312 -6.32 12.40 24.17
C VAL C 312 -7.24 11.46 23.39
N THR C 313 -8.35 11.08 24.01
CA THR C 313 -9.33 10.19 23.42
C THR C 313 -10.18 10.91 22.38
N LEU C 314 -10.67 12.09 22.76
CA LEU C 314 -11.52 12.90 21.90
C LEU C 314 -11.16 12.88 20.42
N MET C 315 -9.86 12.92 20.12
CA MET C 315 -9.39 12.94 18.74
C MET C 315 -9.30 11.58 18.06
N MET C 316 -9.76 10.52 18.71
CA MET C 316 -9.68 9.20 18.09
C MET C 316 -10.85 8.30 18.47
N ASP C 317 -11.32 7.53 17.49
CA ASP C 317 -12.43 6.61 17.73
C ASP C 317 -11.91 5.19 17.79
N ALA C 318 -12.78 4.23 18.01
CA ALA C 318 -12.37 2.84 18.16
C ALA C 318 -12.42 2.01 16.88
N THR C 319 -11.77 2.46 15.82
CA THR C 319 -11.80 1.71 14.57
C THR C 319 -10.45 1.15 14.11
N ASN C 320 -9.39 1.37 14.88
CA ASN C 320 -8.10 0.76 14.54
C ASN C 320 -7.51 0.31 15.87
N MET C 321 -6.78 -0.80 15.86
CA MET C 321 -6.24 -1.36 17.09
C MET C 321 -5.40 -0.42 17.94
N PRO C 322 -4.44 0.32 17.33
CA PRO C 322 -3.65 1.22 18.17
C PRO C 322 -4.51 2.25 18.90
N ALA C 323 -5.53 2.76 18.23
CA ALA C 323 -6.42 3.74 18.86
C ALA C 323 -7.20 3.08 20.01
N VAL C 324 -7.66 1.86 19.78
CA VAL C 324 -8.41 1.12 20.79
C VAL C 324 -7.53 0.90 22.03
N LYS C 325 -6.27 0.54 21.81
CA LYS C 325 -5.35 0.34 22.93
C LYS C 325 -5.25 1.63 23.73
N ALA C 326 -5.05 2.75 23.03
CA ALA C 326 -4.92 4.06 23.67
C ALA C 326 -6.16 4.43 24.46
N ILE C 327 -7.33 4.20 23.90
CA ILE C 327 -8.57 4.52 24.56
C ILE C 327 -8.69 3.66 25.81
N ILE C 328 -8.38 2.37 25.67
CA ILE C 328 -8.45 1.45 26.81
C ILE C 328 -7.47 1.90 27.90
N TYR C 329 -6.23 2.18 27.52
CA TYR C 329 -5.23 2.62 28.51
C TYR C 329 -5.65 3.91 29.21
N GLN C 330 -6.28 4.83 28.48
CA GLN C 330 -6.72 6.08 29.08
C GLN C 330 -7.77 5.81 30.14
N TYR C 331 -8.72 4.92 29.84
CA TYR C 331 -9.76 4.59 30.81
C TYR C 331 -9.18 3.89 32.05
N MET C 332 -8.13 3.09 31.85
CA MET C 332 -7.50 2.41 32.98
C MET C 332 -6.92 3.46 33.93
N GLU C 333 -6.40 4.55 33.37
CA GLU C 333 -5.82 5.60 34.18
C GLU C 333 -6.91 6.40 34.92
N GLU C 334 -8.07 6.57 34.29
CA GLU C 334 -9.16 7.28 34.94
C GLU C 334 -9.50 6.53 36.22
N ILE C 335 -9.44 5.20 36.15
CA ILE C 335 -9.72 4.35 37.31
C ILE C 335 -8.58 4.46 38.30
N TYR C 336 -7.36 4.28 37.81
CA TYR C 336 -6.18 4.33 38.65
C TYR C 336 -6.12 5.63 39.45
N HIS C 337 -6.39 6.75 38.80
CA HIS C 337 -6.38 8.07 39.45
C HIS C 337 -7.34 8.17 40.63
N ARG C 338 -8.41 7.38 40.61
CA ARG C 338 -9.43 7.41 41.65
C ARG C 338 -9.33 6.36 42.75
N ILE C 339 -8.33 5.49 42.68
CA ILE C 339 -8.17 4.45 43.69
C ILE C 339 -7.75 5.01 45.04
N PRO C 340 -8.66 4.98 46.02
CA PRO C 340 -8.31 5.51 47.34
C PRO C 340 -7.56 4.44 48.13
N ASP C 341 -6.47 4.85 48.78
CA ASP C 341 -5.64 3.94 49.55
C ASP C 341 -6.41 3.12 50.58
N SER C 342 -7.49 3.69 51.11
CA SER C 342 -8.29 3.01 52.12
C SER C 342 -9.21 1.90 51.61
N ASN C 343 -9.48 1.86 50.32
CA ASN C 343 -10.35 0.81 49.75
C ASN C 343 -9.68 -0.55 49.97
N PRO C 344 -10.45 -1.58 50.37
CA PRO C 344 -9.92 -2.92 50.63
C PRO C 344 -9.26 -3.60 49.43
N SER C 345 -9.71 -3.22 48.23
CA SER C 345 -9.18 -3.80 47.00
C SER C 345 -8.14 -2.92 46.29
N SER C 346 -7.82 -1.77 46.87
CA SER C 346 -6.87 -0.84 46.26
C SER C 346 -5.61 -1.48 45.69
N SER C 347 -4.92 -2.32 46.46
CA SER C 347 -3.70 -2.97 45.96
C SER C 347 -3.96 -3.88 44.76
N LYS C 348 -5.07 -4.59 44.78
CA LYS C 348 -5.41 -5.50 43.69
C LYS C 348 -5.76 -4.71 42.44
N THR C 349 -6.46 -3.60 42.62
CA THR C 349 -6.86 -2.76 41.50
C THR C 349 -5.63 -2.17 40.83
N ARG C 350 -4.68 -1.70 41.64
CA ARG C 350 -3.45 -1.12 41.10
C ARG C 350 -2.65 -2.19 40.38
N GLN C 351 -2.64 -3.38 40.96
CA GLN C 351 -1.92 -4.53 40.43
C GLN C 351 -2.36 -4.97 39.03
N ILE C 352 -3.67 -5.12 38.82
CA ILE C 352 -4.13 -5.55 37.50
C ILE C 352 -3.92 -4.45 36.46
N ILE C 353 -4.15 -3.20 36.86
CA ILE C 353 -3.95 -2.09 35.93
C ILE C 353 -2.48 -2.02 35.54
N SER C 354 -1.59 -2.23 36.51
CA SER C 354 -0.16 -2.22 36.26
C SER C 354 0.24 -3.31 35.25
N THR C 355 -0.46 -4.44 35.31
CA THR C 355 -0.20 -5.56 34.40
C THR C 355 -0.66 -5.19 33.00
N ILE C 356 -1.80 -4.51 32.91
CA ILE C 356 -2.35 -4.08 31.63
C ILE C 356 -1.44 -3.03 31.00
N ARG C 357 -0.86 -2.16 31.83
CA ARG C 357 0.03 -1.09 31.35
C ARG C 357 1.33 -1.64 30.77
N THR C 358 1.97 -2.52 31.53
CA THR C 358 3.26 -3.10 31.17
C THR C 358 3.25 -4.15 30.07
N GLN C 359 2.19 -4.94 29.98
CA GLN C 359 2.11 -5.97 28.95
C GLN C 359 2.15 -5.38 27.55
N ASN C 360 2.98 -5.96 26.68
CA ASN C 360 3.08 -5.49 25.31
C ASN C 360 2.23 -6.34 24.39
N SER D 27 -5.52 16.95 -26.60
CA SER D 27 -5.10 17.94 -27.58
C SER D 27 -4.13 17.33 -28.58
N SER D 28 -4.11 17.89 -29.79
CA SER D 28 -3.21 17.39 -30.81
C SER D 28 -1.79 17.86 -30.46
N SER D 29 -1.69 19.02 -29.81
CA SER D 29 -0.38 19.54 -29.45
C SER D 29 0.36 18.62 -28.46
N LEU D 30 -0.38 18.01 -27.53
CA LEU D 30 0.27 17.11 -26.57
C LEU D 30 0.64 15.83 -27.31
N LYS D 31 -0.21 15.43 -28.26
CA LYS D 31 0.05 14.24 -29.04
C LYS D 31 1.31 14.46 -29.87
N THR D 32 1.45 15.68 -30.41
CA THR D 32 2.62 16.00 -31.22
C THR D 32 3.88 15.96 -30.36
N CYS D 33 3.76 16.43 -29.13
CA CYS D 33 4.90 16.43 -28.23
C CYS D 33 5.41 15.00 -28.04
N TYR D 34 4.51 14.06 -27.78
CA TYR D 34 4.93 12.67 -27.59
C TYR D 34 5.47 12.07 -28.87
N LYS D 35 5.00 12.56 -30.01
CA LYS D 35 5.51 12.06 -31.28
C LYS D 35 6.98 12.48 -31.35
N TYR D 36 7.27 13.73 -30.99
CA TYR D 36 8.64 14.20 -31.01
C TYR D 36 9.51 13.45 -30.00
N LEU D 37 8.94 13.17 -28.83
CA LEU D 37 9.67 12.45 -27.79
C LEU D 37 10.17 11.13 -28.35
N ASN D 38 9.27 10.39 -28.99
CA ASN D 38 9.62 9.10 -29.56
C ASN D 38 10.58 9.20 -30.74
N GLN D 39 10.47 10.26 -31.52
CA GLN D 39 11.34 10.44 -32.67
C GLN D 39 12.76 10.88 -32.28
N THR D 40 12.89 11.51 -31.11
CA THR D 40 14.19 11.98 -30.68
C THR D 40 14.89 11.19 -29.57
N SER D 41 14.12 10.47 -28.74
CA SER D 41 14.76 9.72 -27.66
C SER D 41 14.68 8.21 -27.74
N ARG D 42 15.84 7.58 -27.92
CA ARG D 42 15.95 6.13 -28.02
C ARG D 42 16.00 5.53 -26.62
N SER D 43 16.78 6.15 -25.75
CA SER D 43 16.99 5.67 -24.39
C SER D 43 15.99 6.07 -23.31
N PHE D 44 15.22 7.14 -23.51
CA PHE D 44 14.30 7.58 -22.48
C PHE D 44 12.81 7.64 -22.81
N ALA D 45 12.47 7.68 -24.09
CA ALA D 45 11.06 7.77 -24.49
C ALA D 45 10.14 6.78 -23.77
N ALA D 46 10.54 5.51 -23.74
CA ALA D 46 9.72 4.46 -23.12
C ALA D 46 9.54 4.63 -21.62
N VAL D 47 10.63 4.82 -20.89
CA VAL D 47 10.55 4.98 -19.43
C VAL D 47 9.84 6.27 -19.02
N ILE D 48 9.91 7.30 -19.85
CA ILE D 48 9.24 8.56 -19.55
C ILE D 48 7.73 8.37 -19.66
N GLN D 49 7.28 7.78 -20.76
CA GLN D 49 5.85 7.56 -20.96
C GLN D 49 5.29 6.58 -19.94
N ALA D 50 6.17 5.87 -19.23
CA ALA D 50 5.71 4.92 -18.21
C ALA D 50 5.60 5.56 -16.82
N LEU D 51 5.94 6.84 -16.69
CA LEU D 51 5.86 7.52 -15.40
C LEU D 51 4.40 7.71 -14.97
N ASP D 52 4.13 7.67 -13.67
CA ASP D 52 2.77 7.83 -13.14
C ASP D 52 2.24 9.27 -13.24
N GLY D 53 0.93 9.37 -13.40
CA GLY D 53 0.24 10.65 -13.46
C GLY D 53 0.93 11.89 -14.00
N GLU D 54 0.94 12.94 -13.18
CA GLU D 54 1.53 14.23 -13.54
C GLU D 54 2.96 14.21 -14.05
N MET D 55 3.81 13.37 -13.47
CA MET D 55 5.22 13.31 -13.86
C MET D 55 5.42 13.05 -15.36
N ARG D 56 4.48 12.33 -15.96
CA ARG D 56 4.55 11.97 -17.37
C ARG D 56 4.73 13.18 -18.30
N ASN D 57 3.75 14.07 -18.32
CA ASN D 57 3.83 15.24 -19.20
C ASN D 57 4.96 16.20 -18.82
N ALA D 58 5.18 16.39 -17.52
CA ALA D 58 6.21 17.30 -17.05
C ALA D 58 7.60 16.83 -17.51
N VAL D 59 7.87 15.54 -17.41
CA VAL D 59 9.18 15.01 -17.80
C VAL D 59 9.29 14.97 -19.33
N CYS D 60 8.19 14.65 -20.00
CA CYS D 60 8.20 14.63 -21.46
C CYS D 60 8.56 16.03 -21.98
N ILE D 61 7.91 17.05 -21.43
CA ILE D 61 8.16 18.42 -21.85
C ILE D 61 9.58 18.87 -21.51
N PHE D 62 10.04 18.50 -20.31
CA PHE D 62 11.38 18.87 -19.88
C PHE D 62 12.41 18.32 -20.88
N TYR D 63 12.21 17.08 -21.31
CA TYR D 63 13.10 16.45 -22.29
C TYR D 63 13.10 17.21 -23.62
N LEU D 64 11.92 17.51 -24.14
CA LEU D 64 11.81 18.22 -25.42
C LEU D 64 12.46 19.61 -25.42
N VAL D 65 12.26 20.38 -24.35
CA VAL D 65 12.86 21.71 -24.29
C VAL D 65 14.39 21.57 -24.22
N LEU D 66 14.88 20.57 -23.50
CA LEU D 66 16.32 20.37 -23.40
C LEU D 66 16.85 19.88 -24.74
N ARG D 67 16.01 19.17 -25.49
CA ARG D 67 16.41 18.67 -26.80
C ARG D 67 16.53 19.86 -27.75
N ALA D 68 15.63 20.82 -27.62
CA ALA D 68 15.64 22.01 -28.46
C ALA D 68 16.86 22.86 -28.14
N LEU D 69 17.20 22.97 -26.86
CA LEU D 69 18.35 23.77 -26.44
C LEU D 69 19.65 23.16 -26.94
N ASP D 70 19.79 21.85 -26.77
CA ASP D 70 20.99 21.15 -27.20
C ASP D 70 21.16 21.23 -28.71
N THR D 71 20.06 21.20 -29.44
CA THR D 71 20.10 21.27 -30.90
C THR D 71 20.68 22.63 -31.30
N LEU D 72 20.26 23.68 -30.61
CA LEU D 72 20.77 25.02 -30.90
C LEU D 72 22.26 25.05 -30.57
N GLU D 73 22.59 24.48 -29.43
CA GLU D 73 23.97 24.45 -28.95
C GLU D 73 24.91 23.74 -29.92
N ASP D 74 24.44 22.69 -30.58
CA ASP D 74 25.27 21.93 -31.51
C ASP D 74 25.33 22.44 -32.95
N ASP D 75 24.40 23.32 -33.33
CA ASP D 75 24.37 23.84 -34.69
C ASP D 75 25.56 24.77 -34.94
N MET D 76 26.53 24.27 -35.69
CA MET D 76 27.73 25.04 -35.97
C MET D 76 27.53 26.12 -37.03
N THR D 77 26.40 26.09 -37.72
CA THR D 77 26.11 27.08 -38.74
C THR D 77 25.58 28.35 -38.09
N ILE D 78 25.50 28.33 -36.76
CA ILE D 78 25.02 29.49 -36.02
C ILE D 78 26.22 30.18 -35.38
N SER D 79 26.47 31.42 -35.78
CA SER D 79 27.61 32.17 -35.25
C SER D 79 27.51 32.38 -33.74
N VAL D 80 28.67 32.50 -33.10
CA VAL D 80 28.75 32.69 -31.66
C VAL D 80 27.93 33.88 -31.20
N GLU D 81 28.14 35.04 -31.81
CA GLU D 81 27.40 36.24 -31.43
C GLU D 81 25.89 36.04 -31.54
N LYS D 82 25.48 35.02 -32.29
CA LYS D 82 24.06 34.76 -32.46
C LYS D 82 23.62 33.64 -31.53
N LYS D 83 24.51 32.69 -31.30
CA LYS D 83 24.19 31.55 -30.44
C LYS D 83 24.17 31.86 -28.95
N VAL D 84 25.18 32.59 -28.48
CA VAL D 84 25.24 32.92 -27.05
C VAL D 84 23.93 33.46 -26.47
N PRO D 85 23.38 34.53 -27.08
CA PRO D 85 22.11 35.07 -26.54
C PRO D 85 20.95 34.08 -26.63
N LEU D 86 20.96 33.21 -27.63
CA LEU D 86 19.90 32.23 -27.78
C LEU D 86 19.95 31.22 -26.63
N LEU D 87 21.16 30.78 -26.27
CA LEU D 87 21.33 29.84 -25.17
C LEU D 87 20.93 30.53 -23.87
N HIS D 88 21.40 31.77 -23.71
CA HIS D 88 21.08 32.56 -22.52
C HIS D 88 19.60 32.85 -22.37
N ASN D 89 18.93 33.10 -23.48
CA ASN D 89 17.51 33.46 -23.45
C ASN D 89 16.52 32.35 -23.77
N PHE D 90 17.02 31.14 -23.99
CA PHE D 90 16.15 30.02 -24.33
C PHE D 90 15.00 29.84 -23.33
N HIS D 91 15.32 29.88 -22.05
CA HIS D 91 14.32 29.74 -20.99
C HIS D 91 13.16 30.74 -21.16
N SER D 92 13.46 31.92 -21.70
CA SER D 92 12.43 32.93 -21.89
C SER D 92 11.46 32.61 -23.02
N PHE D 93 11.91 31.82 -24.00
CA PHE D 93 11.06 31.46 -25.14
C PHE D 93 9.89 30.56 -24.74
N LEU D 94 10.03 29.91 -23.59
CA LEU D 94 8.99 29.03 -23.06
C LEU D 94 7.68 29.77 -22.84
N TYR D 95 7.80 31.07 -22.57
CA TYR D 95 6.64 31.92 -22.30
C TYR D 95 6.17 32.71 -23.52
N GLN D 96 6.97 32.69 -24.59
CA GLN D 96 6.61 33.42 -25.81
C GLN D 96 5.89 32.47 -26.75
N PRO D 97 4.55 32.58 -26.79
CA PRO D 97 3.69 31.73 -27.63
C PRO D 97 4.15 31.52 -29.07
N ASP D 98 4.62 32.58 -29.71
CA ASP D 98 5.03 32.49 -31.12
C ASP D 98 6.50 32.22 -31.39
N TRP D 99 7.34 32.13 -30.37
CA TRP D 99 8.75 31.91 -30.63
C TRP D 99 9.02 30.58 -31.32
N ARG D 100 9.94 30.62 -32.27
CA ARG D 100 10.37 29.44 -33.00
C ARG D 100 11.67 29.79 -33.71
N PHE D 101 12.45 28.77 -34.08
CA PHE D 101 13.72 29.00 -34.77
C PHE D 101 13.66 28.26 -36.10
N MET D 102 13.77 28.99 -37.20
CA MET D 102 13.68 28.40 -38.53
C MET D 102 14.99 28.24 -39.29
N GLU D 103 16.13 28.51 -38.66
CA GLU D 103 17.41 28.41 -39.36
C GLU D 103 18.35 27.28 -38.92
N SER D 104 17.79 26.19 -38.40
CA SER D 104 18.63 25.09 -37.98
C SER D 104 18.72 24.05 -39.09
N LYS D 105 19.90 23.46 -39.24
CA LYS D 105 20.11 22.44 -40.25
C LYS D 105 20.44 21.12 -39.58
N GLU D 106 20.11 21.03 -38.30
CA GLU D 106 20.35 19.82 -37.53
C GLU D 106 19.23 18.81 -37.79
N LYS D 107 19.48 17.56 -37.42
CA LYS D 107 18.50 16.50 -37.62
C LYS D 107 17.17 16.72 -36.88
N ASP D 108 17.24 17.13 -35.61
CA ASP D 108 16.03 17.34 -34.82
C ASP D 108 15.49 18.78 -34.85
N ARG D 109 15.77 19.50 -35.93
CA ARG D 109 15.32 20.88 -36.06
C ARG D 109 13.80 21.08 -35.95
N GLN D 110 13.04 20.00 -36.09
CA GLN D 110 11.59 20.08 -36.02
C GLN D 110 11.11 20.62 -34.66
N VAL D 111 11.81 20.29 -33.59
CA VAL D 111 11.42 20.75 -32.26
C VAL D 111 11.66 22.25 -32.10
N LEU D 112 12.50 22.80 -32.98
CA LEU D 112 12.82 24.22 -32.95
C LEU D 112 11.85 24.96 -33.85
N GLU D 113 11.55 24.38 -35.02
CA GLU D 113 10.62 25.01 -35.96
C GLU D 113 9.20 24.98 -35.41
N ASP D 114 8.87 23.94 -34.65
CA ASP D 114 7.54 23.85 -34.06
C ASP D 114 7.61 23.98 -32.54
N PHE D 115 8.49 24.88 -32.08
CA PHE D 115 8.64 25.09 -30.65
C PHE D 115 7.34 25.59 -30.01
N PRO D 116 6.52 26.36 -30.75
CA PRO D 116 5.26 26.86 -30.18
C PRO D 116 4.37 25.74 -29.63
N THR D 117 4.49 24.56 -30.24
CA THR D 117 3.70 23.40 -29.82
C THR D 117 4.21 22.86 -28.49
N ILE D 118 5.53 22.88 -28.32
CA ILE D 118 6.15 22.42 -27.10
C ILE D 118 5.96 23.45 -25.99
N SER D 119 6.19 24.72 -26.30
CA SER D 119 6.04 25.78 -25.31
C SER D 119 4.60 25.86 -24.81
N LEU D 120 3.64 25.60 -25.69
CA LEU D 120 2.23 25.62 -25.32
C LEU D 120 1.96 24.59 -24.22
N GLU D 121 2.49 23.38 -24.41
CA GLU D 121 2.29 22.33 -23.42
C GLU D 121 3.06 22.58 -22.13
N PHE D 122 4.16 23.33 -22.23
CA PHE D 122 4.94 23.70 -21.06
C PHE D 122 4.08 24.65 -20.22
N ARG D 123 3.43 25.59 -20.88
CA ARG D 123 2.59 26.55 -20.20
C ARG D 123 1.30 25.92 -19.66
N ASN D 124 1.02 24.68 -20.07
CA ASN D 124 -0.16 23.96 -19.58
C ASN D 124 0.18 23.12 -18.36
N LEU D 125 1.48 22.95 -18.08
CA LEU D 125 1.90 22.18 -16.92
C LEU D 125 1.59 22.99 -15.65
N ALA D 126 1.45 22.31 -14.52
CA ALA D 126 1.20 23.00 -13.27
C ALA D 126 2.37 23.97 -13.06
N GLU D 127 2.09 25.12 -12.46
CA GLU D 127 3.12 26.12 -12.22
C GLU D 127 4.37 25.59 -11.51
N LYS D 128 4.18 24.73 -10.51
CA LYS D 128 5.32 24.19 -9.78
C LYS D 128 6.32 23.47 -10.68
N TYR D 129 5.85 22.90 -11.79
CA TYR D 129 6.76 22.21 -12.71
C TYR D 129 7.40 23.22 -13.64
N GLN D 130 6.62 24.21 -14.05
CA GLN D 130 7.08 25.27 -14.92
C GLN D 130 8.28 25.99 -14.31
N THR D 131 8.17 26.34 -13.04
CA THR D 131 9.25 27.06 -12.37
C THR D 131 10.56 26.27 -12.39
N VAL D 132 10.46 24.96 -12.16
CA VAL D 132 11.65 24.11 -12.15
C VAL D 132 12.31 24.03 -13.54
N ILE D 133 11.50 23.72 -14.54
CA ILE D 133 12.00 23.60 -15.90
C ILE D 133 12.64 24.89 -16.38
N ALA D 134 11.95 26.01 -16.19
CA ALA D 134 12.48 27.30 -16.61
C ALA D 134 13.79 27.62 -15.89
N ASP D 135 13.82 27.41 -14.58
CA ASP D 135 15.02 27.69 -13.79
C ASP D 135 16.21 26.87 -14.32
N ILE D 136 16.01 25.57 -14.53
CA ILE D 136 17.07 24.71 -15.02
C ILE D 136 17.54 25.12 -16.42
N CYS D 137 16.58 25.42 -17.31
CA CYS D 137 16.92 25.84 -18.65
C CYS D 137 17.75 27.12 -18.64
N ARG D 138 17.43 28.03 -17.73
CA ARG D 138 18.16 29.28 -17.63
C ARG D 138 19.61 29.02 -17.23
N ARG D 139 19.79 28.18 -16.21
CA ARG D 139 21.11 27.85 -15.70
C ARG D 139 21.96 27.02 -16.67
N MET D 140 21.32 26.10 -17.40
CA MET D 140 22.04 25.27 -18.37
C MET D 140 22.48 26.13 -19.56
N GLY D 141 21.65 27.09 -19.94
CA GLY D 141 21.97 27.97 -21.05
C GLY D 141 23.20 28.81 -20.74
N ILE D 142 23.30 29.25 -19.49
CA ILE D 142 24.43 30.05 -19.05
C ILE D 142 25.69 29.21 -19.20
N GLY D 143 25.65 28.00 -18.64
CA GLY D 143 26.79 27.10 -18.70
C GLY D 143 27.17 26.68 -20.11
N MET D 144 26.18 26.43 -20.96
CA MET D 144 26.45 26.02 -22.33
C MET D 144 27.16 27.13 -23.09
N ALA D 145 26.72 28.37 -22.88
CA ALA D 145 27.36 29.50 -23.57
C ALA D 145 28.78 29.65 -23.07
N GLU D 146 29.00 29.36 -21.79
CA GLU D 146 30.33 29.47 -21.19
C GLU D 146 31.37 28.53 -21.78
N PHE D 147 30.94 27.36 -22.23
CA PHE D 147 31.87 26.39 -22.81
C PHE D 147 31.93 26.38 -24.34
N LEU D 148 31.29 27.35 -24.98
CA LEU D 148 31.31 27.43 -26.43
C LEU D 148 32.69 27.81 -26.95
N ASP D 149 33.31 28.76 -26.28
CA ASP D 149 34.62 29.28 -26.65
C ASP D 149 35.81 28.56 -26.01
N LYS D 150 35.54 27.44 -25.33
CA LYS D 150 36.62 26.70 -24.69
C LYS D 150 36.40 25.20 -24.60
N HIS D 151 37.46 24.50 -24.24
CA HIS D 151 37.43 23.06 -24.07
C HIS D 151 37.65 22.78 -22.59
N VAL D 152 37.42 21.54 -22.17
CA VAL D 152 37.60 21.19 -20.77
C VAL D 152 39.06 20.92 -20.47
N THR D 153 39.58 21.60 -19.45
CA THR D 153 40.98 21.43 -19.06
C THR D 153 41.12 20.55 -17.84
N SER D 154 40.88 21.11 -16.67
CA SER D 154 41.01 20.35 -15.43
C SER D 154 39.83 19.39 -15.21
N GLU D 155 40.00 18.48 -14.27
CA GLU D 155 38.95 17.52 -13.95
C GLU D 155 37.83 18.27 -13.26
N GLN D 156 38.17 19.37 -12.58
CA GLN D 156 37.18 20.17 -11.89
C GLN D 156 36.29 20.87 -12.92
N GLU D 157 36.88 21.25 -14.03
CA GLU D 157 36.14 21.91 -15.11
C GLU D 157 35.26 20.88 -15.80
N TRP D 158 35.72 19.63 -15.79
CA TRP D 158 34.99 18.55 -16.40
C TRP D 158 33.68 18.37 -15.60
N ASP D 159 33.79 18.40 -14.28
CA ASP D 159 32.62 18.28 -13.42
C ASP D 159 31.68 19.46 -13.63
N LYS D 160 32.28 20.63 -13.88
CA LYS D 160 31.50 21.84 -14.09
C LYS D 160 30.74 21.73 -15.41
N TYR D 161 31.42 21.23 -16.44
CA TYR D 161 30.80 21.07 -17.73
C TYR D 161 29.67 20.03 -17.65
N CYS D 162 29.95 18.90 -17.00
CA CYS D 162 28.93 17.87 -16.85
C CYS D 162 27.76 18.38 -16.00
N HIS D 163 28.07 19.24 -15.03
CA HIS D 163 27.03 19.82 -14.19
C HIS D 163 26.05 20.57 -15.07
N TYR D 164 26.59 21.45 -15.92
CA TYR D 164 25.77 22.25 -16.82
C TYR D 164 24.92 21.51 -17.83
N VAL D 165 25.40 20.39 -18.37
CA VAL D 165 24.63 19.67 -19.37
C VAL D 165 23.95 18.41 -18.88
N ALA D 166 24.23 18.00 -17.64
CA ALA D 166 23.65 16.78 -17.12
C ALA D 166 23.33 16.81 -15.62
N GLY D 167 24.26 17.32 -14.82
CA GLY D 167 24.03 17.37 -13.39
C GLY D 167 22.76 18.13 -13.08
N LEU D 168 22.60 19.28 -13.72
CA LEU D 168 21.42 20.12 -13.54
C LEU D 168 20.16 19.41 -13.98
N VAL D 169 20.29 18.47 -14.90
CA VAL D 169 19.14 17.72 -15.39
C VAL D 169 18.67 16.79 -14.28
N GLY D 170 19.62 16.13 -13.62
CA GLY D 170 19.28 15.23 -12.52
C GLY D 170 18.61 16.03 -11.44
N ILE D 171 19.16 17.21 -11.17
CA ILE D 171 18.60 18.10 -10.15
C ILE D 171 17.18 18.52 -10.54
N GLY D 172 17.00 18.94 -11.79
CA GLY D 172 15.69 19.34 -12.26
C GLY D 172 14.68 18.22 -12.12
N LEU D 173 15.04 17.03 -12.59
CA LEU D 173 14.17 15.87 -12.50
C LEU D 173 13.78 15.55 -11.06
N SER D 174 14.76 15.63 -10.16
CA SER D 174 14.53 15.33 -8.75
C SER D 174 13.53 16.32 -8.15
N ARG D 175 13.64 17.59 -8.54
CA ARG D 175 12.73 18.59 -8.03
C ARG D 175 11.33 18.32 -8.56
N LEU D 176 11.22 17.78 -9.77
CA LEU D 176 9.91 17.46 -10.33
C LEU D 176 9.30 16.28 -9.56
N PHE D 177 10.11 15.26 -9.30
CA PHE D 177 9.64 14.08 -8.58
C PHE D 177 9.12 14.50 -7.21
N SER D 178 9.85 15.36 -6.53
CA SER D 178 9.42 15.81 -5.21
C SER D 178 8.20 16.71 -5.30
N ALA D 179 8.15 17.58 -6.30
CA ALA D 179 7.03 18.50 -6.46
C ALA D 179 5.74 17.73 -6.80
N SER D 180 5.88 16.60 -7.47
CA SER D 180 4.72 15.78 -7.82
C SER D 180 4.20 15.01 -6.60
N GLU D 181 5.03 14.93 -5.56
CA GLU D 181 4.70 14.21 -4.33
C GLU D 181 4.86 12.70 -4.49
N PHE D 182 5.25 12.24 -5.67
CA PHE D 182 5.44 10.81 -5.88
C PHE D 182 6.71 10.33 -5.18
N GLU D 183 7.61 11.25 -4.88
CA GLU D 183 8.83 10.91 -4.17
C GLU D 183 8.99 11.85 -2.96
N ASP D 184 9.82 11.44 -2.01
CA ASP D 184 10.05 12.19 -0.78
C ASP D 184 10.66 13.57 -1.04
N PRO D 185 10.38 14.54 -0.15
CA PRO D 185 10.91 15.90 -0.27
C PRO D 185 12.43 15.87 -0.36
N LEU D 186 13.03 14.91 0.33
CA LEU D 186 14.49 14.75 0.35
C LEU D 186 15.10 14.58 -1.05
N VAL D 187 14.41 13.86 -1.93
CA VAL D 187 14.91 13.64 -3.28
C VAL D 187 15.25 14.94 -3.99
N GLY D 188 14.32 15.89 -3.97
CA GLY D 188 14.57 17.16 -4.62
C GLY D 188 15.53 18.08 -3.87
N GLU D 189 15.63 17.92 -2.55
CA GLU D 189 16.51 18.76 -1.73
C GLU D 189 17.99 18.39 -1.82
N ASP D 190 18.29 17.09 -1.91
CA ASP D 190 19.68 16.65 -1.97
C ASP D 190 20.22 16.85 -3.38
N THR D 191 20.58 18.08 -3.71
CA THR D 191 21.08 18.39 -5.04
C THR D 191 22.42 17.72 -5.39
N GLU D 192 23.24 17.42 -4.39
CA GLU D 192 24.51 16.79 -4.65
C GLU D 192 24.33 15.38 -5.20
N ARG D 193 23.43 14.61 -4.58
CA ARG D 193 23.17 13.26 -5.05
C ARG D 193 22.53 13.33 -6.45
N ALA D 194 21.61 14.28 -6.65
CA ALA D 194 20.96 14.45 -7.94
C ALA D 194 22.01 14.81 -9.00
N ASN D 195 22.93 15.70 -8.63
CA ASN D 195 23.99 16.11 -9.54
C ASN D 195 24.81 14.89 -9.97
N SER D 196 25.19 14.06 -8.99
CA SER D 196 25.96 12.86 -9.26
C SER D 196 25.29 11.91 -10.25
N MET D 197 23.96 11.82 -10.20
CA MET D 197 23.26 10.95 -11.13
C MET D 197 23.53 11.42 -12.56
N GLY D 198 23.41 12.72 -12.78
CA GLY D 198 23.64 13.29 -14.09
C GLY D 198 25.08 13.17 -14.54
N LEU D 199 26.00 13.45 -13.62
CA LEU D 199 27.42 13.37 -13.94
C LEU D 199 27.87 11.98 -14.35
N PHE D 200 27.36 10.96 -13.66
CA PHE D 200 27.77 9.61 -14.00
C PHE D 200 27.34 9.25 -15.42
N LEU D 201 26.11 9.60 -15.79
CA LEU D 201 25.64 9.30 -17.13
C LEU D 201 26.46 10.05 -18.19
N GLN D 202 26.65 11.35 -17.97
CA GLN D 202 27.40 12.17 -18.91
C GLN D 202 28.86 11.75 -19.09
N LYS D 203 29.55 11.50 -17.98
CA LYS D 203 30.94 11.09 -18.05
C LYS D 203 31.06 9.76 -18.80
N THR D 204 30.09 8.87 -18.58
CA THR D 204 30.10 7.57 -19.23
C THR D 204 29.94 7.72 -20.76
N ASN D 205 29.01 8.56 -21.18
CA ASN D 205 28.81 8.78 -22.61
C ASN D 205 30.01 9.46 -23.26
N ILE D 206 30.61 10.41 -22.54
CA ILE D 206 31.78 11.12 -23.03
C ILE D 206 32.92 10.13 -23.23
N ILE D 207 33.20 9.34 -22.20
CA ILE D 207 34.28 8.35 -22.28
C ILE D 207 34.02 7.40 -23.44
N ARG D 208 32.80 6.88 -23.52
CA ARG D 208 32.42 5.95 -24.56
C ARG D 208 32.52 6.53 -25.98
N ASP D 209 31.94 7.71 -26.17
CA ASP D 209 31.93 8.36 -27.48
C ASP D 209 33.22 9.07 -27.92
N TYR D 210 34.37 8.66 -27.37
CA TYR D 210 35.62 9.30 -27.74
C TYR D 210 35.80 9.46 -29.25
N LEU D 211 35.92 8.33 -29.94
CA LEU D 211 36.14 8.33 -31.37
C LEU D 211 35.12 9.18 -32.14
N GLU D 212 33.84 8.90 -31.94
CA GLU D 212 32.78 9.64 -32.61
C GLU D 212 32.91 11.15 -32.44
N ASP D 213 33.39 11.59 -31.28
CA ASP D 213 33.55 13.02 -31.04
C ASP D 213 34.72 13.57 -31.84
N GLN D 214 35.83 12.85 -31.85
CA GLN D 214 37.02 13.28 -32.59
C GLN D 214 36.68 13.39 -34.07
N GLN D 215 35.95 12.40 -34.57
CA GLN D 215 35.55 12.39 -35.97
C GLN D 215 34.37 13.34 -36.16
N GLY D 216 34.27 14.32 -35.27
CA GLY D 216 33.19 15.29 -35.32
C GLY D 216 33.62 16.70 -34.97
N GLY D 217 34.88 16.85 -34.56
CA GLY D 217 35.38 18.17 -34.21
C GLY D 217 35.18 18.62 -32.78
N ARG D 218 34.72 17.73 -31.91
CA ARG D 218 34.51 18.10 -30.51
C ARG D 218 35.39 17.29 -29.55
N GLU D 219 35.87 17.96 -28.51
CA GLU D 219 36.71 17.33 -27.50
C GLU D 219 36.11 17.51 -26.11
N PHE D 220 35.85 16.40 -25.42
CA PHE D 220 35.23 16.45 -24.11
C PHE D 220 36.10 15.88 -22.98
N TRP D 221 37.10 15.08 -23.34
CA TRP D 221 37.99 14.51 -22.33
C TRP D 221 38.80 15.65 -21.73
N PRO D 222 38.98 15.67 -20.40
CA PRO D 222 39.74 16.74 -19.74
C PRO D 222 41.19 16.82 -20.21
N GLN D 223 41.59 18.02 -20.62
CA GLN D 223 42.95 18.27 -21.12
C GLN D 223 44.03 17.91 -20.11
N GLU D 224 43.88 18.38 -18.88
CA GLU D 224 44.85 18.11 -17.84
C GLU D 224 45.01 16.62 -17.57
N VAL D 225 44.25 15.79 -18.29
CA VAL D 225 44.34 14.35 -18.13
C VAL D 225 44.99 13.70 -19.35
N TRP D 226 44.46 13.98 -20.54
CA TRP D 226 45.02 13.39 -21.75
C TRP D 226 46.38 13.95 -22.14
N SER D 227 46.66 15.18 -21.74
CA SER D 227 47.94 15.81 -22.07
C SER D 227 49.09 15.03 -21.44
N ARG D 228 48.81 14.40 -20.31
CA ARG D 228 49.81 13.61 -19.60
C ARG D 228 50.11 12.30 -20.33
N TYR D 229 49.46 12.10 -21.47
CA TYR D 229 49.64 10.88 -22.26
C TYR D 229 50.03 11.20 -23.70
N VAL D 230 49.60 12.37 -24.18
CA VAL D 230 49.89 12.79 -25.54
C VAL D 230 49.94 14.31 -25.64
N LYS D 231 50.20 14.80 -26.85
CA LYS D 231 50.25 16.24 -27.10
C LYS D 231 48.90 16.71 -27.61
N LYS D 232 48.26 15.86 -28.41
CA LYS D 232 46.95 16.15 -28.98
C LYS D 232 45.97 15.03 -28.65
N LEU D 233 44.79 15.38 -28.16
CA LEU D 233 43.78 14.40 -27.81
C LEU D 233 43.52 13.46 -28.99
N GLY D 234 43.66 13.99 -30.21
CA GLY D 234 43.43 13.18 -31.39
C GLY D 234 44.45 12.07 -31.61
N ASP D 235 45.55 12.12 -30.86
CA ASP D 235 46.60 11.11 -31.02
C ASP D 235 46.18 9.73 -30.54
N PHE D 236 45.15 9.67 -29.68
CA PHE D 236 44.68 8.39 -29.17
C PHE D 236 44.10 7.49 -30.26
N ALA D 237 43.60 8.11 -31.33
CA ALA D 237 43.00 7.38 -32.45
C ALA D 237 44.00 6.54 -33.24
N LEU D 238 45.22 7.04 -33.34
CA LEU D 238 46.31 6.39 -34.05
C LEU D 238 46.81 5.17 -33.30
N PRO D 239 46.89 4.01 -34.00
CA PRO D 239 47.35 2.74 -33.43
C PRO D 239 48.61 2.74 -32.57
N GLU D 240 49.62 3.50 -32.98
CA GLU D 240 50.88 3.58 -32.26
C GLU D 240 50.76 4.12 -30.83
N ASN D 241 49.60 4.67 -30.49
CA ASN D 241 49.40 5.21 -29.15
C ASN D 241 48.37 4.46 -28.32
N ILE D 242 47.73 3.47 -28.91
CA ILE D 242 46.70 2.68 -28.24
C ILE D 242 47.02 2.36 -26.79
N ASP D 243 48.28 2.04 -26.50
CA ASP D 243 48.69 1.72 -25.14
C ASP D 243 48.49 2.88 -24.18
N LEU D 244 48.84 4.08 -24.62
CA LEU D 244 48.68 5.25 -23.77
C LEU D 244 47.22 5.69 -23.73
N ALA D 245 46.50 5.41 -24.80
CA ALA D 245 45.09 5.75 -24.91
C ALA D 245 44.26 4.98 -23.90
N VAL D 246 44.54 3.69 -23.78
CA VAL D 246 43.81 2.83 -22.85
C VAL D 246 44.09 3.24 -21.41
N GLN D 247 45.32 3.67 -21.13
CA GLN D 247 45.68 4.10 -19.78
C GLN D 247 44.88 5.34 -19.38
N CYS D 248 44.76 6.28 -20.31
CA CYS D 248 44.00 7.50 -20.07
C CYS D 248 42.53 7.09 -19.91
N LEU D 249 42.11 6.17 -20.77
CA LEU D 249 40.75 5.67 -20.74
C LEU D 249 40.42 5.10 -19.36
N ASN D 250 41.35 4.35 -18.80
CA ASN D 250 41.15 3.75 -17.48
C ASN D 250 41.18 4.76 -16.35
N GLU D 251 41.95 5.84 -16.52
CA GLU D 251 42.03 6.87 -15.50
C GLU D 251 40.70 7.65 -15.42
N LEU D 252 40.08 7.87 -16.57
CA LEU D 252 38.82 8.60 -16.62
C LEU D 252 37.69 7.75 -16.06
N ILE D 253 37.68 6.47 -16.41
CA ILE D 253 36.66 5.56 -15.91
C ILE D 253 36.74 5.52 -14.39
N THR D 254 37.97 5.54 -13.88
CA THR D 254 38.19 5.53 -12.43
C THR D 254 37.60 6.79 -11.81
N ASN D 255 37.68 7.91 -12.53
CA ASN D 255 37.13 9.17 -12.06
C ASN D 255 35.61 9.02 -11.97
N ALA D 256 35.01 8.51 -13.04
CA ALA D 256 33.57 8.31 -13.12
C ALA D 256 33.03 7.41 -12.02
N LEU D 257 33.77 6.36 -11.68
CA LEU D 257 33.35 5.41 -10.64
C LEU D 257 33.07 6.07 -9.29
N HIS D 258 33.69 7.21 -9.04
CA HIS D 258 33.49 7.91 -7.78
C HIS D 258 32.07 8.39 -7.54
N HIS D 259 31.26 8.42 -8.60
CA HIS D 259 29.89 8.87 -8.48
C HIS D 259 28.94 7.74 -8.04
N ILE D 260 29.36 6.50 -8.25
CA ILE D 260 28.52 5.36 -7.91
C ILE D 260 27.98 5.33 -6.48
N PRO D 261 28.79 5.74 -5.49
CA PRO D 261 28.24 5.71 -4.13
C PRO D 261 27.01 6.61 -4.02
N ASP D 262 27.07 7.78 -4.64
CA ASP D 262 25.95 8.73 -4.62
C ASP D 262 24.77 8.17 -5.41
N VAL D 263 25.07 7.45 -6.48
CA VAL D 263 24.03 6.87 -7.31
C VAL D 263 23.24 5.84 -6.52
N ILE D 264 23.94 5.02 -5.75
CA ILE D 264 23.27 4.01 -4.93
C ILE D 264 22.44 4.73 -3.87
N THR D 265 23.02 5.76 -3.24
CA THR D 265 22.31 6.53 -2.23
C THR D 265 21.03 7.11 -2.84
N TYR D 266 21.15 7.77 -3.99
CA TYR D 266 19.99 8.36 -4.65
C TYR D 266 18.92 7.33 -4.95
N LEU D 267 19.29 6.25 -5.64
CA LEU D 267 18.32 5.21 -6.00
C LEU D 267 17.66 4.59 -4.78
N SER D 268 18.40 4.49 -3.68
CA SER D 268 17.90 3.90 -2.44
C SER D 268 16.75 4.67 -1.79
N ARG D 269 16.59 5.95 -2.16
CA ARG D 269 15.56 6.79 -1.59
C ARG D 269 14.26 6.78 -2.36
N LEU D 270 14.30 6.23 -3.56
CA LEU D 270 13.12 6.19 -4.42
C LEU D 270 12.08 5.19 -3.91
N ARG D 271 10.82 5.57 -4.01
CA ARG D 271 9.74 4.70 -3.54
C ARG D 271 8.69 4.43 -4.62
N ASN D 272 8.69 5.22 -5.68
CA ASN D 272 7.71 5.03 -6.76
C ASN D 272 8.34 4.15 -7.83
N GLN D 273 7.69 3.03 -8.13
CA GLN D 273 8.20 2.08 -9.12
C GLN D 273 8.48 2.68 -10.50
N SER D 274 7.57 3.49 -11.02
CA SER D 274 7.78 4.09 -12.33
C SER D 274 9.01 5.00 -12.33
N VAL D 275 9.19 5.73 -11.23
CA VAL D 275 10.33 6.62 -11.11
C VAL D 275 11.62 5.81 -10.95
N PHE D 276 11.56 4.76 -10.14
CA PHE D 276 12.72 3.89 -9.92
C PHE D 276 13.20 3.32 -11.26
N ASN D 277 12.26 2.80 -12.05
CA ASN D 277 12.59 2.24 -13.37
C ASN D 277 13.28 3.32 -14.21
N PHE D 278 12.67 4.49 -14.26
CA PHE D 278 13.17 5.63 -15.02
C PHE D 278 14.60 6.02 -14.61
N CYS D 279 14.87 5.98 -13.31
CA CYS D 279 16.19 6.34 -12.78
C CYS D 279 17.22 5.22 -12.77
N ALA D 280 16.81 4.03 -12.35
CA ALA D 280 17.72 2.89 -12.25
C ALA D 280 18.21 2.29 -13.57
N ILE D 281 17.31 2.09 -14.52
CA ILE D 281 17.69 1.49 -15.79
C ILE D 281 18.84 2.21 -16.49
N PRO D 282 18.73 3.54 -16.67
CA PRO D 282 19.82 4.26 -17.34
C PRO D 282 21.15 4.18 -16.59
N GLN D 283 21.09 4.17 -15.25
CA GLN D 283 22.29 4.10 -14.44
C GLN D 283 22.99 2.75 -14.59
N VAL D 284 22.22 1.67 -14.58
CA VAL D 284 22.77 0.33 -14.74
C VAL D 284 23.35 0.17 -16.14
N MET D 285 22.63 0.64 -17.15
CA MET D 285 23.12 0.54 -18.52
C MET D 285 24.43 1.30 -18.65
N ALA D 286 24.53 2.43 -17.94
CA ALA D 286 25.75 3.25 -17.96
C ALA D 286 26.89 2.49 -17.30
N ILE D 287 26.60 1.86 -16.17
CA ILE D 287 27.61 1.09 -15.44
C ILE D 287 28.06 -0.10 -16.28
N ALA D 288 27.12 -0.72 -16.97
CA ALA D 288 27.43 -1.86 -17.84
C ALA D 288 28.37 -1.40 -18.94
N THR D 289 28.19 -0.15 -19.36
CA THR D 289 28.99 0.45 -20.40
C THR D 289 30.43 0.73 -19.97
N LEU D 290 30.59 1.21 -18.74
CA LEU D 290 31.93 1.49 -18.23
C LEU D 290 32.71 0.20 -18.00
N ALA D 291 32.00 -0.87 -17.65
CA ALA D 291 32.64 -2.15 -17.41
C ALA D 291 33.09 -2.74 -18.75
N ALA D 292 32.38 -2.37 -19.81
CA ALA D 292 32.71 -2.86 -21.15
C ALA D 292 33.86 -2.07 -21.76
N CYS D 293 33.97 -0.79 -21.41
CA CYS D 293 35.01 0.06 -21.94
C CYS D 293 36.32 -0.03 -21.16
N TYR D 294 36.25 -0.46 -19.90
CA TYR D 294 37.45 -0.55 -19.08
C TYR D 294 38.56 -1.35 -19.73
N ASN D 295 39.74 -0.74 -19.86
CA ASN D 295 40.90 -1.40 -20.45
C ASN D 295 40.57 -2.04 -21.79
N ASN D 296 39.65 -1.44 -22.53
CA ASN D 296 39.26 -1.97 -23.83
C ASN D 296 39.79 -1.10 -24.97
N GLN D 297 40.44 -1.73 -25.94
CA GLN D 297 41.01 -1.01 -27.07
C GLN D 297 39.95 -0.52 -28.06
N GLN D 298 38.91 -1.32 -28.25
CA GLN D 298 37.85 -0.98 -29.18
C GLN D 298 37.29 0.42 -29.00
N VAL D 299 37.48 0.99 -27.82
CA VAL D 299 37.00 2.35 -27.55
C VAL D 299 37.58 3.29 -28.59
N PHE D 300 38.87 3.09 -28.87
CA PHE D 300 39.59 3.92 -29.82
C PHE D 300 39.53 3.36 -31.25
N LYS D 301 38.54 2.52 -31.51
CA LYS D 301 38.40 1.91 -32.83
C LYS D 301 36.95 1.96 -33.30
N ALA D 311 26.77 -13.55 -14.61
CA ALA D 311 26.40 -14.79 -13.94
C ALA D 311 25.02 -14.67 -13.32
N VAL D 312 24.98 -14.16 -12.10
CA VAL D 312 23.73 -13.96 -11.37
C VAL D 312 22.83 -13.00 -12.14
N THR D 313 23.46 -11.98 -12.72
CA THR D 313 22.79 -10.94 -13.48
C THR D 313 21.62 -11.40 -14.35
N LEU D 314 21.88 -12.36 -15.23
CA LEU D 314 20.85 -12.87 -16.14
C LEU D 314 19.54 -13.33 -15.51
N MET D 315 19.49 -13.39 -14.18
CA MET D 315 18.27 -13.80 -13.50
C MET D 315 17.55 -12.65 -12.82
N MET D 316 18.16 -11.47 -12.87
CA MET D 316 17.56 -10.29 -12.24
C MET D 316 17.65 -9.05 -13.12
N ASP D 317 16.60 -8.24 -13.10
CA ASP D 317 16.56 -7.00 -13.87
C ASP D 317 16.66 -5.83 -12.88
N ALA D 318 16.71 -4.61 -13.38
CA ALA D 318 16.87 -3.43 -12.53
C ALA D 318 15.57 -2.77 -12.07
N THR D 319 14.68 -3.54 -11.46
CA THR D 319 13.40 -2.99 -11.01
C THR D 319 13.16 -2.97 -9.50
N ASN D 320 14.15 -3.43 -8.73
CA ASN D 320 14.07 -3.36 -7.27
C ASN D 320 15.49 -3.04 -6.78
N MET D 321 15.59 -2.23 -5.73
CA MET D 321 16.88 -1.80 -5.20
C MET D 321 17.90 -2.90 -4.88
N PRO D 322 17.48 -3.97 -4.19
CA PRO D 322 18.48 -5.00 -3.91
C PRO D 322 19.08 -5.59 -5.20
N ALA D 323 18.22 -5.76 -6.21
CA ALA D 323 18.68 -6.31 -7.50
C ALA D 323 19.66 -5.34 -8.16
N VAL D 324 19.31 -4.06 -8.17
CA VAL D 324 20.18 -3.06 -8.77
C VAL D 324 21.53 -3.08 -8.08
N LYS D 325 21.54 -3.24 -6.76
CA LYS D 325 22.80 -3.30 -6.03
C LYS D 325 23.64 -4.49 -6.51
N ALA D 326 23.01 -5.67 -6.51
CA ALA D 326 23.67 -6.91 -6.94
C ALA D 326 24.30 -6.72 -8.31
N ILE D 327 23.51 -6.18 -9.24
CA ILE D 327 23.97 -5.94 -10.60
C ILE D 327 25.18 -5.01 -10.58
N ILE D 328 25.10 -3.94 -9.81
CA ILE D 328 26.21 -2.99 -9.73
C ILE D 328 27.48 -3.64 -9.21
N TYR D 329 27.36 -4.47 -8.17
CA TYR D 329 28.53 -5.13 -7.61
C TYR D 329 29.14 -6.09 -8.62
N GLN D 330 28.31 -6.72 -9.43
CA GLN D 330 28.78 -7.65 -10.45
C GLN D 330 29.72 -6.94 -11.43
N TYR D 331 29.27 -5.82 -11.95
CA TYR D 331 30.07 -5.06 -12.91
C TYR D 331 31.34 -4.50 -12.29
N MET D 332 31.29 -4.15 -11.00
CA MET D 332 32.45 -3.62 -10.32
C MET D 332 33.55 -4.68 -10.25
N GLU D 333 33.13 -5.94 -10.16
CA GLU D 333 34.07 -7.05 -10.08
C GLU D 333 34.63 -7.39 -11.46
N GLU D 334 33.81 -7.22 -12.49
CA GLU D 334 34.24 -7.49 -13.85
C GLU D 334 35.41 -6.54 -14.13
N ILE D 335 35.27 -5.31 -13.64
CA ILE D 335 36.31 -4.29 -13.82
C ILE D 335 37.51 -4.58 -12.92
N TYR D 336 37.23 -4.84 -11.66
CA TYR D 336 38.28 -5.13 -10.69
C TYR D 336 39.15 -6.30 -11.12
N HIS D 337 38.53 -7.39 -11.52
CA HIS D 337 39.26 -8.58 -11.95
C HIS D 337 40.10 -8.31 -13.19
N ARG D 338 39.87 -7.18 -13.85
CA ARG D 338 40.62 -6.83 -15.05
C ARG D 338 41.57 -5.66 -14.88
N ILE D 339 41.88 -5.30 -13.64
CA ILE D 339 42.79 -4.18 -13.38
C ILE D 339 44.25 -4.64 -13.50
N PRO D 340 44.90 -4.34 -14.63
CA PRO D 340 46.29 -4.75 -14.81
C PRO D 340 47.21 -3.94 -13.89
N ASP D 341 48.08 -4.65 -13.16
CA ASP D 341 48.98 -3.99 -12.23
C ASP D 341 49.88 -2.97 -12.91
N SER D 342 50.01 -3.09 -14.23
CA SER D 342 50.83 -2.18 -14.99
C SER D 342 50.14 -0.86 -15.32
N ASN D 343 48.82 -0.80 -15.15
CA ASN D 343 48.07 0.42 -15.45
C ASN D 343 48.35 1.47 -14.37
N PRO D 344 48.67 2.70 -14.80
CA PRO D 344 48.98 3.83 -13.91
C PRO D 344 47.91 4.18 -12.87
N SER D 345 46.66 3.78 -13.10
CA SER D 345 45.58 4.07 -12.17
C SER D 345 45.14 2.87 -11.33
N SER D 346 45.75 1.70 -11.60
CA SER D 346 45.43 0.46 -10.89
C SER D 346 45.04 0.63 -9.42
N SER D 347 45.89 1.28 -8.64
CA SER D 347 45.64 1.47 -7.22
C SER D 347 44.37 2.26 -6.93
N LYS D 348 44.20 3.41 -7.57
CA LYS D 348 43.01 4.24 -7.36
C LYS D 348 41.76 3.43 -7.70
N THR D 349 41.74 2.85 -8.90
CA THR D 349 40.61 2.05 -9.35
C THR D 349 40.18 1.04 -8.28
N ARG D 350 41.15 0.32 -7.74
CA ARG D 350 40.88 -0.68 -6.71
C ARG D 350 40.29 -0.05 -5.47
N GLN D 351 40.81 1.12 -5.11
CA GLN D 351 40.37 1.84 -3.93
C GLN D 351 38.90 2.30 -4.00
N ILE D 352 38.49 2.78 -5.17
CA ILE D 352 37.11 3.25 -5.33
C ILE D 352 36.14 2.07 -5.38
N ILE D 353 36.56 0.98 -5.99
CA ILE D 353 35.69 -0.20 -6.07
C ILE D 353 35.54 -0.76 -4.67
N SER D 354 36.63 -0.72 -3.91
CA SER D 354 36.62 -1.22 -2.54
C SER D 354 35.65 -0.43 -1.68
N THR D 355 35.65 0.89 -1.86
CA THR D 355 34.77 1.78 -1.09
C THR D 355 33.30 1.49 -1.45
N ILE D 356 33.05 1.19 -2.72
CA ILE D 356 31.69 0.89 -3.17
C ILE D 356 31.22 -0.45 -2.62
N ARG D 357 32.14 -1.40 -2.48
CA ARG D 357 31.82 -2.74 -1.95
C ARG D 357 31.45 -2.76 -0.48
N THR D 358 32.21 -2.03 0.32
CA THR D 358 32.01 -1.99 1.77
C THR D 358 30.96 -1.01 2.27
N GLN D 359 30.42 -0.19 1.37
CA GLN D 359 29.41 0.81 1.71
C GLN D 359 28.38 0.32 2.74
N ASN D 360 27.19 -0.04 2.27
CA ASN D 360 26.06 -0.54 3.09
C ASN D 360 24.87 0.40 2.92
N SER E 27 36.38 1.06 7.73
CA SER E 27 37.09 -0.01 8.44
C SER E 27 38.01 -0.77 7.49
N SER E 28 39.32 -0.65 7.69
CA SER E 28 40.30 -1.31 6.84
C SER E 28 40.21 -2.85 6.91
N SER E 29 39.87 -3.38 8.07
CA SER E 29 39.76 -4.82 8.22
C SER E 29 38.50 -5.32 7.53
N LEU E 30 37.40 -4.58 7.69
CA LEU E 30 36.14 -4.97 7.07
C LEU E 30 36.25 -4.77 5.55
N LYS E 31 37.04 -3.78 5.16
CA LYS E 31 37.25 -3.50 3.74
C LYS E 31 38.01 -4.66 3.11
N THR E 32 38.88 -5.29 3.90
CA THR E 32 39.67 -6.42 3.44
C THR E 32 38.77 -7.65 3.33
N CYS E 33 37.85 -7.80 4.28
CA CYS E 33 36.93 -8.93 4.26
C CYS E 33 36.11 -8.94 2.98
N TYR E 34 35.65 -7.76 2.55
CA TYR E 34 34.87 -7.70 1.33
C TYR E 34 35.74 -7.93 0.11
N LYS E 35 37.05 -7.67 0.24
CA LYS E 35 37.94 -7.93 -0.88
C LYS E 35 38.03 -9.44 -1.05
N TYR E 36 38.17 -10.14 0.07
CA TYR E 36 38.26 -11.60 0.06
C TYR E 36 36.97 -12.23 -0.46
N LEU E 37 35.83 -11.70 -0.02
CA LEU E 37 34.55 -12.22 -0.46
C LEU E 37 34.50 -12.23 -1.99
N ASN E 38 34.70 -11.06 -2.59
CA ASN E 38 34.69 -10.93 -4.04
C ASN E 38 35.81 -11.74 -4.69
N GLN E 39 36.85 -12.01 -3.90
CA GLN E 39 38.00 -12.75 -4.36
C GLN E 39 37.71 -14.24 -4.47
N THR E 40 36.94 -14.74 -3.50
CA THR E 40 36.62 -16.17 -3.46
C THR E 40 35.23 -16.54 -3.96
N SER E 41 34.27 -15.64 -3.83
CA SER E 41 32.92 -15.93 -4.27
C SER E 41 32.55 -15.23 -5.57
N ARG E 42 32.16 -16.04 -6.56
CA ARG E 42 31.78 -15.53 -7.87
C ARG E 42 30.26 -15.51 -8.02
N SER E 43 29.59 -16.40 -7.30
CA SER E 43 28.13 -16.49 -7.38
C SER E 43 27.36 -16.04 -6.14
N PHE E 44 28.05 -15.51 -5.13
CA PHE E 44 27.34 -15.06 -3.93
C PHE E 44 27.70 -13.66 -3.43
N ALA E 45 28.92 -13.22 -3.72
CA ALA E 45 29.37 -11.91 -3.28
C ALA E 45 28.40 -10.78 -3.59
N ALA E 46 27.85 -10.79 -4.80
CA ALA E 46 26.92 -9.75 -5.24
C ALA E 46 25.61 -9.74 -4.46
N VAL E 47 24.98 -10.89 -4.28
CA VAL E 47 23.72 -10.91 -3.53
C VAL E 47 23.95 -10.76 -2.03
N ILE E 48 25.15 -11.10 -1.57
CA ILE E 48 25.47 -10.93 -0.15
C ILE E 48 25.60 -9.43 0.13
N GLN E 49 26.40 -8.75 -0.70
CA GLN E 49 26.61 -7.32 -0.53
C GLN E 49 25.32 -6.52 -0.72
N ALA E 50 24.30 -7.16 -1.26
CA ALA E 50 23.02 -6.49 -1.50
C ALA E 50 22.04 -6.73 -0.35
N LEU E 51 22.46 -7.46 0.67
CA LEU E 51 21.59 -7.73 1.81
C LEU E 51 21.40 -6.48 2.68
N ASP E 52 20.19 -6.32 3.21
CA ASP E 52 19.86 -5.17 4.06
C ASP E 52 20.53 -5.21 5.44
N GLY E 53 20.86 -4.03 5.94
CA GLY E 53 21.46 -3.86 7.25
C GLY E 53 22.49 -4.82 7.80
N GLU E 54 22.21 -5.35 8.98
CA GLU E 54 23.12 -6.26 9.67
C GLU E 54 23.41 -7.60 9.00
N MET E 55 22.52 -8.04 8.11
CA MET E 55 22.74 -9.31 7.42
C MET E 55 23.95 -9.25 6.51
N ARG E 56 24.20 -8.08 5.95
CA ARG E 56 25.32 -7.87 5.04
C ARG E 56 26.64 -8.36 5.63
N ASN E 57 27.07 -7.75 6.73
CA ASN E 57 28.31 -8.15 7.37
C ASN E 57 28.25 -9.53 8.01
N ALA E 58 27.10 -9.89 8.56
CA ALA E 58 26.95 -11.20 9.20
C ALA E 58 27.11 -12.34 8.18
N VAL E 59 26.50 -12.19 7.01
CA VAL E 59 26.57 -13.21 5.96
C VAL E 59 27.94 -13.18 5.29
N CYS E 60 28.53 -12.00 5.16
CA CYS E 60 29.84 -11.87 4.56
C CYS E 60 30.87 -12.62 5.41
N ILE E 61 30.81 -12.39 6.71
CA ILE E 61 31.72 -13.06 7.63
C ILE E 61 31.45 -14.55 7.63
N PHE E 62 30.18 -14.93 7.72
CA PHE E 62 29.80 -16.33 7.73
C PHE E 62 30.36 -17.07 6.52
N TYR E 63 30.38 -16.40 5.37
CA TYR E 63 30.91 -17.01 4.16
C TYR E 63 32.43 -17.16 4.21
N LEU E 64 33.10 -16.14 4.73
CA LEU E 64 34.56 -16.18 4.82
C LEU E 64 35.08 -17.26 5.78
N VAL E 65 34.39 -17.44 6.90
CA VAL E 65 34.82 -18.44 7.86
C VAL E 65 34.62 -19.84 7.27
N LEU E 66 33.51 -20.04 6.56
CA LEU E 66 33.24 -21.34 5.95
C LEU E 66 34.25 -21.60 4.84
N ARG E 67 34.65 -20.56 4.12
CA ARG E 67 35.64 -20.69 3.05
C ARG E 67 36.94 -21.21 3.65
N ALA E 68 37.34 -20.62 4.76
CA ALA E 68 38.57 -21.01 5.44
C ALA E 68 38.46 -22.45 5.92
N LEU E 69 37.32 -22.80 6.51
CA LEU E 69 37.09 -24.16 7.01
C LEU E 69 37.15 -25.18 5.87
N ASP E 70 36.56 -24.82 4.73
CA ASP E 70 36.53 -25.68 3.57
C ASP E 70 37.92 -25.78 2.93
N THR E 71 38.68 -24.71 3.00
CA THR E 71 40.02 -24.70 2.43
C THR E 71 40.93 -25.68 3.18
N LEU E 72 40.71 -25.82 4.48
CA LEU E 72 41.49 -26.73 5.30
C LEU E 72 41.11 -28.17 4.98
N GLU E 73 39.81 -28.42 4.93
CA GLU E 73 39.30 -29.75 4.64
C GLU E 73 39.75 -30.23 3.26
N ASP E 74 39.96 -29.30 2.35
CA ASP E 74 40.39 -29.62 0.98
C ASP E 74 41.88 -29.86 0.86
N ASP E 75 42.67 -29.22 1.72
CA ASP E 75 44.12 -29.36 1.66
C ASP E 75 44.57 -30.77 1.98
N MET E 76 44.98 -31.50 0.95
CA MET E 76 45.44 -32.88 1.10
C MET E 76 46.90 -32.94 1.52
N THR E 77 47.53 -31.77 1.67
CA THR E 77 48.93 -31.71 2.09
C THR E 77 48.97 -31.72 3.61
N ILE E 78 47.78 -31.74 4.21
CA ILE E 78 47.64 -31.75 5.66
C ILE E 78 47.29 -33.16 6.11
N SER E 79 48.14 -33.75 6.94
CA SER E 79 47.92 -35.10 7.44
C SER E 79 46.58 -35.20 8.18
N VAL E 80 45.99 -36.39 8.14
CA VAL E 80 44.70 -36.61 8.79
C VAL E 80 44.72 -36.34 10.29
N GLU E 81 45.79 -36.77 10.96
CA GLU E 81 45.89 -36.56 12.40
C GLU E 81 46.11 -35.08 12.73
N LYS E 82 46.58 -34.33 11.74
CA LYS E 82 46.83 -32.91 11.89
C LYS E 82 45.59 -32.14 11.42
N LYS E 83 44.84 -32.75 10.50
CA LYS E 83 43.63 -32.14 9.95
C LYS E 83 42.41 -32.25 10.85
N VAL E 84 42.19 -33.43 11.42
CA VAL E 84 41.04 -33.64 12.29
C VAL E 84 40.94 -32.58 13.39
N PRO E 85 42.07 -32.25 14.05
CA PRO E 85 42.05 -31.24 15.11
C PRO E 85 41.58 -29.88 14.58
N LEU E 86 42.15 -29.49 13.45
CA LEU E 86 41.80 -28.21 12.83
C LEU E 86 40.30 -28.08 12.60
N LEU E 87 39.70 -29.09 11.99
CA LEU E 87 38.27 -29.08 11.69
C LEU E 87 37.42 -29.05 12.95
N HIS E 88 37.80 -29.88 13.93
CA HIS E 88 37.07 -29.96 15.18
C HIS E 88 37.15 -28.70 16.04
N ASN E 89 38.31 -28.04 16.02
CA ASN E 89 38.51 -26.83 16.83
C ASN E 89 38.45 -25.52 16.02
N PHE E 90 38.08 -25.59 14.75
CA PHE E 90 38.02 -24.38 13.93
C PHE E 90 37.13 -23.31 14.55
N HIS E 91 35.96 -23.71 15.03
CA HIS E 91 35.03 -22.78 15.63
C HIS E 91 35.65 -21.99 16.78
N SER E 92 36.62 -22.59 17.46
CA SER E 92 37.28 -21.94 18.58
C SER E 92 38.34 -20.93 18.14
N PHE E 93 38.81 -21.06 16.90
CA PHE E 93 39.82 -20.14 16.41
C PHE E 93 39.21 -18.77 16.16
N LEU E 94 37.88 -18.72 16.16
CA LEU E 94 37.15 -17.48 15.95
C LEU E 94 37.37 -16.53 17.10
N TYR E 95 37.69 -17.08 18.27
CA TYR E 95 37.92 -16.27 19.47
C TYR E 95 39.39 -16.17 19.84
N GLN E 96 40.24 -16.64 18.94
CA GLN E 96 41.69 -16.58 19.14
C GLN E 96 42.24 -15.55 18.18
N PRO E 97 42.25 -14.27 18.62
CA PRO E 97 42.72 -13.12 17.85
C PRO E 97 43.93 -13.34 16.95
N ASP E 98 44.91 -14.11 17.42
CA ASP E 98 46.11 -14.34 16.64
C ASP E 98 46.16 -15.61 15.79
N TRP E 99 45.18 -16.50 15.96
CA TRP E 99 45.18 -17.73 15.18
C TRP E 99 45.22 -17.47 13.68
N ARG E 100 45.88 -18.37 12.97
CA ARG E 100 46.00 -18.31 11.52
C ARG E 100 46.72 -19.56 11.04
N PHE E 101 46.60 -19.86 9.76
CA PHE E 101 47.25 -21.05 9.20
C PHE E 101 48.21 -20.61 8.09
N MET E 102 49.48 -20.94 8.26
CA MET E 102 50.50 -20.56 7.30
C MET E 102 50.97 -21.69 6.40
N GLU E 103 50.59 -22.93 6.73
CA GLU E 103 51.01 -24.09 5.96
C GLU E 103 50.06 -24.58 4.86
N SER E 104 49.11 -23.75 4.44
CA SER E 104 48.18 -24.17 3.41
C SER E 104 48.75 -23.85 2.04
N LYS E 105 48.54 -24.78 1.09
CA LYS E 105 49.04 -24.59 -0.27
C LYS E 105 47.88 -24.39 -1.25
N GLU E 106 46.67 -24.34 -0.72
CA GLU E 106 45.48 -24.16 -1.56
C GLU E 106 45.36 -22.74 -2.11
N LYS E 107 44.48 -22.58 -3.10
CA LYS E 107 44.26 -21.30 -3.75
C LYS E 107 43.77 -20.18 -2.82
N ASP E 108 42.81 -20.49 -1.95
CA ASP E 108 42.25 -19.50 -1.05
C ASP E 108 42.96 -19.39 0.30
N ARG E 109 44.25 -19.71 0.32
CA ARG E 109 45.00 -19.67 1.56
C ARG E 109 45.06 -18.30 2.22
N GLN E 110 44.69 -17.25 1.48
CA GLN E 110 44.73 -15.91 2.04
C GLN E 110 43.81 -15.74 3.25
N VAL E 111 42.62 -16.33 3.19
CA VAL E 111 41.69 -16.22 4.30
C VAL E 111 42.21 -16.93 5.54
N LEU E 112 43.17 -17.84 5.34
CA LEU E 112 43.76 -18.58 6.44
C LEU E 112 44.97 -17.82 6.96
N GLU E 113 45.83 -17.40 6.05
CA GLU E 113 47.04 -16.66 6.41
C GLU E 113 46.69 -15.33 7.08
N ASP E 114 45.53 -14.78 6.72
CA ASP E 114 45.09 -13.51 7.29
C ASP E 114 43.77 -13.71 8.02
N PHE E 115 43.62 -14.87 8.65
CA PHE E 115 42.40 -15.17 9.39
C PHE E 115 42.15 -14.15 10.49
N PRO E 116 43.22 -13.64 11.14
CA PRO E 116 43.06 -12.65 12.21
C PRO E 116 42.15 -11.50 11.79
N THR E 117 42.32 -11.03 10.56
CA THR E 117 41.50 -9.94 10.05
C THR E 117 40.03 -10.36 10.04
N ILE E 118 39.77 -11.56 9.51
CA ILE E 118 38.42 -12.10 9.43
C ILE E 118 37.80 -12.36 10.81
N SER E 119 38.56 -12.98 11.70
CA SER E 119 38.07 -13.28 13.04
C SER E 119 37.77 -11.97 13.79
N LEU E 120 38.58 -10.94 13.54
CA LEU E 120 38.37 -9.65 14.19
C LEU E 120 36.96 -9.14 13.87
N GLU E 121 36.62 -9.12 12.58
CA GLU E 121 35.30 -8.66 12.17
C GLU E 121 34.20 -9.57 12.71
N PHE E 122 34.50 -10.86 12.81
CA PHE E 122 33.54 -11.82 13.34
C PHE E 122 33.15 -11.38 14.75
N ARG E 123 34.15 -11.06 15.55
CA ARG E 123 33.93 -10.63 16.92
C ARG E 123 33.22 -9.28 17.01
N ASN E 124 33.23 -8.51 15.91
CA ASN E 124 32.53 -7.21 15.90
C ASN E 124 31.05 -7.40 15.65
N LEU E 125 30.65 -8.61 15.28
CA LEU E 125 29.25 -8.92 15.01
C LEU E 125 28.47 -9.05 16.31
N ALA E 126 27.17 -8.82 16.24
CA ALA E 126 26.31 -8.94 17.42
C ALA E 126 26.38 -10.39 17.90
N GLU E 127 26.49 -10.57 19.21
CA GLU E 127 26.57 -11.91 19.79
C GLU E 127 25.64 -12.93 19.14
N LYS E 128 24.36 -12.58 19.00
CA LYS E 128 23.39 -13.48 18.41
C LYS E 128 23.83 -14.01 17.06
N TYR E 129 24.61 -13.23 16.32
CA TYR E 129 25.08 -13.69 15.02
C TYR E 129 26.29 -14.59 15.24
N GLN E 130 27.17 -14.17 16.15
CA GLN E 130 28.36 -14.95 16.48
C GLN E 130 27.93 -16.34 16.92
N THR E 131 26.92 -16.40 17.77
CA THR E 131 26.41 -17.66 18.29
C THR E 131 26.05 -18.63 17.16
N VAL E 132 25.25 -18.13 16.21
CA VAL E 132 24.84 -18.94 15.07
C VAL E 132 26.04 -19.44 14.27
N ILE E 133 26.87 -18.51 13.82
CA ILE E 133 28.06 -18.84 13.03
C ILE E 133 29.00 -19.85 13.70
N ALA E 134 29.34 -19.63 14.97
CA ALA E 134 30.24 -20.54 15.67
C ALA E 134 29.65 -21.93 15.83
N ASP E 135 28.36 -21.99 16.12
CA ASP E 135 27.68 -23.26 16.29
C ASP E 135 27.70 -24.07 15.00
N ILE E 136 27.52 -23.39 13.87
CA ILE E 136 27.52 -24.06 12.58
C ILE E 136 28.94 -24.52 12.23
N CYS E 137 29.93 -23.69 12.49
CA CYS E 137 31.32 -24.05 12.21
C CYS E 137 31.68 -25.29 12.99
N ARG E 138 31.23 -25.35 14.24
CA ARG E 138 31.50 -26.49 15.11
C ARG E 138 30.91 -27.78 14.56
N ARG E 139 29.59 -27.76 14.35
CA ARG E 139 28.89 -28.92 13.82
C ARG E 139 29.35 -29.32 12.43
N MET E 140 29.71 -28.33 11.61
CA MET E 140 30.17 -28.62 10.26
C MET E 140 31.53 -29.31 10.35
N GLY E 141 32.41 -28.78 11.19
CA GLY E 141 33.73 -29.35 11.37
C GLY E 141 33.67 -30.80 11.79
N ILE E 142 32.68 -31.13 12.62
CA ILE E 142 32.50 -32.50 13.08
C ILE E 142 32.20 -33.41 11.90
N GLY E 143 31.24 -33.00 11.08
CA GLY E 143 30.87 -33.78 9.90
C GLY E 143 32.00 -33.96 8.92
N MET E 144 32.69 -32.86 8.59
CA MET E 144 33.79 -32.93 7.64
C MET E 144 34.85 -33.93 8.12
N ALA E 145 35.21 -33.82 9.39
CA ALA E 145 36.20 -34.72 9.98
C ALA E 145 35.75 -36.16 9.79
N GLU E 146 34.46 -36.39 10.05
CA GLU E 146 33.86 -37.71 9.92
C GLU E 146 34.03 -38.35 8.54
N PHE E 147 33.87 -37.55 7.49
CA PHE E 147 34.00 -38.07 6.14
C PHE E 147 35.42 -38.04 5.60
N LEU E 148 36.37 -37.70 6.46
CA LEU E 148 37.77 -37.64 6.03
C LEU E 148 38.33 -39.00 5.60
N ASP E 149 37.85 -40.07 6.21
CA ASP E 149 38.34 -41.41 5.87
C ASP E 149 37.37 -42.29 5.10
N LYS E 150 36.20 -41.74 4.74
CA LYS E 150 35.23 -42.52 3.99
C LYS E 150 34.60 -41.78 2.82
N HIS E 151 34.06 -42.55 1.88
CA HIS E 151 33.39 -42.01 0.71
C HIS E 151 31.89 -42.14 0.96
N VAL E 152 31.08 -41.49 0.15
CA VAL E 152 29.64 -41.55 0.31
C VAL E 152 29.12 -42.86 -0.27
N THR E 153 28.42 -43.63 0.56
CA THR E 153 27.89 -44.91 0.12
C THR E 153 26.41 -44.82 -0.26
N SER E 154 25.53 -44.91 0.73
CA SER E 154 24.10 -44.86 0.50
C SER E 154 23.60 -43.47 0.13
N GLU E 155 22.37 -43.40 -0.36
CA GLU E 155 21.77 -42.13 -0.70
C GLU E 155 21.50 -41.41 0.61
N GLN E 156 21.29 -42.20 1.66
CA GLN E 156 21.05 -41.65 2.99
C GLN E 156 22.32 -40.95 3.46
N GLU E 157 23.48 -41.55 3.17
CA GLU E 157 24.75 -40.95 3.54
C GLU E 157 25.06 -39.72 2.68
N TRP E 158 24.51 -39.69 1.48
CA TRP E 158 24.74 -38.55 0.58
C TRP E 158 24.05 -37.34 1.21
N ASP E 159 22.84 -37.55 1.71
CA ASP E 159 22.08 -36.48 2.36
C ASP E 159 22.84 -36.03 3.60
N LYS E 160 23.38 -37.00 4.32
CA LYS E 160 24.14 -36.72 5.53
C LYS E 160 25.35 -35.86 5.19
N TYR E 161 26.11 -36.29 4.20
CA TYR E 161 27.28 -35.54 3.78
C TYR E 161 26.91 -34.12 3.34
N CYS E 162 25.84 -34.01 2.55
CA CYS E 162 25.40 -32.70 2.07
C CYS E 162 24.92 -31.83 3.23
N HIS E 163 24.34 -32.48 4.25
CA HIS E 163 23.87 -31.77 5.42
C HIS E 163 25.05 -31.08 6.09
N TYR E 164 26.15 -31.81 6.23
CA TYR E 164 27.35 -31.28 6.86
C TYR E 164 28.02 -30.13 6.11
N VAL E 165 28.02 -30.17 4.79
CA VAL E 165 28.69 -29.12 4.03
C VAL E 165 27.77 -28.07 3.40
N ALA E 166 26.47 -28.31 3.38
CA ALA E 166 25.54 -27.36 2.77
C ALA E 166 24.23 -27.18 3.54
N GLY E 167 23.65 -28.29 3.99
CA GLY E 167 22.40 -28.20 4.74
C GLY E 167 22.52 -27.30 5.96
N LEU E 168 23.59 -27.46 6.72
CA LEU E 168 23.81 -26.66 7.92
C LEU E 168 24.04 -25.19 7.57
N VAL E 169 24.51 -24.93 6.34
CA VAL E 169 24.75 -23.57 5.91
C VAL E 169 23.39 -22.90 5.69
N GLY E 170 22.47 -23.64 5.10
CA GLY E 170 21.14 -23.10 4.86
C GLY E 170 20.47 -22.86 6.21
N ILE E 171 20.73 -23.75 7.15
CA ILE E 171 20.18 -23.65 8.50
C ILE E 171 20.77 -22.42 9.20
N GLY E 172 22.09 -22.26 9.09
CA GLY E 172 22.76 -21.14 9.72
C GLY E 172 22.33 -19.80 9.16
N LEU E 173 22.19 -19.73 7.84
CA LEU E 173 21.75 -18.51 7.18
C LEU E 173 20.34 -18.15 7.59
N SER E 174 19.46 -19.15 7.63
CA SER E 174 18.07 -18.94 8.01
C SER E 174 17.98 -18.40 9.43
N ARG E 175 18.86 -18.92 10.29
CA ARG E 175 18.90 -18.49 11.68
C ARG E 175 19.39 -17.05 11.75
N LEU E 176 20.29 -16.69 10.84
CA LEU E 176 20.79 -15.34 10.80
C LEU E 176 19.67 -14.41 10.33
N PHE E 177 18.87 -14.87 9.38
CA PHE E 177 17.77 -14.05 8.88
C PHE E 177 16.78 -13.75 10.01
N SER E 178 16.32 -14.79 10.69
CA SER E 178 15.37 -14.61 11.78
C SER E 178 15.97 -13.78 12.93
N ALA E 179 17.24 -14.02 13.24
CA ALA E 179 17.90 -13.29 14.31
C ALA E 179 17.96 -11.81 14.00
N SER E 180 18.14 -11.47 12.72
CA SER E 180 18.20 -10.08 12.28
C SER E 180 16.81 -9.46 12.34
N GLU E 181 15.80 -10.32 12.34
CA GLU E 181 14.40 -9.90 12.39
C GLU E 181 13.85 -9.44 11.03
N PHE E 182 14.67 -9.49 9.99
CA PHE E 182 14.20 -9.09 8.67
C PHE E 182 13.23 -10.15 8.15
N GLU E 183 13.31 -11.35 8.73
CA GLU E 183 12.42 -12.45 8.37
C GLU E 183 11.76 -12.99 9.65
N ASP E 184 10.60 -13.61 9.49
CA ASP E 184 9.89 -14.17 10.65
C ASP E 184 10.67 -15.30 11.31
N PRO E 185 10.35 -15.59 12.59
CA PRO E 185 11.02 -16.65 13.35
C PRO E 185 10.94 -18.03 12.70
N LEU E 186 9.86 -18.28 11.96
CA LEU E 186 9.66 -19.57 11.30
C LEU E 186 10.81 -19.96 10.38
N VAL E 187 11.33 -19.00 9.61
CA VAL E 187 12.42 -19.27 8.70
C VAL E 187 13.56 -20.03 9.37
N GLY E 188 14.11 -19.46 10.44
CA GLY E 188 15.19 -20.11 11.16
C GLY E 188 14.73 -21.36 11.92
N GLU E 189 13.44 -21.42 12.21
CA GLU E 189 12.86 -22.54 12.94
C GLU E 189 12.70 -23.83 12.11
N ASP E 190 12.24 -23.70 10.88
CA ASP E 190 12.04 -24.87 10.03
C ASP E 190 13.37 -25.33 9.46
N THR E 191 14.16 -26.02 10.29
CA THR E 191 15.48 -26.51 9.87
C THR E 191 15.39 -27.49 8.69
N GLU E 192 14.26 -28.17 8.57
CA GLU E 192 14.06 -29.13 7.46
C GLU E 192 14.10 -28.41 6.12
N ARG E 193 13.23 -27.42 5.97
CA ARG E 193 13.16 -26.64 4.73
C ARG E 193 14.50 -25.96 4.44
N ALA E 194 15.13 -25.42 5.48
CA ALA E 194 16.41 -24.75 5.32
C ALA E 194 17.47 -25.76 4.88
N ASN E 195 17.42 -26.97 5.45
CA ASN E 195 18.37 -28.01 5.11
C ASN E 195 18.20 -28.37 3.63
N SER E 196 16.95 -28.45 3.20
CA SER E 196 16.62 -28.78 1.81
C SER E 196 17.21 -27.75 0.85
N MET E 197 17.20 -26.48 1.26
CA MET E 197 17.74 -25.41 0.43
C MET E 197 19.21 -25.67 0.16
N GLY E 198 19.93 -26.08 1.20
CA GLY E 198 21.34 -26.34 1.05
C GLY E 198 21.65 -27.59 0.24
N LEU E 199 20.88 -28.65 0.47
CA LEU E 199 21.09 -29.92 -0.24
C LEU E 199 20.84 -29.80 -1.73
N PHE E 200 19.86 -29.01 -2.13
CA PHE E 200 19.56 -28.85 -3.54
C PHE E 200 20.73 -28.18 -4.26
N LEU E 201 21.33 -27.17 -3.63
CA LEU E 201 22.46 -26.48 -4.24
C LEU E 201 23.69 -27.42 -4.28
N GLN E 202 23.96 -28.08 -3.17
CA GLN E 202 25.11 -28.99 -3.08
C GLN E 202 25.01 -30.18 -4.01
N LYS E 203 23.84 -30.78 -4.09
CA LYS E 203 23.64 -31.94 -4.96
C LYS E 203 23.78 -31.54 -6.42
N THR E 204 23.25 -30.36 -6.75
CA THR E 204 23.33 -29.86 -8.12
C THR E 204 24.79 -29.67 -8.52
N ASN E 205 25.58 -29.05 -7.63
CA ASN E 205 26.98 -28.82 -7.92
C ASN E 205 27.80 -30.10 -7.97
N ILE E 206 27.46 -31.08 -7.12
CA ILE E 206 28.17 -32.34 -7.12
C ILE E 206 27.90 -33.07 -8.44
N ILE E 207 26.66 -33.01 -8.90
CA ILE E 207 26.28 -33.64 -10.16
C ILE E 207 27.03 -32.95 -11.31
N ARG E 208 26.92 -31.62 -11.38
CA ARG E 208 27.58 -30.84 -12.41
C ARG E 208 29.09 -30.98 -12.45
N ASP E 209 29.73 -30.99 -11.28
CA ASP E 209 31.19 -31.06 -11.23
C ASP E 209 31.81 -32.46 -11.19
N TYR E 210 31.09 -33.46 -11.67
CA TYR E 210 31.64 -34.81 -11.65
C TYR E 210 33.06 -34.90 -12.21
N LEU E 211 33.22 -34.49 -13.46
CA LEU E 211 34.52 -34.57 -14.13
C LEU E 211 35.62 -33.83 -13.39
N GLU E 212 35.39 -32.55 -13.09
CA GLU E 212 36.39 -31.76 -12.39
C GLU E 212 36.82 -32.46 -11.09
N ASP E 213 35.84 -32.92 -10.31
CA ASP E 213 36.15 -33.60 -9.06
C ASP E 213 36.94 -34.89 -9.31
N GLN E 214 36.49 -35.67 -10.28
CA GLN E 214 37.14 -36.93 -10.61
C GLN E 214 38.60 -36.68 -10.97
N GLN E 215 38.83 -35.69 -11.84
CA GLN E 215 40.18 -35.36 -12.27
C GLN E 215 40.97 -34.79 -11.10
N GLY E 216 40.26 -34.37 -10.05
CA GLY E 216 40.91 -33.82 -8.89
C GLY E 216 41.14 -34.86 -7.82
N GLY E 217 40.71 -36.09 -8.09
CA GLY E 217 40.90 -37.17 -7.14
C GLY E 217 39.86 -37.25 -6.03
N ARG E 218 38.72 -36.60 -6.21
CA ARG E 218 37.66 -36.65 -5.21
C ARG E 218 36.39 -37.27 -5.75
N GLU E 219 35.70 -38.03 -4.90
CA GLU E 219 34.46 -38.69 -5.29
C GLU E 219 33.34 -38.28 -4.35
N PHE E 220 32.25 -37.78 -4.92
CA PHE E 220 31.11 -37.33 -4.12
C PHE E 220 29.82 -38.07 -4.47
N TRP E 221 29.79 -38.72 -5.64
CA TRP E 221 28.62 -39.46 -6.05
C TRP E 221 28.47 -40.67 -5.14
N PRO E 222 27.24 -40.97 -4.68
CA PRO E 222 27.00 -42.11 -3.79
C PRO E 222 27.28 -43.48 -4.44
N GLN E 223 28.16 -44.24 -3.82
CA GLN E 223 28.55 -45.56 -4.31
C GLN E 223 27.39 -46.52 -4.55
N GLU E 224 26.39 -46.50 -3.68
CA GLU E 224 25.27 -47.42 -3.85
C GLU E 224 24.45 -47.09 -5.09
N VAL E 225 24.67 -45.91 -5.65
CA VAL E 225 23.95 -45.52 -6.85
C VAL E 225 24.81 -45.81 -8.09
N TRP E 226 26.06 -45.34 -8.08
CA TRP E 226 26.92 -45.56 -9.24
C TRP E 226 27.44 -46.99 -9.41
N SER E 227 27.56 -47.73 -8.31
CA SER E 227 28.07 -49.10 -8.39
C SER E 227 27.08 -50.02 -9.11
N ARG E 228 25.85 -49.57 -9.32
CA ARG E 228 24.87 -50.37 -10.02
C ARG E 228 25.10 -50.29 -11.52
N TYR E 229 25.92 -49.33 -11.92
CA TYR E 229 26.22 -49.10 -13.33
C TYR E 229 27.64 -49.54 -13.70
N VAL E 230 28.61 -49.12 -12.89
CA VAL E 230 30.00 -49.45 -13.16
C VAL E 230 30.75 -49.91 -11.91
N LYS E 231 31.94 -50.47 -12.11
CA LYS E 231 32.76 -50.97 -11.02
C LYS E 231 33.42 -49.85 -10.22
N LYS E 232 33.80 -48.77 -10.91
CA LYS E 232 34.45 -47.63 -10.27
C LYS E 232 33.80 -46.33 -10.75
N LEU E 233 33.64 -45.38 -9.83
CA LEU E 233 33.05 -44.09 -10.19
C LEU E 233 33.83 -43.44 -11.31
N GLY E 234 35.15 -43.62 -11.30
CA GLY E 234 35.99 -43.05 -12.32
C GLY E 234 35.70 -43.55 -13.73
N ASP E 235 34.95 -44.65 -13.83
CA ASP E 235 34.64 -45.21 -15.14
C ASP E 235 33.76 -44.29 -15.98
N PHE E 236 33.00 -43.42 -15.31
CA PHE E 236 32.13 -42.50 -16.03
C PHE E 236 32.92 -41.48 -16.83
N ALA E 237 34.23 -41.42 -16.58
CA ALA E 237 35.09 -40.49 -17.29
C ALA E 237 35.67 -41.12 -18.57
N LEU E 238 35.33 -42.39 -18.80
CA LEU E 238 35.77 -43.14 -19.99
C LEU E 238 34.68 -43.13 -21.04
N PRO E 239 35.01 -42.73 -22.27
CA PRO E 239 34.06 -42.66 -23.40
C PRO E 239 33.17 -43.87 -23.56
N GLU E 240 33.72 -45.05 -23.37
CA GLU E 240 32.95 -46.27 -23.53
C GLU E 240 31.76 -46.40 -22.59
N ASN E 241 31.82 -45.73 -21.44
CA ASN E 241 30.74 -45.80 -20.46
C ASN E 241 29.79 -44.61 -20.49
N ILE E 242 29.86 -43.80 -21.55
CA ILE E 242 29.02 -42.61 -21.63
C ILE E 242 27.52 -42.86 -21.45
N ASP E 243 26.99 -43.94 -22.01
CA ASP E 243 25.56 -44.23 -21.87
C ASP E 243 25.18 -44.60 -20.45
N LEU E 244 26.03 -45.36 -19.76
CA LEU E 244 25.75 -45.73 -18.38
C LEU E 244 25.89 -44.49 -17.49
N ALA E 245 26.88 -43.66 -17.80
CA ALA E 245 27.12 -42.44 -17.04
C ALA E 245 25.88 -41.56 -17.04
N VAL E 246 25.32 -41.34 -18.22
CA VAL E 246 24.14 -40.51 -18.36
C VAL E 246 22.95 -41.06 -17.59
N GLN E 247 22.80 -42.38 -17.56
CA GLN E 247 21.69 -43.00 -16.82
C GLN E 247 21.84 -42.75 -15.33
N CYS E 248 23.08 -42.82 -14.84
CA CYS E 248 23.35 -42.58 -13.43
C CYS E 248 23.09 -41.10 -13.17
N LEU E 249 23.57 -40.26 -14.09
CA LEU E 249 23.38 -38.82 -14.00
C LEU E 249 21.90 -38.50 -13.84
N ASN E 250 21.06 -39.10 -14.68
CA ASN E 250 19.63 -38.86 -14.62
C ASN E 250 19.02 -39.33 -13.30
N GLU E 251 19.55 -40.41 -12.73
CA GLU E 251 19.03 -40.94 -11.46
C GLU E 251 19.36 -39.97 -10.32
N LEU E 252 20.56 -39.41 -10.34
CA LEU E 252 20.98 -38.48 -9.30
C LEU E 252 20.22 -37.16 -9.40
N ILE E 253 19.93 -36.73 -10.62
CA ILE E 253 19.19 -35.50 -10.84
C ILE E 253 17.75 -35.69 -10.32
N THR E 254 17.19 -36.87 -10.58
CA THR E 254 15.85 -37.20 -10.14
C THR E 254 15.81 -37.14 -8.62
N ASN E 255 16.90 -37.57 -8.00
CA ASN E 255 17.03 -37.55 -6.55
C ASN E 255 17.00 -36.10 -6.05
N ALA E 256 17.81 -35.25 -6.67
CA ALA E 256 17.87 -33.84 -6.27
C ALA E 256 16.55 -33.09 -6.44
N LEU E 257 15.79 -33.43 -7.48
CA LEU E 257 14.51 -32.78 -7.75
C LEU E 257 13.53 -32.89 -6.59
N HIS E 258 13.72 -33.89 -5.75
CA HIS E 258 12.83 -34.08 -4.61
C HIS E 258 12.89 -32.96 -3.59
N HIS E 259 13.93 -32.13 -3.66
CA HIS E 259 14.06 -31.01 -2.72
C HIS E 259 13.30 -29.78 -3.20
N ILE E 260 12.90 -29.77 -4.47
CA ILE E 260 12.20 -28.62 -5.02
C ILE E 260 10.96 -28.22 -4.22
N PRO E 261 10.12 -29.18 -3.82
CA PRO E 261 8.94 -28.79 -3.04
C PRO E 261 9.32 -27.93 -1.82
N ASP E 262 10.35 -28.35 -1.09
CA ASP E 262 10.81 -27.61 0.08
C ASP E 262 11.41 -26.25 -0.29
N VAL E 263 12.06 -26.18 -1.44
CA VAL E 263 12.65 -24.94 -1.90
C VAL E 263 11.56 -23.91 -2.15
N ILE E 264 10.49 -24.35 -2.81
CA ILE E 264 9.38 -23.45 -3.11
C ILE E 264 8.71 -22.99 -1.81
N THR E 265 8.52 -23.91 -0.88
CA THR E 265 7.90 -23.57 0.40
C THR E 265 8.76 -22.56 1.15
N TYR E 266 10.05 -22.83 1.23
CA TYR E 266 10.98 -21.94 1.92
C TYR E 266 11.00 -20.55 1.29
N LEU E 267 11.08 -20.49 -0.04
CA LEU E 267 11.14 -19.20 -0.72
C LEU E 267 9.84 -18.41 -0.55
N SER E 268 8.71 -19.11 -0.55
CA SER E 268 7.41 -18.48 -0.43
C SER E 268 7.13 -17.86 0.95
N ARG E 269 7.99 -18.10 1.92
CA ARG E 269 7.82 -17.56 3.25
C ARG E 269 8.64 -16.30 3.50
N LEU E 270 9.57 -16.00 2.59
CA LEU E 270 10.41 -14.83 2.74
C LEU E 270 9.62 -13.55 2.51
N ARG E 271 9.99 -12.49 3.21
CA ARG E 271 9.30 -11.21 3.08
C ARG E 271 10.22 -10.04 2.74
N ASN E 272 11.52 -10.23 2.96
CA ASN E 272 12.51 -9.18 2.67
C ASN E 272 13.04 -9.39 1.26
N GLN E 273 12.97 -8.34 0.43
CA GLN E 273 13.41 -8.43 -0.95
C GLN E 273 14.88 -8.81 -1.09
N SER E 274 15.76 -8.21 -0.28
CA SER E 274 17.17 -8.52 -0.39
C SER E 274 17.43 -9.97 0.01
N VAL E 275 16.68 -10.48 0.97
CA VAL E 275 16.84 -11.86 1.40
C VAL E 275 16.27 -12.81 0.35
N PHE E 276 15.16 -12.41 -0.27
CA PHE E 276 14.54 -13.21 -1.30
C PHE E 276 15.46 -13.41 -2.51
N ASN E 277 16.07 -12.32 -2.96
CA ASN E 277 16.98 -12.38 -4.11
C ASN E 277 18.16 -13.28 -3.77
N PHE E 278 18.72 -13.08 -2.58
CA PHE E 278 19.86 -13.86 -2.11
C PHE E 278 19.55 -15.35 -2.11
N CYS E 279 18.32 -15.70 -1.77
CA CYS E 279 17.91 -17.10 -1.72
C CYS E 279 17.41 -17.66 -3.06
N ALA E 280 16.55 -16.92 -3.73
CA ALA E 280 15.98 -17.36 -5.00
C ALA E 280 16.93 -17.48 -6.20
N ILE E 281 17.79 -16.49 -6.40
CA ILE E 281 18.70 -16.52 -7.53
C ILE E 281 19.57 -17.78 -7.60
N PRO E 282 20.25 -18.15 -6.50
CA PRO E 282 21.08 -19.35 -6.55
C PRO E 282 20.25 -20.62 -6.80
N GLN E 283 19.06 -20.67 -6.22
CA GLN E 283 18.19 -21.83 -6.40
C GLN E 283 17.74 -21.94 -7.86
N VAL E 284 17.31 -20.83 -8.44
CA VAL E 284 16.86 -20.83 -9.82
C VAL E 284 18.03 -21.20 -10.73
N MET E 285 19.21 -20.73 -10.37
CA MET E 285 20.41 -21.04 -11.16
C MET E 285 20.76 -22.52 -11.07
N ALA E 286 20.50 -23.13 -9.90
CA ALA E 286 20.79 -24.55 -9.73
C ALA E 286 19.78 -25.35 -10.55
N ILE E 287 18.51 -24.96 -10.48
CA ILE E 287 17.47 -25.64 -11.22
C ILE E 287 17.76 -25.55 -12.73
N ALA E 288 18.21 -24.39 -13.18
CA ALA E 288 18.54 -24.18 -14.58
C ALA E 288 19.67 -25.13 -14.96
N THR E 289 20.60 -25.33 -14.03
CA THR E 289 21.74 -26.19 -14.22
C THR E 289 21.34 -27.67 -14.35
N LEU E 290 20.44 -28.12 -13.49
CA LEU E 290 19.98 -29.51 -13.56
C LEU E 290 19.27 -29.77 -14.89
N ALA E 291 18.47 -28.81 -15.32
CA ALA E 291 17.73 -28.93 -16.57
C ALA E 291 18.69 -29.05 -17.75
N ALA E 292 19.80 -28.32 -17.68
CA ALA E 292 20.80 -28.35 -18.74
C ALA E 292 21.58 -29.66 -18.72
N CYS E 293 21.84 -30.18 -17.51
CA CYS E 293 22.59 -31.41 -17.35
C CYS E 293 21.78 -32.68 -17.60
N TYR E 294 20.47 -32.60 -17.46
CA TYR E 294 19.65 -33.79 -17.63
C TYR E 294 19.85 -34.46 -18.99
N ASN E 295 20.08 -35.77 -18.95
CA ASN E 295 20.30 -36.59 -20.13
C ASN E 295 21.32 -35.94 -21.07
N ASN E 296 22.31 -35.26 -20.49
CA ASN E 296 23.31 -34.56 -21.27
C ASN E 296 24.71 -35.19 -21.13
N GLN E 297 25.20 -35.76 -22.21
CA GLN E 297 26.52 -36.39 -22.20
C GLN E 297 27.63 -35.40 -21.91
N GLN E 298 27.39 -34.14 -22.22
CA GLN E 298 28.39 -33.10 -22.02
C GLN E 298 28.91 -33.07 -20.58
N VAL E 299 28.08 -33.49 -19.64
CA VAL E 299 28.47 -33.50 -18.24
C VAL E 299 29.74 -34.35 -18.02
N PHE E 300 29.95 -35.33 -18.89
CA PHE E 300 31.10 -36.22 -18.77
C PHE E 300 32.23 -35.90 -19.74
N LYS E 301 32.06 -34.81 -20.48
CA LYS E 301 33.07 -34.40 -21.45
C LYS E 301 33.63 -33.02 -21.17
N GLY E 302 32.84 -32.18 -20.49
CA GLY E 302 33.30 -30.85 -20.18
C GLY E 302 32.33 -30.06 -19.33
N ALA E 303 32.18 -28.78 -19.65
CA ALA E 303 31.29 -27.89 -18.93
C ALA E 303 29.97 -27.69 -19.67
N VAL E 304 28.88 -27.64 -18.91
CA VAL E 304 27.55 -27.44 -19.46
C VAL E 304 27.11 -26.01 -19.15
N LEU E 305 27.02 -25.18 -20.19
CA LEU E 305 26.61 -23.79 -19.98
C LEU E 305 25.08 -23.67 -20.01
N ILE E 306 24.56 -22.99 -19.00
CA ILE E 306 23.12 -22.79 -18.87
C ILE E 306 22.58 -22.00 -20.06
N ALA E 311 9.15 -19.96 -23.95
CA ALA E 311 9.96 -18.77 -23.73
C ALA E 311 9.19 -17.74 -22.90
N VAL E 312 8.15 -18.20 -22.21
CA VAL E 312 7.36 -17.31 -21.37
C VAL E 312 8.28 -16.83 -20.26
N THR E 313 9.37 -17.58 -20.06
CA THR E 313 10.38 -17.28 -19.05
C THR E 313 11.16 -16.02 -19.41
N LEU E 314 11.35 -15.81 -20.72
CA LEU E 314 12.07 -14.65 -21.22
C LEU E 314 11.62 -13.34 -20.58
N MET E 315 10.30 -13.21 -20.40
CA MET E 315 9.72 -12.00 -19.83
C MET E 315 9.76 -11.98 -18.30
N MET E 316 10.63 -12.80 -17.70
CA MET E 316 10.70 -12.86 -16.24
C MET E 316 12.10 -12.91 -15.64
N ASP E 317 12.21 -12.43 -14.41
CA ASP E 317 13.46 -12.45 -13.65
C ASP E 317 13.09 -13.14 -12.33
N ALA E 318 14.08 -13.61 -11.58
CA ALA E 318 13.82 -14.33 -10.35
C ALA E 318 13.71 -13.49 -9.08
N THR E 319 12.97 -12.38 -9.14
CA THR E 319 12.84 -11.51 -7.97
C THR E 319 11.47 -11.41 -7.30
N ASN E 320 10.50 -12.19 -7.77
CA ASN E 320 9.19 -12.22 -7.14
C ASN E 320 8.72 -13.67 -7.19
N MET E 321 8.18 -14.16 -6.07
CA MET E 321 7.76 -15.55 -5.95
C MET E 321 6.98 -16.16 -7.12
N PRO E 322 5.92 -15.50 -7.59
CA PRO E 322 5.17 -16.09 -8.72
C PRO E 322 6.06 -16.27 -9.94
N ALA E 323 6.96 -15.32 -10.18
CA ALA E 323 7.85 -15.41 -11.32
C ALA E 323 8.79 -16.60 -11.12
N VAL E 324 9.30 -16.74 -9.90
CA VAL E 324 10.20 -17.84 -9.57
C VAL E 324 9.51 -19.18 -9.80
N LYS E 325 8.25 -19.28 -9.39
CA LYS E 325 7.51 -20.52 -9.59
C LYS E 325 7.40 -20.85 -11.07
N ALA E 326 6.98 -19.85 -11.86
CA ALA E 326 6.83 -20.03 -13.29
C ALA E 326 8.11 -20.53 -13.94
N ILE E 327 9.24 -19.93 -13.55
CA ILE E 327 10.54 -20.30 -14.09
C ILE E 327 10.90 -21.74 -13.73
N ILE E 328 10.64 -22.11 -12.49
CA ILE E 328 10.93 -23.48 -12.05
C ILE E 328 10.09 -24.47 -12.85
N TYR E 329 8.80 -24.17 -13.00
CA TYR E 329 7.91 -25.05 -13.74
C TYR E 329 8.34 -25.23 -15.18
N GLN E 330 8.81 -24.16 -15.81
CA GLN E 330 9.26 -24.24 -17.18
C GLN E 330 10.46 -25.19 -17.29
N TYR E 331 11.42 -25.05 -16.38
CA TYR E 331 12.58 -25.93 -16.42
C TYR E 331 12.19 -27.38 -16.17
N MET E 332 11.16 -27.60 -15.36
CA MET E 332 10.70 -28.97 -15.08
C MET E 332 10.15 -29.62 -16.35
N GLU E 333 9.43 -28.84 -17.15
CA GLU E 333 8.86 -29.36 -18.39
C GLU E 333 9.96 -29.55 -19.43
N GLU E 334 11.06 -28.83 -19.24
CA GLU E 334 12.20 -28.93 -20.14
C GLU E 334 12.80 -30.33 -19.90
N ILE E 335 12.85 -30.71 -18.63
CA ILE E 335 13.38 -32.02 -18.26
C ILE E 335 12.38 -33.10 -18.65
N TYR E 336 11.13 -32.91 -18.25
CA TYR E 336 10.05 -33.85 -18.53
C TYR E 336 9.97 -34.22 -20.00
N HIS E 337 10.11 -33.23 -20.87
CA HIS E 337 10.04 -33.44 -22.30
C HIS E 337 11.21 -34.24 -22.87
N ARG E 338 12.32 -34.28 -22.13
CA ARG E 338 13.52 -35.00 -22.57
C ARG E 338 13.74 -36.37 -21.93
N ILE E 339 12.79 -36.80 -21.10
CA ILE E 339 12.89 -38.09 -20.43
C ILE E 339 12.77 -39.25 -21.42
N PRO E 340 13.81 -40.11 -21.48
CA PRO E 340 13.78 -41.27 -22.39
C PRO E 340 12.93 -42.40 -21.82
N ASP E 341 12.06 -42.95 -22.66
CA ASP E 341 11.19 -44.04 -22.22
C ASP E 341 11.97 -45.20 -21.59
N SER E 342 13.09 -45.54 -22.20
CA SER E 342 13.91 -46.63 -21.71
C SER E 342 14.83 -46.29 -20.55
N ASN E 343 14.88 -45.02 -20.13
CA ASN E 343 15.74 -44.65 -19.00
C ASN E 343 15.27 -45.42 -17.77
N PRO E 344 16.20 -46.02 -17.01
CA PRO E 344 15.89 -46.79 -15.80
C PRO E 344 15.19 -45.98 -14.69
N SER E 345 15.25 -44.64 -14.79
CA SER E 345 14.64 -43.76 -13.80
C SER E 345 13.42 -43.01 -14.35
N SER E 346 13.07 -43.25 -15.61
CA SER E 346 11.95 -42.54 -16.23
C SER E 346 10.71 -42.36 -15.35
N SER E 347 10.23 -43.46 -14.76
CA SER E 347 9.04 -43.40 -13.90
C SER E 347 9.22 -42.45 -12.72
N LYS E 348 10.35 -42.57 -12.03
CA LYS E 348 10.64 -41.73 -10.88
C LYS E 348 10.68 -40.26 -11.29
N THR E 349 11.35 -39.97 -12.40
CA THR E 349 11.48 -38.60 -12.88
C THR E 349 10.11 -37.98 -13.17
N ARG E 350 9.26 -38.72 -13.86
CA ARG E 350 7.93 -38.22 -14.19
C ARG E 350 7.13 -38.06 -12.90
N GLN E 351 7.35 -38.97 -11.96
CA GLN E 351 6.66 -38.97 -10.68
C GLN E 351 6.90 -37.68 -9.89
N ILE E 352 8.17 -37.39 -9.60
CA ILE E 352 8.51 -36.19 -8.84
C ILE E 352 8.09 -34.91 -9.58
N ILE E 353 8.27 -34.89 -10.89
CA ILE E 353 7.88 -33.71 -11.67
C ILE E 353 6.38 -33.51 -11.55
N SER E 354 5.62 -34.61 -11.63
CA SER E 354 4.17 -34.57 -11.52
C SER E 354 3.76 -34.03 -10.14
N THR E 355 4.50 -34.41 -9.10
CA THR E 355 4.22 -33.95 -7.76
C THR E 355 4.47 -32.45 -7.65
N ILE E 356 5.53 -31.99 -8.30
CA ILE E 356 5.89 -30.58 -8.30
C ILE E 356 4.84 -29.76 -9.07
N ARG E 357 4.32 -30.31 -10.16
CA ARG E 357 3.30 -29.63 -10.95
C ARG E 357 2.00 -29.47 -10.18
N THR E 358 1.63 -30.53 -9.45
CA THR E 358 0.38 -30.56 -8.70
C THR E 358 0.36 -29.93 -7.32
N GLN E 359 1.48 -29.94 -6.61
CA GLN E 359 1.52 -29.34 -5.28
C GLN E 359 1.16 -27.86 -5.33
N ASN E 360 0.12 -27.48 -4.60
CA ASN E 360 -0.35 -26.10 -4.56
C ASN E 360 0.43 -25.25 -3.54
N LEU F 26 -1.59 -35.90 -2.75
CA LEU F 26 -2.38 -35.29 -3.81
C LEU F 26 -3.25 -36.36 -4.47
N SER F 27 -4.35 -35.92 -5.09
CA SER F 27 -5.25 -36.86 -5.76
C SER F 27 -4.65 -37.21 -7.12
N SER F 28 -4.80 -38.46 -7.54
CA SER F 28 -4.25 -38.88 -8.82
C SER F 28 -5.00 -38.19 -9.96
N SER F 29 -6.25 -37.82 -9.69
CA SER F 29 -7.06 -37.15 -10.70
C SER F 29 -6.60 -35.71 -10.93
N LEU F 30 -6.09 -35.07 -9.88
CA LEU F 30 -5.61 -33.70 -10.00
C LEU F 30 -4.26 -33.69 -10.70
N LYS F 31 -3.42 -34.69 -10.39
CA LYS F 31 -2.11 -34.78 -11.03
C LYS F 31 -2.31 -34.99 -12.53
N THR F 32 -3.28 -35.82 -12.88
CA THR F 32 -3.57 -36.09 -14.28
C THR F 32 -3.99 -34.82 -15.01
N CYS F 33 -4.79 -33.99 -14.36
CA CYS F 33 -5.21 -32.73 -14.98
C CYS F 33 -3.99 -31.87 -15.31
N TYR F 34 -3.11 -31.68 -14.33
CA TYR F 34 -1.91 -30.88 -14.56
C TYR F 34 -1.03 -31.51 -15.63
N LYS F 35 -1.11 -32.84 -15.78
CA LYS F 35 -0.34 -33.52 -16.81
C LYS F 35 -0.89 -33.06 -18.16
N TYR F 36 -2.21 -33.02 -18.25
CA TYR F 36 -2.88 -32.60 -19.48
C TYR F 36 -2.66 -31.11 -19.72
N LEU F 37 -2.68 -30.32 -18.65
CA LEU F 37 -2.46 -28.89 -18.77
C LEU F 37 -1.14 -28.67 -19.50
N ASN F 38 -0.09 -29.32 -19.02
CA ASN F 38 1.23 -29.20 -19.62
C ASN F 38 1.29 -29.80 -21.02
N GLN F 39 0.45 -30.79 -21.29
CA GLN F 39 0.42 -31.45 -22.59
C GLN F 39 -0.19 -30.53 -23.65
N THR F 40 -1.29 -29.87 -23.31
CA THR F 40 -1.99 -29.00 -24.25
C THR F 40 -1.64 -27.52 -24.18
N SER F 41 -0.72 -27.14 -23.29
CA SER F 41 -0.36 -25.74 -23.18
C SER F 41 1.16 -25.54 -23.07
N ARG F 42 1.69 -24.65 -23.91
CA ARG F 42 3.12 -24.39 -23.89
C ARG F 42 3.44 -22.99 -23.37
N SER F 43 2.46 -22.09 -23.39
CA SER F 43 2.70 -20.73 -22.92
C SER F 43 1.83 -20.29 -21.73
N PHE F 44 0.96 -21.16 -21.24
CA PHE F 44 0.11 -20.80 -20.12
C PHE F 44 0.28 -21.70 -18.90
N ALA F 45 0.71 -22.93 -19.11
CA ALA F 45 0.88 -23.88 -18.02
C ALA F 45 1.67 -23.33 -16.84
N ALA F 46 2.84 -22.76 -17.14
CA ALA F 46 3.72 -22.22 -16.11
C ALA F 46 3.11 -21.08 -15.29
N VAL F 47 2.47 -20.11 -15.94
CA VAL F 47 1.89 -19.00 -15.21
C VAL F 47 0.61 -19.43 -14.48
N ILE F 48 -0.02 -20.49 -14.95
CA ILE F 48 -1.24 -21.00 -14.32
C ILE F 48 -0.83 -21.67 -13.01
N GLN F 49 0.20 -22.50 -13.07
CA GLN F 49 0.68 -23.19 -11.89
C GLN F 49 1.27 -22.24 -10.85
N ALA F 50 1.58 -21.01 -11.29
CA ALA F 50 2.16 -20.01 -10.40
C ALA F 50 1.11 -19.14 -9.70
N LEU F 51 -0.16 -19.34 -10.03
CA LEU F 51 -1.25 -18.58 -9.41
C LEU F 51 -1.39 -18.93 -7.93
N ASP F 52 -1.79 -17.94 -7.11
CA ASP F 52 -1.96 -18.14 -5.67
C ASP F 52 -3.18 -18.98 -5.30
N GLY F 53 -3.07 -19.63 -4.15
CA GLY F 53 -4.15 -20.45 -3.61
C GLY F 53 -5.14 -21.12 -4.53
N GLU F 54 -6.41 -20.91 -4.26
CA GLU F 54 -7.49 -21.52 -5.02
C GLU F 54 -7.57 -21.18 -6.51
N MET F 55 -6.90 -20.12 -6.94
CA MET F 55 -6.96 -19.76 -8.36
C MET F 55 -6.26 -20.82 -9.21
N ARG F 56 -5.19 -21.37 -8.64
CA ARG F 56 -4.38 -22.38 -9.31
C ARG F 56 -5.23 -23.49 -9.97
N ASN F 57 -5.89 -24.30 -9.16
CA ASN F 57 -6.71 -25.38 -9.71
C ASN F 57 -7.89 -24.89 -10.52
N ALA F 58 -8.52 -23.79 -10.10
CA ALA F 58 -9.67 -23.26 -10.81
C ALA F 58 -9.34 -22.90 -12.26
N VAL F 59 -8.24 -22.18 -12.45
CA VAL F 59 -7.83 -21.77 -13.79
C VAL F 59 -7.34 -22.96 -14.61
N CYS F 60 -6.65 -23.88 -13.96
CA CYS F 60 -6.16 -25.08 -14.65
C CYS F 60 -7.36 -25.82 -15.24
N ILE F 61 -8.34 -26.11 -14.39
CA ILE F 61 -9.54 -26.83 -14.82
C ILE F 61 -10.26 -26.04 -15.91
N PHE F 62 -10.30 -24.72 -15.75
CA PHE F 62 -10.96 -23.86 -16.72
C PHE F 62 -10.30 -24.00 -18.08
N TYR F 63 -8.96 -24.04 -18.09
CA TYR F 63 -8.21 -24.19 -19.33
C TYR F 63 -8.52 -25.54 -19.98
N LEU F 64 -8.51 -26.59 -19.16
CA LEU F 64 -8.76 -27.95 -19.65
C LEU F 64 -10.14 -28.14 -20.29
N VAL F 65 -11.18 -27.65 -19.64
CA VAL F 65 -12.52 -27.79 -20.19
C VAL F 65 -12.66 -27.01 -21.50
N LEU F 66 -12.12 -25.79 -21.51
CA LEU F 66 -12.17 -24.96 -22.71
C LEU F 66 -11.41 -25.62 -23.85
N ARG F 67 -10.37 -26.36 -23.51
CA ARG F 67 -9.56 -27.05 -24.52
C ARG F 67 -10.42 -28.16 -25.13
N ALA F 68 -11.17 -28.86 -24.28
CA ALA F 68 -12.03 -29.94 -24.75
C ALA F 68 -13.07 -29.35 -25.69
N LEU F 69 -13.76 -28.32 -25.23
CA LEU F 69 -14.78 -27.66 -26.03
C LEU F 69 -14.24 -27.20 -27.38
N ASP F 70 -13.07 -26.59 -27.36
CA ASP F 70 -12.45 -26.11 -28.59
C ASP F 70 -12.12 -27.29 -29.50
N THR F 71 -11.66 -28.38 -28.91
CA THR F 71 -11.31 -29.56 -29.68
C THR F 71 -12.53 -30.11 -30.44
N LEU F 72 -13.70 -30.04 -29.82
CA LEU F 72 -14.91 -30.52 -30.46
C LEU F 72 -15.18 -29.70 -31.72
N GLU F 73 -15.22 -28.38 -31.55
CA GLU F 73 -15.46 -27.48 -32.68
C GLU F 73 -14.49 -27.75 -33.81
N ASP F 74 -13.22 -27.87 -33.45
CA ASP F 74 -12.15 -28.12 -34.42
C ASP F 74 -12.29 -29.41 -35.21
N ASP F 75 -12.85 -30.45 -34.58
CA ASP F 75 -13.00 -31.74 -35.22
C ASP F 75 -14.00 -31.69 -36.38
N MET F 76 -13.49 -31.91 -37.59
CA MET F 76 -14.31 -31.88 -38.80
C MET F 76 -14.89 -33.25 -39.16
N THR F 77 -14.78 -34.19 -38.23
CA THR F 77 -15.31 -35.54 -38.46
C THR F 77 -16.73 -35.60 -37.91
N ILE F 78 -17.06 -34.65 -37.02
CA ILE F 78 -18.39 -34.60 -36.44
C ILE F 78 -19.29 -33.78 -37.36
N SER F 79 -20.46 -34.34 -37.67
CA SER F 79 -21.41 -33.66 -38.54
C SER F 79 -21.99 -32.45 -37.81
N VAL F 80 -22.35 -31.42 -38.57
CA VAL F 80 -22.92 -30.21 -37.99
C VAL F 80 -24.11 -30.56 -37.11
N GLU F 81 -24.87 -31.57 -37.54
CA GLU F 81 -26.04 -32.02 -36.80
C GLU F 81 -25.67 -32.65 -35.47
N LYS F 82 -24.46 -33.20 -35.39
CA LYS F 82 -23.99 -33.84 -34.17
C LYS F 82 -23.19 -32.83 -33.33
N LYS F 83 -22.38 -32.03 -33.99
CA LYS F 83 -21.55 -31.03 -33.33
C LYS F 83 -22.34 -30.01 -32.53
N VAL F 84 -23.33 -29.39 -33.16
CA VAL F 84 -24.17 -28.39 -32.51
C VAL F 84 -24.58 -28.81 -31.09
N PRO F 85 -25.22 -29.98 -30.95
CA PRO F 85 -25.65 -30.43 -29.62
C PRO F 85 -24.49 -30.51 -28.63
N LEU F 86 -23.38 -31.10 -29.08
CA LEU F 86 -22.20 -31.24 -28.24
C LEU F 86 -21.70 -29.88 -27.74
N LEU F 87 -21.85 -28.86 -28.58
CA LEU F 87 -21.42 -27.51 -28.21
C LEU F 87 -22.42 -26.86 -27.27
N HIS F 88 -23.70 -26.93 -27.61
CA HIS F 88 -24.75 -26.33 -26.80
C HIS F 88 -24.88 -26.94 -25.41
N ASN F 89 -24.56 -28.21 -25.27
CA ASN F 89 -24.69 -28.89 -23.99
C ASN F 89 -23.39 -29.17 -23.24
N PHE F 90 -22.27 -28.78 -23.82
CA PHE F 90 -20.98 -29.01 -23.19
C PHE F 90 -20.97 -28.62 -21.72
N HIS F 91 -21.52 -27.44 -21.41
CA HIS F 91 -21.55 -26.95 -20.04
C HIS F 91 -22.28 -27.88 -19.07
N SER F 92 -23.13 -28.74 -19.60
CA SER F 92 -23.86 -29.67 -18.75
C SER F 92 -23.04 -30.93 -18.49
N PHE F 93 -22.18 -31.30 -19.44
CA PHE F 93 -21.35 -32.49 -19.29
C PHE F 93 -20.44 -32.40 -18.06
N LEU F 94 -20.23 -31.19 -17.57
CA LEU F 94 -19.38 -30.97 -16.39
C LEU F 94 -19.99 -31.63 -15.17
N TYR F 95 -21.31 -31.80 -15.19
CA TYR F 95 -22.01 -32.40 -14.07
C TYR F 95 -22.44 -33.84 -14.34
N GLN F 96 -21.96 -34.40 -15.44
CA GLN F 96 -22.25 -35.78 -15.81
C GLN F 96 -20.96 -36.58 -15.68
N PRO F 97 -20.72 -37.16 -14.49
CA PRO F 97 -19.54 -37.96 -14.17
C PRO F 97 -19.03 -38.91 -15.26
N ASP F 98 -19.95 -39.56 -15.97
CA ASP F 98 -19.57 -40.52 -17.00
C ASP F 98 -19.44 -39.98 -18.41
N TRP F 99 -19.75 -38.71 -18.63
CA TRP F 99 -19.65 -38.18 -19.98
C TRP F 99 -18.23 -38.23 -20.53
N ARG F 100 -18.13 -38.45 -21.84
CA ARG F 100 -16.83 -38.52 -22.51
C ARG F 100 -17.03 -38.60 -24.03
N PHE F 101 -15.93 -38.53 -24.77
CA PHE F 101 -16.00 -38.58 -26.24
C PHE F 101 -14.85 -39.40 -26.78
N MET F 102 -15.17 -40.51 -27.45
CA MET F 102 -14.13 -41.39 -27.99
C MET F 102 -14.07 -41.34 -29.52
N GLU F 103 -14.83 -40.43 -30.12
CA GLU F 103 -14.85 -40.33 -31.58
C GLU F 103 -14.03 -39.20 -32.19
N SER F 104 -13.16 -38.59 -31.40
CA SER F 104 -12.35 -37.48 -31.91
C SER F 104 -11.06 -37.96 -32.56
N LYS F 105 -10.57 -37.17 -33.52
CA LYS F 105 -9.33 -37.46 -34.22
C LYS F 105 -8.28 -36.41 -33.94
N GLU F 106 -8.63 -35.46 -33.08
CA GLU F 106 -7.74 -34.37 -32.71
C GLU F 106 -6.55 -34.82 -31.87
N LYS F 107 -5.51 -34.00 -31.82
CA LYS F 107 -4.30 -34.30 -31.06
C LYS F 107 -4.54 -34.27 -29.57
N ASP F 108 -5.48 -33.44 -29.14
CA ASP F 108 -5.79 -33.30 -27.72
C ASP F 108 -7.07 -34.01 -27.31
N ARG F 109 -7.39 -35.11 -27.98
CA ARG F 109 -8.60 -35.84 -27.64
C ARG F 109 -8.54 -36.52 -26.28
N GLN F 110 -7.33 -36.65 -25.74
CA GLN F 110 -7.15 -37.29 -24.44
C GLN F 110 -8.03 -36.59 -23.39
N VAL F 111 -8.25 -35.29 -23.55
CA VAL F 111 -9.06 -34.53 -22.61
C VAL F 111 -10.53 -34.90 -22.78
N LEU F 112 -10.93 -35.22 -24.00
CA LEU F 112 -12.31 -35.59 -24.27
C LEU F 112 -12.53 -37.04 -23.85
N GLU F 113 -11.60 -37.91 -24.26
CA GLU F 113 -11.68 -39.33 -23.93
C GLU F 113 -11.58 -39.59 -22.43
N ASP F 114 -10.90 -38.71 -21.71
CA ASP F 114 -10.75 -38.87 -20.27
C ASP F 114 -11.35 -37.68 -19.53
N PHE F 115 -12.42 -37.14 -20.08
CA PHE F 115 -13.11 -35.99 -19.49
C PHE F 115 -13.59 -36.22 -18.06
N PRO F 116 -14.03 -37.46 -17.74
CA PRO F 116 -14.50 -37.74 -16.38
C PRO F 116 -13.50 -37.32 -15.31
N THR F 117 -12.22 -37.53 -15.59
CA THR F 117 -11.16 -37.16 -14.65
C THR F 117 -11.17 -35.65 -14.44
N ILE F 118 -11.47 -34.92 -15.52
CA ILE F 118 -11.50 -33.46 -15.48
C ILE F 118 -12.78 -32.93 -14.82
N SER F 119 -13.92 -33.52 -15.14
CA SER F 119 -15.19 -33.08 -14.55
C SER F 119 -15.16 -33.31 -13.04
N LEU F 120 -14.56 -34.43 -12.64
CA LEU F 120 -14.46 -34.77 -11.22
C LEU F 120 -13.76 -33.66 -10.45
N GLU F 121 -12.61 -33.21 -10.95
CA GLU F 121 -11.88 -32.14 -10.29
C GLU F 121 -12.67 -30.85 -10.38
N PHE F 122 -13.39 -30.67 -11.48
CA PHE F 122 -14.22 -29.48 -11.67
C PHE F 122 -15.21 -29.43 -10.52
N ARG F 123 -15.88 -30.55 -10.29
CA ARG F 123 -16.86 -30.64 -9.23
C ARG F 123 -16.22 -30.52 -7.85
N ASN F 124 -14.89 -30.52 -7.82
CA ASN F 124 -14.16 -30.37 -6.57
C ASN F 124 -13.92 -28.90 -6.27
N LEU F 125 -14.06 -28.07 -7.30
CA LEU F 125 -13.87 -26.63 -7.16
C LEU F 125 -14.99 -26.06 -6.31
N ALA F 126 -14.71 -24.97 -5.60
CA ALA F 126 -15.74 -24.34 -4.79
C ALA F 126 -16.85 -23.92 -5.74
N GLU F 127 -18.07 -23.81 -5.23
CA GLU F 127 -19.23 -23.43 -6.02
C GLU F 127 -19.04 -22.12 -6.78
N LYS F 128 -18.44 -21.13 -6.13
CA LYS F 128 -18.24 -19.83 -6.77
C LYS F 128 -17.41 -19.92 -8.05
N TYR F 129 -16.50 -20.89 -8.13
CA TYR F 129 -15.69 -21.04 -9.33
C TYR F 129 -16.44 -21.82 -10.39
N GLN F 130 -17.11 -22.89 -9.96
CA GLN F 130 -17.88 -23.74 -10.87
C GLN F 130 -18.91 -22.92 -11.63
N THR F 131 -19.59 -22.02 -10.92
CA THR F 131 -20.62 -21.17 -11.51
C THR F 131 -20.06 -20.40 -12.70
N VAL F 132 -18.99 -19.67 -12.44
CA VAL F 132 -18.33 -18.87 -13.46
C VAL F 132 -17.95 -19.70 -14.68
N ILE F 133 -17.23 -20.79 -14.44
CA ILE F 133 -16.78 -21.67 -15.51
C ILE F 133 -17.90 -22.23 -16.37
N ALA F 134 -18.94 -22.77 -15.73
CA ALA F 134 -20.07 -23.34 -16.46
C ALA F 134 -20.74 -22.28 -17.33
N ASP F 135 -21.03 -21.14 -16.73
CA ASP F 135 -21.67 -20.03 -17.44
C ASP F 135 -20.93 -19.69 -18.74
N ILE F 136 -19.62 -19.54 -18.65
CA ILE F 136 -18.81 -19.22 -19.81
C ILE F 136 -18.85 -20.33 -20.85
N CYS F 137 -18.74 -21.58 -20.41
CA CYS F 137 -18.80 -22.71 -21.33
C CYS F 137 -20.11 -22.68 -22.10
N ARG F 138 -21.21 -22.45 -21.39
CA ARG F 138 -22.54 -22.40 -22.00
C ARG F 138 -22.64 -21.30 -23.06
N ARG F 139 -22.30 -20.07 -22.66
CA ARG F 139 -22.36 -18.93 -23.55
C ARG F 139 -21.39 -19.08 -24.72
N MET F 140 -20.29 -19.77 -24.48
CA MET F 140 -19.29 -19.99 -25.51
C MET F 140 -19.78 -21.02 -26.52
N GLY F 141 -20.33 -22.14 -26.01
CA GLY F 141 -20.84 -23.17 -26.89
C GLY F 141 -21.88 -22.61 -27.83
N ILE F 142 -22.81 -21.82 -27.28
CA ILE F 142 -23.87 -21.21 -28.07
C ILE F 142 -23.26 -20.38 -29.19
N GLY F 143 -22.35 -19.48 -28.82
CA GLY F 143 -21.70 -18.62 -29.80
C GLY F 143 -20.94 -19.38 -30.87
N MET F 144 -20.22 -20.42 -30.46
CA MET F 144 -19.44 -21.22 -31.39
C MET F 144 -20.32 -21.89 -32.43
N ALA F 145 -21.39 -22.52 -31.98
CA ALA F 145 -22.32 -23.19 -32.88
C ALA F 145 -22.80 -22.22 -33.95
N GLU F 146 -22.90 -20.96 -33.58
CA GLU F 146 -23.37 -19.91 -34.49
C GLU F 146 -22.48 -19.73 -35.72
N PHE F 147 -21.18 -19.97 -35.59
CA PHE F 147 -20.26 -19.81 -36.72
C PHE F 147 -19.84 -21.10 -37.39
N LEU F 148 -20.50 -22.21 -37.08
CA LEU F 148 -20.14 -23.49 -37.67
C LEU F 148 -20.28 -23.49 -39.19
N ASP F 149 -21.24 -22.74 -39.71
CA ASP F 149 -21.47 -22.67 -41.15
C ASP F 149 -20.98 -21.37 -41.79
N LYS F 150 -21.20 -20.25 -41.11
CA LYS F 150 -20.81 -18.95 -41.63
C LYS F 150 -19.36 -18.58 -41.30
N HIS F 151 -18.81 -17.67 -42.08
CA HIS F 151 -17.45 -17.18 -41.90
C HIS F 151 -17.53 -15.79 -41.28
N VAL F 152 -16.38 -15.21 -40.99
CA VAL F 152 -16.33 -13.87 -40.42
C VAL F 152 -16.47 -12.87 -41.57
N THR F 153 -17.54 -12.09 -41.55
CA THR F 153 -17.78 -11.11 -42.59
C THR F 153 -17.21 -9.74 -42.23
N SER F 154 -17.95 -9.01 -41.41
CA SER F 154 -17.54 -7.67 -40.99
C SER F 154 -16.58 -7.68 -39.81
N GLU F 155 -15.93 -6.55 -39.57
CA GLU F 155 -15.01 -6.42 -38.45
C GLU F 155 -15.87 -6.55 -37.20
N GLN F 156 -17.08 -6.04 -37.29
CA GLN F 156 -18.02 -6.11 -36.18
C GLN F 156 -18.25 -7.58 -35.88
N GLU F 157 -18.35 -8.38 -36.94
CA GLU F 157 -18.55 -9.82 -36.83
C GLU F 157 -17.28 -10.48 -36.30
N TRP F 158 -16.14 -9.93 -36.69
CA TRP F 158 -14.85 -10.47 -36.25
C TRP F 158 -14.73 -10.36 -34.75
N ASP F 159 -15.18 -9.24 -34.18
CA ASP F 159 -15.15 -9.06 -32.75
C ASP F 159 -16.11 -10.04 -32.10
N LYS F 160 -17.23 -10.28 -32.76
CA LYS F 160 -18.26 -11.19 -32.26
C LYS F 160 -17.66 -12.58 -32.08
N TYR F 161 -17.06 -13.12 -33.14
CA TYR F 161 -16.44 -14.43 -33.08
C TYR F 161 -15.35 -14.47 -32.00
N CYS F 162 -14.51 -13.44 -31.97
CA CYS F 162 -13.43 -13.36 -30.99
C CYS F 162 -13.96 -13.28 -29.57
N HIS F 163 -15.12 -12.65 -29.42
CA HIS F 163 -15.76 -12.53 -28.11
C HIS F 163 -16.12 -13.92 -27.60
N TYR F 164 -16.59 -14.77 -28.51
CA TYR F 164 -17.00 -16.13 -28.17
C TYR F 164 -15.86 -17.07 -27.78
N VAL F 165 -14.82 -17.12 -28.60
CA VAL F 165 -13.69 -18.02 -28.33
C VAL F 165 -12.58 -17.43 -27.48
N ALA F 166 -12.63 -16.13 -27.20
CA ALA F 166 -11.58 -15.48 -26.41
C ALA F 166 -12.13 -14.46 -25.43
N GLY F 167 -12.92 -13.52 -25.94
CA GLY F 167 -13.49 -12.47 -25.10
C GLY F 167 -14.14 -13.00 -23.84
N LEU F 168 -15.01 -14.00 -23.98
CA LEU F 168 -15.69 -14.56 -22.83
C LEU F 168 -14.71 -15.24 -21.87
N VAL F 169 -13.58 -15.71 -22.39
CA VAL F 169 -12.59 -16.36 -21.56
C VAL F 169 -11.96 -15.33 -20.63
N GLY F 170 -11.65 -14.15 -21.17
CA GLY F 170 -11.08 -13.10 -20.37
C GLY F 170 -12.03 -12.70 -19.25
N ILE F 171 -13.32 -12.68 -19.56
CA ILE F 171 -14.34 -12.34 -18.57
C ILE F 171 -14.41 -13.41 -17.48
N GLY F 172 -14.39 -14.68 -17.91
CA GLY F 172 -14.44 -15.77 -16.95
C GLY F 172 -13.25 -15.67 -16.00
N LEU F 173 -12.06 -15.48 -16.57
CA LEU F 173 -10.85 -15.38 -15.77
C LEU F 173 -10.95 -14.23 -14.77
N SER F 174 -11.37 -13.05 -15.23
CA SER F 174 -11.51 -11.89 -14.35
C SER F 174 -12.44 -12.21 -13.20
N ARG F 175 -13.53 -12.92 -13.50
CA ARG F 175 -14.49 -13.28 -12.46
C ARG F 175 -13.87 -14.26 -11.46
N LEU F 176 -13.02 -15.15 -11.92
CA LEU F 176 -12.39 -16.08 -11.00
C LEU F 176 -11.42 -15.35 -10.08
N PHE F 177 -10.74 -14.33 -10.60
CA PHE F 177 -9.81 -13.57 -9.78
C PHE F 177 -10.55 -12.93 -8.62
N SER F 178 -11.66 -12.28 -8.91
CA SER F 178 -12.45 -11.63 -7.86
C SER F 178 -13.09 -12.65 -6.94
N ALA F 179 -13.66 -13.71 -7.50
CA ALA F 179 -14.29 -14.75 -6.69
C ALA F 179 -13.30 -15.27 -5.66
N SER F 180 -12.05 -15.46 -6.07
CA SER F 180 -11.01 -15.96 -5.17
C SER F 180 -10.65 -14.91 -4.15
N GLU F 181 -10.95 -13.65 -4.49
CA GLU F 181 -10.67 -12.53 -3.61
C GLU F 181 -9.20 -12.11 -3.60
N PHE F 182 -8.39 -12.70 -4.47
CA PHE F 182 -6.99 -12.31 -4.52
C PHE F 182 -6.93 -10.97 -5.25
N GLU F 183 -8.00 -10.66 -5.96
CA GLU F 183 -8.16 -9.40 -6.69
C GLU F 183 -9.46 -8.75 -6.22
N ASP F 184 -9.45 -7.42 -6.22
CA ASP F 184 -10.60 -6.59 -5.80
C ASP F 184 -11.84 -6.90 -6.64
N PRO F 185 -13.04 -6.74 -6.06
CA PRO F 185 -14.29 -7.00 -6.78
C PRO F 185 -14.37 -6.19 -8.07
N LEU F 186 -13.67 -5.06 -8.09
CA LEU F 186 -13.65 -4.18 -9.25
C LEU F 186 -13.10 -4.82 -10.50
N VAL F 187 -12.17 -5.77 -10.33
CA VAL F 187 -11.57 -6.48 -11.48
C VAL F 187 -12.62 -7.29 -12.25
N GLY F 188 -13.31 -8.18 -11.55
CA GLY F 188 -14.32 -9.00 -12.20
C GLY F 188 -15.43 -8.18 -12.83
N GLU F 189 -15.76 -7.04 -12.21
CA GLU F 189 -16.81 -6.16 -12.72
C GLU F 189 -16.56 -5.58 -14.11
N ASP F 190 -15.29 -5.30 -14.40
CA ASP F 190 -14.94 -4.72 -15.70
C ASP F 190 -14.97 -5.74 -16.84
N THR F 191 -16.18 -6.07 -17.29
CA THR F 191 -16.36 -7.05 -18.36
C THR F 191 -15.87 -6.55 -19.71
N GLU F 192 -16.02 -5.25 -19.95
CA GLU F 192 -15.60 -4.66 -21.21
C GLU F 192 -14.10 -4.79 -21.48
N ARG F 193 -13.28 -4.39 -20.52
CA ARG F 193 -11.84 -4.49 -20.71
C ARG F 193 -11.36 -5.93 -20.59
N ALA F 194 -12.03 -6.72 -19.77
CA ALA F 194 -11.65 -8.13 -19.66
C ALA F 194 -11.88 -8.74 -21.04
N ASN F 195 -12.97 -8.33 -21.68
CA ASN F 195 -13.32 -8.83 -23.01
C ASN F 195 -12.26 -8.41 -24.02
N SER F 196 -11.79 -7.17 -23.91
CA SER F 196 -10.75 -6.65 -24.81
C SER F 196 -9.46 -7.44 -24.65
N MET F 197 -9.18 -7.87 -23.42
CA MET F 197 -7.98 -8.64 -23.13
C MET F 197 -8.01 -9.90 -24.00
N GLY F 198 -9.16 -10.57 -24.02
CA GLY F 198 -9.29 -11.78 -24.82
C GLY F 198 -9.26 -11.50 -26.31
N LEU F 199 -9.96 -10.46 -26.75
CA LEU F 199 -10.00 -10.12 -28.16
C LEU F 199 -8.62 -9.79 -28.71
N PHE F 200 -7.80 -9.12 -27.91
CA PHE F 200 -6.46 -8.75 -28.35
C PHE F 200 -5.62 -9.99 -28.64
N LEU F 201 -5.60 -10.92 -27.68
CA LEU F 201 -4.85 -12.16 -27.86
C LEU F 201 -5.35 -12.95 -29.06
N GLN F 202 -6.68 -13.06 -29.18
CA GLN F 202 -7.28 -13.81 -30.27
C GLN F 202 -6.98 -13.25 -31.67
N LYS F 203 -7.14 -11.95 -31.84
CA LYS F 203 -6.86 -11.35 -33.15
C LYS F 203 -5.39 -11.51 -33.48
N THR F 204 -4.53 -11.43 -32.48
CA THR F 204 -3.09 -11.58 -32.70
C THR F 204 -2.77 -12.97 -33.24
N ASN F 205 -3.30 -14.00 -32.59
CA ASN F 205 -3.05 -15.37 -33.03
C ASN F 205 -3.63 -15.61 -34.42
N ILE F 206 -4.77 -14.99 -34.70
CA ILE F 206 -5.45 -15.13 -35.99
C ILE F 206 -4.60 -14.50 -37.10
N ILE F 207 -4.16 -13.27 -36.86
CA ILE F 207 -3.35 -12.53 -37.81
C ILE F 207 -2.05 -13.28 -38.09
N ARG F 208 -1.42 -13.76 -37.03
CA ARG F 208 -0.17 -14.49 -37.12
C ARG F 208 -0.26 -15.85 -37.83
N ASP F 209 -1.27 -16.63 -37.46
CA ASP F 209 -1.45 -17.96 -38.03
C ASP F 209 -2.25 -18.00 -39.33
N TYR F 210 -2.17 -16.94 -40.13
CA TYR F 210 -2.89 -16.91 -41.40
C TYR F 210 -2.64 -18.15 -42.25
N LEU F 211 -1.38 -18.32 -42.65
CA LEU F 211 -0.98 -19.42 -43.51
C LEU F 211 -1.28 -20.82 -42.97
N GLU F 212 -1.11 -21.02 -41.67
CA GLU F 212 -1.38 -22.33 -41.09
C GLU F 212 -2.86 -22.63 -41.14
N ASP F 213 -3.68 -21.60 -40.92
CA ASP F 213 -5.13 -21.76 -40.95
C ASP F 213 -5.63 -21.89 -42.38
N GLN F 214 -4.82 -21.40 -43.32
CA GLN F 214 -5.17 -21.48 -44.73
C GLN F 214 -4.93 -22.91 -45.19
N GLN F 215 -3.76 -23.43 -44.82
CA GLN F 215 -3.38 -24.79 -45.15
C GLN F 215 -4.04 -25.74 -44.16
N GLY F 216 -5.10 -25.27 -43.53
CA GLY F 216 -5.80 -26.08 -42.55
C GLY F 216 -7.28 -26.24 -42.83
N GLY F 217 -7.85 -25.33 -43.61
CA GLY F 217 -9.26 -25.43 -43.93
C GLY F 217 -10.12 -24.25 -43.52
N ARG F 218 -9.80 -23.61 -42.40
CA ARG F 218 -10.59 -22.48 -41.94
C ARG F 218 -10.05 -21.10 -42.34
N GLU F 219 -10.93 -20.12 -42.27
CA GLU F 219 -10.61 -18.74 -42.60
C GLU F 219 -11.16 -17.88 -41.47
N PHE F 220 -10.30 -17.11 -40.82
CA PHE F 220 -10.72 -16.25 -39.72
C PHE F 220 -10.61 -14.76 -40.01
N TRP F 221 -9.83 -14.39 -41.01
CA TRP F 221 -9.67 -12.99 -41.36
C TRP F 221 -11.02 -12.48 -41.87
N PRO F 222 -11.49 -11.34 -41.33
CA PRO F 222 -12.78 -10.78 -41.76
C PRO F 222 -12.89 -10.60 -43.27
N GLN F 223 -13.88 -11.27 -43.86
CA GLN F 223 -14.11 -11.20 -45.30
C GLN F 223 -14.20 -9.78 -45.82
N GLU F 224 -15.02 -8.95 -45.18
CA GLU F 224 -15.18 -7.56 -45.61
C GLU F 224 -13.84 -6.84 -45.77
N VAL F 225 -12.83 -7.29 -45.03
CA VAL F 225 -11.52 -6.66 -45.10
C VAL F 225 -10.64 -7.18 -46.23
N TRP F 226 -10.39 -8.49 -46.25
CA TRP F 226 -9.54 -9.08 -47.29
C TRP F 226 -10.16 -9.06 -48.68
N SER F 227 -11.48 -9.17 -48.76
CA SER F 227 -12.17 -9.17 -50.04
C SER F 227 -12.06 -7.81 -50.72
N ARG F 228 -11.27 -6.93 -50.12
CA ARG F 228 -11.08 -5.59 -50.66
C ARG F 228 -9.66 -5.47 -51.20
N TYR F 229 -8.95 -6.60 -51.17
CA TYR F 229 -7.58 -6.67 -51.66
C TYR F 229 -7.47 -7.78 -52.71
N VAL F 230 -8.12 -8.90 -52.43
CA VAL F 230 -8.13 -10.05 -53.33
C VAL F 230 -9.51 -10.70 -53.30
N LYS F 231 -9.84 -11.49 -54.32
CA LYS F 231 -11.15 -12.14 -54.36
C LYS F 231 -11.22 -13.39 -53.47
N LYS F 232 -10.08 -14.05 -53.28
CA LYS F 232 -10.04 -15.23 -52.44
C LYS F 232 -9.02 -15.03 -51.31
N LEU F 233 -9.46 -15.26 -50.08
CA LEU F 233 -8.58 -15.09 -48.92
C LEU F 233 -7.36 -15.98 -49.05
N GLY F 234 -7.50 -17.06 -49.82
CA GLY F 234 -6.39 -17.97 -50.02
C GLY F 234 -5.38 -17.41 -50.98
N ASP F 235 -5.76 -16.35 -51.69
CA ASP F 235 -4.87 -15.72 -52.66
C ASP F 235 -3.63 -15.10 -52.02
N PHE F 236 -3.76 -14.64 -50.78
CA PHE F 236 -2.63 -14.04 -50.08
C PHE F 236 -1.45 -15.00 -50.01
N ALA F 237 -1.73 -16.29 -50.18
CA ALA F 237 -0.70 -17.32 -50.13
C ALA F 237 0.09 -17.38 -51.44
N LEU F 238 -0.36 -16.62 -52.44
CA LEU F 238 0.31 -16.60 -53.73
C LEU F 238 1.20 -15.37 -53.94
N PRO F 239 2.49 -15.60 -54.24
CA PRO F 239 3.50 -14.57 -54.48
C PRO F 239 3.06 -13.37 -55.32
N GLU F 240 2.18 -13.60 -56.29
CA GLU F 240 1.71 -12.51 -57.13
C GLU F 240 0.71 -11.60 -56.42
N ASN F 241 0.72 -11.64 -55.09
CA ASN F 241 -0.18 -10.82 -54.28
C ASN F 241 0.50 -10.32 -53.03
N ILE F 242 1.71 -10.81 -52.78
CA ILE F 242 2.49 -10.43 -51.61
C ILE F 242 2.26 -9.01 -51.11
N ASP F 243 2.26 -8.04 -52.04
CA ASP F 243 2.05 -6.65 -51.66
C ASP F 243 0.65 -6.41 -51.10
N LEU F 244 -0.37 -6.88 -51.82
CA LEU F 244 -1.74 -6.72 -51.35
C LEU F 244 -1.87 -7.44 -50.01
N ALA F 245 -1.10 -8.51 -49.85
CA ALA F 245 -1.12 -9.28 -48.62
C ALA F 245 -0.70 -8.41 -47.44
N VAL F 246 0.56 -7.99 -47.45
CA VAL F 246 1.10 -7.16 -46.38
C VAL F 246 0.24 -5.93 -46.09
N GLN F 247 -0.51 -5.46 -47.08
CA GLN F 247 -1.36 -4.29 -46.89
C GLN F 247 -2.56 -4.65 -46.03
N CYS F 248 -3.15 -5.81 -46.29
CA CYS F 248 -4.31 -6.28 -45.54
C CYS F 248 -3.83 -6.62 -44.13
N LEU F 249 -2.62 -7.16 -44.05
CA LEU F 249 -2.01 -7.52 -42.78
C LEU F 249 -1.93 -6.30 -41.88
N ASN F 250 -1.25 -5.26 -42.36
CA ASN F 250 -1.10 -4.03 -41.60
C ASN F 250 -2.44 -3.46 -41.15
N GLU F 251 -3.45 -3.59 -41.99
CA GLU F 251 -4.78 -3.08 -41.67
C GLU F 251 -5.42 -3.83 -40.49
N LEU F 252 -5.18 -5.12 -40.41
CA LEU F 252 -5.74 -5.93 -39.33
C LEU F 252 -5.01 -5.63 -38.03
N ILE F 253 -3.69 -5.53 -38.11
CA ILE F 253 -2.87 -5.21 -36.94
C ILE F 253 -3.29 -3.86 -36.38
N THR F 254 -3.62 -2.94 -37.27
CA THR F 254 -4.05 -1.61 -36.87
C THR F 254 -5.36 -1.74 -36.10
N ASN F 255 -6.14 -2.75 -36.45
CA ASN F 255 -7.43 -3.02 -35.81
C ASN F 255 -7.19 -3.55 -34.39
N ALA F 256 -6.33 -4.55 -34.26
CA ALA F 256 -6.02 -5.14 -32.97
C ALA F 256 -5.39 -4.13 -32.00
N LEU F 257 -4.58 -3.22 -32.54
CA LEU F 257 -3.91 -2.22 -31.72
C LEU F 257 -4.88 -1.36 -30.91
N HIS F 258 -6.10 -1.21 -31.41
CA HIS F 258 -7.10 -0.40 -30.72
C HIS F 258 -7.51 -0.96 -29.35
N HIS F 259 -7.11 -2.19 -29.06
CA HIS F 259 -7.45 -2.81 -27.78
C HIS F 259 -6.44 -2.50 -26.68
N ILE F 260 -5.22 -2.15 -27.08
CA ILE F 260 -4.16 -1.87 -26.13
C ILE F 260 -4.54 -0.92 -25.00
N PRO F 261 -5.26 0.17 -25.30
CA PRO F 261 -5.61 1.08 -24.19
C PRO F 261 -6.41 0.35 -23.10
N ASP F 262 -7.30 -0.57 -23.50
CA ASP F 262 -8.08 -1.33 -22.53
C ASP F 262 -7.18 -2.30 -21.77
N VAL F 263 -6.22 -2.88 -22.48
CA VAL F 263 -5.28 -3.83 -21.88
C VAL F 263 -4.47 -3.15 -20.77
N ILE F 264 -3.96 -1.95 -21.05
CA ILE F 264 -3.18 -1.22 -20.08
C ILE F 264 -4.04 -0.87 -18.87
N THR F 265 -5.24 -0.37 -19.12
CA THR F 265 -6.16 0.00 -18.06
C THR F 265 -6.48 -1.22 -17.20
N TYR F 266 -6.80 -2.32 -17.85
CA TYR F 266 -7.12 -3.55 -17.13
C TYR F 266 -5.94 -4.01 -16.27
N LEU F 267 -4.76 -4.09 -16.87
CA LEU F 267 -3.56 -4.51 -16.14
C LEU F 267 -3.23 -3.59 -14.97
N SER F 268 -3.45 -2.29 -15.16
CA SER F 268 -3.16 -1.28 -14.14
C SER F 268 -3.99 -1.42 -12.88
N ARG F 269 -5.09 -2.16 -12.97
CA ARG F 269 -5.97 -2.34 -11.82
C ARG F 269 -5.55 -3.50 -10.92
N LEU F 270 -4.85 -4.47 -11.50
CA LEU F 270 -4.44 -5.65 -10.73
C LEU F 270 -3.52 -5.35 -9.56
N ARG F 271 -3.69 -6.09 -8.47
CA ARG F 271 -2.89 -5.90 -7.26
C ARG F 271 -2.17 -7.18 -6.84
N ASN F 272 -2.59 -8.33 -7.36
CA ASN F 272 -1.94 -9.60 -7.00
C ASN F 272 -0.85 -9.96 -8.01
N GLN F 273 0.37 -10.14 -7.51
CA GLN F 273 1.51 -10.46 -8.34
C GLN F 273 1.32 -11.68 -9.24
N SER F 274 0.79 -12.78 -8.68
CA SER F 274 0.60 -13.99 -9.48
C SER F 274 -0.38 -13.73 -10.61
N VAL F 275 -1.46 -13.00 -10.31
CA VAL F 275 -2.47 -12.67 -11.32
C VAL F 275 -1.88 -11.72 -12.37
N PHE F 276 -1.11 -10.74 -11.91
CA PHE F 276 -0.50 -9.79 -12.83
C PHE F 276 0.39 -10.51 -13.84
N ASN F 277 1.28 -11.36 -13.34
CA ASN F 277 2.19 -12.12 -14.19
C ASN F 277 1.39 -12.93 -15.20
N PHE F 278 0.35 -13.60 -14.71
CA PHE F 278 -0.50 -14.40 -15.56
C PHE F 278 -1.14 -13.59 -16.69
N CYS F 279 -1.63 -12.40 -16.37
CA CYS F 279 -2.28 -11.55 -17.36
C CYS F 279 -1.31 -10.77 -18.22
N ALA F 280 -0.28 -10.18 -17.59
CA ALA F 280 0.69 -9.37 -18.30
C ALA F 280 1.60 -10.07 -19.30
N ILE F 281 2.21 -11.17 -18.92
CA ILE F 281 3.11 -11.87 -19.84
C ILE F 281 2.49 -12.18 -21.21
N PRO F 282 1.29 -12.81 -21.23
CA PRO F 282 0.65 -13.12 -22.52
C PRO F 282 0.33 -11.89 -23.36
N GLN F 283 -0.12 -10.82 -22.71
CA GLN F 283 -0.44 -9.60 -23.46
C GLN F 283 0.82 -9.03 -24.10
N VAL F 284 1.90 -9.00 -23.33
CA VAL F 284 3.17 -8.48 -23.82
C VAL F 284 3.71 -9.36 -24.96
N MET F 285 3.59 -10.67 -24.81
CA MET F 285 4.06 -11.59 -25.85
C MET F 285 3.26 -11.34 -27.13
N ALA F 286 1.97 -11.08 -26.98
CA ALA F 286 1.11 -10.79 -28.14
C ALA F 286 1.52 -9.49 -28.83
N ILE F 287 1.79 -8.46 -28.05
CA ILE F 287 2.20 -7.18 -28.59
C ILE F 287 3.50 -7.36 -29.36
N ALA F 288 4.43 -8.14 -28.80
CA ALA F 288 5.71 -8.39 -29.46
C ALA F 288 5.45 -9.08 -30.80
N THR F 289 4.45 -9.96 -30.80
CA THR F 289 4.08 -10.69 -32.00
C THR F 289 3.54 -9.77 -33.09
N LEU F 290 2.66 -8.85 -32.72
CA LEU F 290 2.09 -7.91 -33.69
C LEU F 290 3.17 -6.99 -34.25
N ALA F 291 4.17 -6.69 -33.43
CA ALA F 291 5.26 -5.81 -33.88
C ALA F 291 6.14 -6.53 -34.90
N ALA F 292 6.35 -7.82 -34.68
CA ALA F 292 7.17 -8.65 -35.57
C ALA F 292 6.47 -8.89 -36.90
N CYS F 293 5.15 -8.99 -36.87
CA CYS F 293 4.37 -9.25 -38.08
C CYS F 293 4.09 -8.01 -38.91
N TYR F 294 3.99 -6.86 -38.26
CA TYR F 294 3.69 -5.63 -38.98
C TYR F 294 4.56 -5.45 -40.22
N ASN F 295 3.89 -5.21 -41.34
CA ASN F 295 4.57 -4.99 -42.61
C ASN F 295 5.60 -6.10 -42.90
N ASN F 296 5.35 -7.29 -42.38
CA ASN F 296 6.26 -8.42 -42.56
C ASN F 296 5.70 -9.43 -43.56
N GLN F 297 6.51 -9.81 -44.53
CA GLN F 297 6.13 -10.78 -45.56
C GLN F 297 6.12 -12.21 -45.05
N GLN F 298 7.07 -12.53 -44.18
CA GLN F 298 7.17 -13.88 -43.61
C GLN F 298 5.82 -14.41 -43.15
N VAL F 299 4.92 -13.52 -42.78
CA VAL F 299 3.60 -13.90 -42.30
C VAL F 299 2.89 -14.80 -43.32
N PHE F 300 3.26 -14.65 -44.59
CA PHE F 300 2.65 -15.42 -45.67
C PHE F 300 3.61 -16.49 -46.21
N LYS F 301 4.36 -17.12 -45.31
CA LYS F 301 5.31 -18.16 -45.71
C LYS F 301 5.46 -19.21 -44.61
N GLY F 302 6.02 -18.80 -43.48
CA GLY F 302 6.20 -19.71 -42.37
C GLY F 302 5.74 -19.10 -41.06
N ALA F 303 6.60 -19.17 -40.05
CA ALA F 303 6.29 -18.61 -38.74
C ALA F 303 7.13 -17.36 -38.49
N VAL F 304 6.89 -16.71 -37.35
CA VAL F 304 7.62 -15.51 -36.99
C VAL F 304 7.19 -15.02 -35.62
N ALA F 311 17.11 -2.67 -25.77
CA ALA F 311 17.98 -2.16 -24.73
C ALA F 311 17.19 -1.96 -23.44
N VAL F 312 16.48 -0.83 -23.36
CA VAL F 312 15.67 -0.52 -22.19
C VAL F 312 14.75 -1.71 -21.91
N THR F 313 14.16 -2.26 -22.96
CA THR F 313 13.27 -3.40 -22.85
C THR F 313 13.99 -4.60 -22.26
N LEU F 314 15.23 -4.80 -22.71
CA LEU F 314 16.07 -5.91 -22.26
C LEU F 314 16.54 -5.74 -20.82
N MET F 315 16.20 -4.61 -20.22
CA MET F 315 16.60 -4.31 -18.84
C MET F 315 15.52 -4.61 -17.82
N MET F 316 14.28 -4.69 -18.28
CA MET F 316 13.15 -4.94 -17.39
C MET F 316 12.22 -6.02 -17.94
N ASP F 317 11.59 -6.78 -17.05
CA ASP F 317 10.66 -7.82 -17.46
C ASP F 317 9.23 -7.40 -17.14
N ALA F 318 8.26 -8.10 -17.71
CA ALA F 318 6.85 -7.76 -17.53
C ALA F 318 6.21 -8.15 -16.21
N THR F 319 6.86 -7.85 -15.09
CA THR F 319 6.29 -8.21 -13.80
C THR F 319 5.84 -7.04 -12.92
N ASN F 320 5.96 -5.82 -13.44
CA ASN F 320 5.48 -4.63 -12.74
C ASN F 320 4.91 -3.73 -13.82
N MET F 321 3.81 -3.05 -13.51
CA MET F 321 3.11 -2.20 -14.48
C MET F 321 3.96 -1.16 -15.24
N PRO F 322 4.80 -0.38 -14.53
CA PRO F 322 5.59 0.61 -15.27
C PRO F 322 6.51 -0.05 -16.32
N ALA F 323 7.06 -1.20 -15.98
CA ALA F 323 7.94 -1.92 -16.90
C ALA F 323 7.12 -2.43 -18.09
N VAL F 324 5.90 -2.88 -17.83
CA VAL F 324 5.03 -3.37 -18.90
C VAL F 324 4.71 -2.22 -19.83
N LYS F 325 4.46 -1.03 -19.27
CA LYS F 325 4.16 0.14 -20.10
C LYS F 325 5.35 0.45 -20.99
N ALA F 326 6.54 0.49 -20.39
CA ALA F 326 7.76 0.79 -21.14
C ALA F 326 7.96 -0.19 -22.30
N ILE F 327 7.82 -1.47 -22.02
CA ILE F 327 7.99 -2.50 -23.03
C ILE F 327 6.96 -2.31 -24.16
N ILE F 328 5.72 -2.01 -23.78
CA ILE F 328 4.67 -1.80 -24.77
C ILE F 328 5.01 -0.61 -25.64
N TYR F 329 5.39 0.50 -25.02
CA TYR F 329 5.74 1.70 -25.76
C TYR F 329 6.88 1.48 -26.74
N GLN F 330 7.87 0.68 -26.34
CA GLN F 330 8.99 0.41 -27.23
C GLN F 330 8.55 -0.38 -28.45
N TYR F 331 7.58 -1.28 -28.27
CA TYR F 331 7.08 -2.04 -29.40
C TYR F 331 6.25 -1.13 -30.31
N MET F 332 5.51 -0.21 -29.69
CA MET F 332 4.69 0.72 -30.46
C MET F 332 5.57 1.61 -31.34
N GLU F 333 6.80 1.81 -30.90
CA GLU F 333 7.76 2.62 -31.63
C GLU F 333 8.37 1.79 -32.75
N GLU F 334 8.53 0.50 -32.50
CA GLU F 334 9.08 -0.41 -33.50
C GLU F 334 8.17 -0.46 -34.71
N ILE F 335 6.87 -0.39 -34.45
CA ILE F 335 5.88 -0.41 -35.52
C ILE F 335 5.73 0.95 -36.18
N TYR F 336 5.72 1.99 -35.36
CA TYR F 336 5.55 3.34 -35.86
C TYR F 336 6.63 3.80 -36.83
N HIS F 337 7.90 3.56 -36.51
CA HIS F 337 8.96 4.00 -37.40
C HIS F 337 9.07 3.12 -38.65
N ARG F 338 8.18 2.15 -38.79
CA ARG F 338 8.19 1.27 -39.94
C ARG F 338 6.92 1.42 -40.76
N ILE F 339 6.08 2.38 -40.38
CA ILE F 339 4.83 2.61 -41.08
C ILE F 339 5.05 3.29 -42.43
N PRO F 340 4.82 2.56 -43.54
CA PRO F 340 5.00 3.17 -44.85
C PRO F 340 3.88 4.17 -45.10
N ASP F 341 4.23 5.41 -45.44
CA ASP F 341 3.21 6.43 -45.69
C ASP F 341 2.47 6.16 -47.00
N SER F 342 2.64 4.94 -47.51
CA SER F 342 1.98 4.51 -48.73
C SER F 342 0.80 3.62 -48.33
N ASN F 343 1.04 2.77 -47.33
CA ASN F 343 0.03 1.84 -46.84
C ASN F 343 -1.32 2.53 -46.62
N PRO F 344 -2.42 1.86 -46.98
CA PRO F 344 -3.80 2.36 -46.85
C PRO F 344 -4.20 2.62 -45.40
N SER F 345 -3.41 2.11 -44.46
CA SER F 345 -3.74 2.29 -43.04
C SER F 345 -2.80 3.23 -42.31
N SER F 346 -1.66 3.53 -42.93
CA SER F 346 -0.65 4.40 -42.34
C SER F 346 -1.23 5.46 -41.42
N SER F 347 -2.22 6.21 -41.91
CA SER F 347 -2.86 7.25 -41.12
C SER F 347 -3.51 6.68 -39.86
N LYS F 348 -4.26 5.60 -40.03
CA LYS F 348 -4.95 4.95 -38.92
C LYS F 348 -3.96 4.38 -37.91
N THR F 349 -2.94 3.69 -38.41
CA THR F 349 -1.92 3.10 -37.54
C THR F 349 -1.26 4.15 -36.65
N ARG F 350 -0.89 5.28 -37.25
CA ARG F 350 -0.26 6.36 -36.50
C ARG F 350 -1.22 6.99 -35.51
N GLN F 351 -2.50 7.05 -35.88
CA GLN F 351 -3.50 7.64 -35.02
C GLN F 351 -3.75 6.84 -33.73
N ILE F 352 -3.82 5.52 -33.85
CA ILE F 352 -4.05 4.69 -32.67
C ILE F 352 -2.81 4.68 -31.77
N ILE F 353 -1.63 4.60 -32.38
CA ILE F 353 -0.40 4.59 -31.62
C ILE F 353 -0.26 5.92 -30.87
N SER F 354 -0.58 7.00 -31.56
CA SER F 354 -0.51 8.33 -30.96
C SER F 354 -1.42 8.35 -29.71
N THR F 355 -2.60 7.75 -29.85
CA THR F 355 -3.57 7.70 -28.76
C THR F 355 -3.02 6.90 -27.59
N ILE F 356 -2.32 5.80 -27.89
CA ILE F 356 -1.74 4.95 -26.86
C ILE F 356 -0.61 5.68 -26.13
N ARG F 357 0.21 6.41 -26.89
CA ARG F 357 1.32 7.17 -26.34
C ARG F 357 0.92 8.32 -25.44
N THR F 358 -0.16 9.00 -25.79
CA THR F 358 -0.63 10.14 -25.01
C THR F 358 -1.68 9.75 -23.98
N GLN F 359 -2.01 8.47 -23.92
CA GLN F 359 -2.98 7.96 -22.96
C GLN F 359 -2.42 8.06 -21.53
CAQ ER4 G . 7.12 17.09 29.48
CAO ER4 G . 7.24 15.70 28.81
CBB ER4 G . 8.75 15.32 28.77
CAP ER4 G . 9.26 15.28 30.23
CAR ER4 G . 9.12 16.70 30.84
NBC ER4 G . 8.47 17.63 29.86
CAT ER4 G . 9.34 17.77 28.64
CBD ER4 G . 9.54 16.39 27.97
OAB ER4 G . 10.94 16.07 27.95
CAD ER4 G . 9.09 16.44 26.58
CAC ER4 G . 8.72 16.42 25.43
CAY ER4 G . 8.31 16.30 24.06
CAJ ER4 G . 8.87 17.28 23.20
CAK ER4 G . 8.62 17.22 21.82
CAZ ER4 G . 7.83 16.16 21.33
OAW ER4 G . 7.64 16.15 19.99
CAN ER4 G . 6.86 15.10 19.43
CAL ER4 G . 6.86 15.44 17.94
CAM ER4 G . 6.71 14.16 17.12
OAV ER4 G . 8.04 13.67 16.87
CAA ER4 G . 7.98 12.64 15.89
NAU ER4 G . 7.31 15.22 22.19
CBA ER4 G . 7.51 15.24 23.53
CAS ER4 G . 6.91 14.22 24.33
CAX ER4 G . 7.53 12.95 24.33
CAH ER4 G . 8.90 12.77 24.71
CAF ER4 G . 9.50 11.49 24.70
CAE ER4 G . 8.75 10.34 24.32
CAG ER4 G . 7.40 10.51 23.94
CAI ER4 G . 6.79 11.80 23.95
CAQ ER4 H . -23.87 25.08 -2.48
CAO ER4 H . -22.49 24.63 -2.99
CBB ER4 H . -22.41 24.92 -4.54
CAP ER4 H . -22.60 26.43 -4.74
CAR ER4 H . -23.99 26.84 -4.19
NBC ER4 H . -24.70 25.65 -3.60
CAT ER4 H . -24.92 24.61 -4.67
CBD ER4 H . -23.56 24.15 -5.26
OAB ER4 H . -23.50 24.43 -6.67
CAD ER4 H . -23.40 22.70 -5.09
CAC ER4 H . -23.25 21.51 -4.95
CAY ER4 H . -23.04 20.09 -4.83
CAJ ER4 H . -24.05 19.30 -5.43
CAK ER4 H . -23.93 17.90 -5.40
CAZ ER4 H . -22.81 17.33 -4.79
OAW ER4 H . -22.76 15.98 -4.80
CAN ER4 H . -21.63 15.36 -4.18
CAL ER4 H . -21.89 13.88 -4.38
CAM ER4 H . -20.57 13.13 -4.38
OAV ER4 H . -20.21 12.95 -5.75
CAA ER4 H . -18.84 12.52 -5.82
NAU ER4 H . -21.84 18.11 -4.21
CBA ER4 H . -21.90 19.47 -4.21
CAS ER4 H . -20.84 20.19 -3.58
CAX ER4 H . -19.61 20.26 -4.29
CAH ER4 H . -19.54 20.80 -5.62
CAF ER4 H . -18.30 20.86 -6.31
CAE ER4 H . -17.11 20.40 -5.70
CAG ER4 H . -17.18 19.86 -4.38
CAI ER4 H . -18.41 19.80 -3.69
CAQ ER4 I . -29.36 -9.01 25.20
CAO ER4 I . -29.01 -9.35 23.72
CBB ER4 I . -29.26 -10.87 23.51
CAP ER4 I . -30.76 -11.16 23.80
CAR ER4 I . -31.04 -10.80 25.28
NBC ER4 I . -29.82 -10.23 25.94
CAT ER4 I . -28.72 -11.28 25.94
CBD ER4 I . -28.37 -11.69 24.48
OAB ER4 I . -28.62 -13.10 24.30
CAD ER4 I . -26.93 -11.46 24.23
CAC ER4 I . -25.76 -11.24 24.04
CAY ER4 I . -24.35 -11.04 23.81
CAJ ER4 I . -23.52 -11.59 24.81
CAK ER4 I . -22.11 -11.53 24.66
CAZ ER4 I . -21.59 -10.89 23.51
OAW ER4 I . -20.22 -10.88 23.43
CAN ER4 I . -19.61 -10.26 22.29
CAL ER4 I . -18.11 -10.42 22.56
CAM ER4 I . -17.32 -10.45 21.24
OAV ER4 I . -17.35 -11.79 20.77
CAA ER4 I . -16.44 -11.95 19.68
NAU ER4 I . -22.42 -10.36 22.56
CBA ER4 I . -23.78 -10.40 22.66
CAS ER4 I . -24.56 -9.82 21.62
CAX ER4 I . -24.64 -10.55 20.40
CAH ER4 I . -25.26 -11.84 20.33
CAF ER4 I . -25.33 -12.55 19.10
CAE ER4 I . -24.78 -11.98 17.91
CAG ER4 I . -24.17 -10.71 17.98
CAI ER4 I . -24.10 -9.99 19.20
CAQ ER4 J . 20.26 13.70 -25.20
CAO ER4 J . 18.91 13.83 -24.44
CBB ER4 J . 18.66 15.34 -24.13
CAP ER4 J . 18.61 16.11 -25.48
CAR ER4 J . 19.97 15.93 -26.19
NBC ER4 J . 20.89 15.05 -25.40
CAT ER4 J . 21.17 15.70 -24.06
CBD ER4 J . 19.84 15.90 -23.27
OAB ER4 J . 19.64 17.29 -23.00
CAD ER4 J . 19.93 15.20 -21.98
CAC ER4 J . 19.97 14.61 -20.92
CAY ER4 J . 19.97 13.95 -19.66
CAJ ER4 J . 21.04 14.31 -18.80
CAK ER4 J . 21.12 13.77 -17.51
CAZ ER4 J . 20.10 12.89 -17.09
OAW ER4 J . 20.23 12.43 -15.82
CAN ER4 J . 19.23 11.53 -15.34
CAL ER4 J . 19.71 11.24 -13.91
CAM ER4 J . 18.51 10.90 -13.03
OAV ER4 J . 17.87 12.13 -12.69
CAA ER4 J . 17.01 11.94 -11.58
NAU ER4 J . 19.06 12.55 -17.94
CBA ER4 J . 18.95 13.04 -19.21
CAS ER4 J . 17.85 12.64 -20.02
CAX ER4 J . 16.58 13.20 -19.70
CAH ER4 J . 16.34 14.60 -19.78
CAF ER4 J . 15.06 15.15 -19.48
CAE ER4 J . 14.00 14.29 -19.09
CAG ER4 J . 14.23 12.89 -19.03
CAI ER4 J . 15.51 12.35 -19.32
CAQ ER4 K . 32.00 -22.94 -1.98
CAO ER4 K . 31.45 -21.67 -1.28
CBB ER4 K . 31.77 -21.76 0.24
CAP ER4 K . 33.32 -21.86 0.39
CAR ER4 K . 33.80 -23.14 -0.32
NBC ER4 K . 32.66 -23.86 -0.97
CAT ER4 K . 31.65 -24.28 0.09
CBD ER4 K . 31.12 -23.05 0.85
OAB ER4 K . 31.45 -23.14 2.24
CAD ER4 K . 29.64 -23.01 0.73
CAC ER4 K . 28.43 -22.94 0.67
CAY ER4 K . 27.00 -22.80 0.64
CAJ ER4 K . 26.29 -23.99 0.91
CAK ER4 K . 24.88 -23.96 0.97
CAZ ER4 K . 24.23 -22.73 0.76
OAW ER4 K . 22.87 -22.77 0.83
CAN ER4 K . 22.15 -21.56 0.63
CAL ER4 K . 20.69 -21.99 0.78
CAM ER4 K . 19.84 -20.81 1.25
OAV ER4 K . 19.66 -20.96 2.66
CAA ER4 K . 19.29 -19.71 3.24
NAU ER4 K . 24.95 -21.59 0.49
CBA ER4 K . 26.30 -21.57 0.43
CAS ER4 K . 26.96 -20.34 0.15
CAX ER4 K . 26.97 -19.39 1.19
CAH ER4 K . 27.71 -19.61 2.39
CAF ER4 K . 27.72 -18.64 3.43
CAE ER4 K . 26.96 -17.44 3.30
CAG ER4 K . 26.21 -17.22 2.12
CAI ER4 K . 26.21 -18.19 1.07
CAQ ER4 L . -5.70 -22.52 -26.68
CAO ER4 L . -6.02 -22.49 -25.17
CBB ER4 L . -7.55 -22.76 -25.00
CAP ER4 L . -7.87 -24.14 -25.62
CAR ER4 L . -7.54 -24.09 -27.13
NBC ER4 L . -6.94 -22.75 -27.50
CAT ER4 L . -7.96 -21.66 -27.23
CBD ER4 L . -8.36 -21.64 -25.74
OAB ER4 L . -9.77 -21.89 -25.61
CAD ER4 L . -8.08 -20.31 -25.16
CAC ER4 L . -7.87 -19.22 -24.66
CAY ER4 L . -7.64 -17.97 -23.99
CAJ ER4 L . -8.36 -16.88 -24.51
CAK ER4 L . -8.24 -15.62 -23.90
CAZ ER4 L . -7.39 -15.48 -22.78
OAW ER4 L . -7.32 -14.22 -22.25
CAN ER4 L . -6.49 -13.99 -21.10
CAL ER4 L . -6.68 -12.49 -20.83
CAM ER4 L . -6.72 -12.23 -19.34
OAV ER4 L . -8.08 -12.33 -18.92
CAA ER4 L . -8.32 -11.51 -17.77
NAU ER4 L . -6.70 -16.56 -22.29
CBA ER4 L . -6.78 -17.81 -22.84
CAS ER4 L . -6.03 -18.88 -22.28
CAX ER4 L . -6.54 -19.42 -21.07
CAH ER4 L . -7.80 -20.10 -21.03
CAF ER4 L . -8.29 -20.65 -19.81
CAE ER4 L . -7.53 -20.53 -18.62
CAG ER4 L . -6.28 -19.85 -18.66
CAI ER4 L . -5.79 -19.31 -19.88
#